data_4A0M
#
_entry.id   4A0M
#
_cell.length_a   69.406
_cell.length_b   80.979
_cell.length_c   85.540
_cell.angle_alpha   79.06
_cell.angle_beta   84.94
_cell.angle_gamma   77.99
#
_symmetry.space_group_name_H-M   'P 1'
#
loop_
_entity.id
_entity.type
_entity.pdbx_description
1 polymer 'BETAINE ALDEHYDE DEHYDROGENASE, CHLOROPLASTIC'
2 non-polymer 'POTASSIUM ION'
3 non-polymer NICOTINAMIDE-ADENINE-DINUCLEOTIDE
4 non-polymer GLYCEROL
5 water water
#
_entity_poly.entity_id   1
_entity_poly.type   'polypeptide(L)'
_entity_poly.pdbx_seq_one_letter_code
;MAFPIPARQLFIDGEWREPIKKNRIPVINPSTEEIIGDIPAATAEDVEVAVVAARRAFRRNNWSATSGAHRATYLRAIAA
KITEKKDHFVKLETIDSGKPFDEAVLDIDDVASCFEYFAGQAEALDGKQKAPVTLPMERFKSHVLRQPLGVVGLISPWNY
PLLMATWKIAPALAAGCTAVLKPSELASVTCLEFGEVCNEVGLPPGVLNILTGLGPDAGAPLVSHPDVDKIAFTGSSATG
SKVMASAAQLVKPVTLELGGKSPIVVFEDVDIDKVVEWTIFGCFWTNGQICSATSRLLVHESIAAEFVDKLVKWTKNIKI
SDPFEEGCRLGPVISKGQYDKIMKFISTAKSEGATILYGGSRPEHLKKGYYIEPTIVTDISTSMQIWKEEVFGPVLCVKT
FSSEDEAIALANDTEYGLAAAVFSNDLERCERITKALEVGAVWVNCSQPCFVQAPWGGIKRSGFGRELGEWGIQNYLNIK
QVTQDISDEPWGWYKS
;
_entity_poly.pdbx_strand_id   A,B,C,D
#
# COMPACT_ATOMS: atom_id res chain seq x y z
N PHE A 3 23.95 13.48 31.39
CA PHE A 3 25.36 13.68 31.14
C PHE A 3 25.64 13.21 29.73
N PRO A 4 26.36 14.03 28.99
CA PRO A 4 26.15 14.30 27.57
C PRO A 4 25.69 13.10 26.76
N ILE A 5 25.07 13.36 25.63
CA ILE A 5 24.61 12.26 24.82
C ILE A 5 25.31 12.17 23.51
N PRO A 6 24.98 13.12 22.66
CA PRO A 6 25.28 13.07 21.24
C PRO A 6 26.73 13.06 21.06
N ALA A 7 27.22 13.94 20.21
CA ALA A 7 26.43 14.65 19.24
C ALA A 7 27.12 14.21 18.02
N ARG A 8 26.42 13.67 17.06
CA ARG A 8 27.21 13.10 15.97
C ARG A 8 26.67 13.41 14.56
N GLN A 9 27.40 12.99 13.52
CA GLN A 9 26.95 13.17 12.14
C GLN A 9 26.80 11.84 11.38
N LEU A 10 26.49 11.89 10.09
CA LEU A 10 26.44 10.67 9.26
C LEU A 10 27.82 10.05 9.07
N PHE A 11 27.95 8.76 9.32
CA PHE A 11 29.21 8.09 9.10
C PHE A 11 29.24 7.50 7.71
N ILE A 12 29.91 8.19 6.78
CA ILE A 12 30.02 7.74 5.40
C ILE A 12 31.46 7.78 4.90
N ASP A 13 31.92 6.66 4.36
CA ASP A 13 33.27 6.54 3.84
C ASP A 13 34.30 6.92 4.91
N GLY A 14 34.18 6.34 6.10
CA GLY A 14 35.19 6.50 7.13
C GLY A 14 35.22 7.85 7.81
N GLU A 15 34.48 8.82 7.28
CA GLU A 15 34.47 10.16 7.85
C GLU A 15 33.06 10.70 8.08
N TRP A 16 32.95 11.69 8.97
CA TRP A 16 31.64 12.23 9.37
C TRP A 16 31.13 13.28 8.41
N ARG A 17 29.94 13.03 7.87
CA ARG A 17 29.38 13.84 6.82
C ARG A 17 28.03 14.37 7.26
N GLU A 18 27.63 15.51 6.76
CA GLU A 18 26.37 16.03 7.19
C GLU A 18 25.31 15.78 6.11
N PRO A 19 24.12 15.39 6.53
CA PRO A 19 23.01 15.16 5.61
C PRO A 19 22.94 16.24 4.53
N ILE A 20 22.83 15.82 3.29
CA ILE A 20 22.78 16.74 2.16
C ILE A 20 21.63 17.73 2.26
N LYS A 21 20.64 17.43 3.08
CA LYS A 21 19.52 18.35 3.27
C LYS A 21 19.60 18.96 4.64
N LYS A 22 20.58 18.48 5.38
CA LYS A 22 20.91 19.04 6.68
C LYS A 22 19.83 18.93 7.75
N ASN A 23 18.86 18.03 7.54
CA ASN A 23 17.80 17.81 8.53
C ASN A 23 18.27 16.92 9.69
N ARG A 24 17.66 17.11 10.85
CA ARG A 24 17.99 16.39 12.07
C ARG A 24 16.74 16.04 12.88
N ILE A 25 16.81 15.01 13.72
N ILE A 25 16.84 15.03 13.73
CA ILE A 25 15.65 14.63 14.52
CA ILE A 25 15.70 14.52 14.50
C ILE A 25 16.02 14.38 15.97
C ILE A 25 16.05 14.36 15.98
N PRO A 26 15.06 14.60 16.86
CA PRO A 26 15.27 14.50 18.31
C PRO A 26 15.58 13.08 18.75
N VAL A 27 16.49 12.96 19.71
CA VAL A 27 16.55 11.78 20.54
C VAL A 27 15.92 12.18 21.88
N ILE A 28 15.21 11.25 22.51
CA ILE A 28 14.35 11.59 23.65
C ILE A 28 14.43 10.52 24.75
N ASN A 29 14.75 10.91 25.97
CA ASN A 29 14.78 9.91 27.04
C ASN A 29 13.37 9.40 27.33
N PRO A 30 13.16 8.08 27.19
CA PRO A 30 11.82 7.54 27.42
C PRO A 30 11.37 7.80 28.85
N SER A 31 12.34 8.02 29.73
CA SER A 31 12.07 8.18 31.16
C SER A 31 11.68 9.61 31.54
N THR A 32 12.09 10.57 30.71
CA THR A 32 11.90 11.99 31.03
C THR A 32 11.06 12.77 30.00
N GLU A 33 10.72 12.10 28.90
CA GLU A 33 9.99 12.73 27.79
C GLU A 33 10.75 13.93 27.23
N GLU A 34 11.98 14.11 27.70
CA GLU A 34 12.75 15.30 27.36
C GLU A 34 13.72 15.04 26.21
N ILE A 35 13.78 15.96 25.24
CA ILE A 35 14.72 15.81 24.14
C ILE A 35 16.12 16.04 24.69
N ILE A 36 16.95 15.00 24.65
CA ILE A 36 18.26 15.04 25.27
C ILE A 36 19.36 15.05 24.20
N GLY A 37 18.98 15.30 22.96
CA GLY A 37 19.93 15.20 21.88
C GLY A 37 19.39 15.25 20.47
N ASP A 38 20.27 14.96 19.52
CA ASP A 38 20.04 15.28 18.14
C ASP A 38 20.74 14.27 17.22
N ILE A 39 20.03 13.72 16.25
CA ILE A 39 20.66 12.81 15.27
C ILE A 39 20.42 13.25 13.82
N PRO A 40 21.39 12.97 12.92
CA PRO A 40 21.27 13.34 11.52
C PRO A 40 20.05 12.66 10.94
N ALA A 41 19.43 13.27 9.93
CA ALA A 41 18.26 12.66 9.31
C ALA A 41 18.56 12.38 7.84
N ALA A 42 19.22 11.25 7.59
CA ALA A 42 19.65 10.91 6.24
C ALA A 42 18.45 10.96 5.33
N THR A 43 18.69 11.32 4.08
CA THR A 43 17.66 11.32 3.05
C THR A 43 18.22 10.57 1.83
N ALA A 44 17.38 10.30 0.85
CA ALA A 44 17.78 9.49 -0.30
C ALA A 44 19.12 9.89 -0.89
N GLU A 45 19.41 11.19 -0.92
CA GLU A 45 20.64 11.71 -1.51
C GLU A 45 21.86 11.22 -0.74
N ASP A 46 21.71 11.04 0.57
CA ASP A 46 22.78 10.54 1.43
C ASP A 46 22.98 9.05 1.17
N VAL A 47 21.89 8.35 0.86
CA VAL A 47 21.99 6.93 0.56
C VAL A 47 22.83 6.75 -0.68
N GLU A 48 22.60 7.62 -1.66
CA GLU A 48 23.37 7.62 -2.89
C GLU A 48 24.88 7.68 -2.63
N VAL A 49 25.33 8.65 -1.84
CA VAL A 49 26.76 8.80 -1.63
C VAL A 49 27.26 7.62 -0.79
N ALA A 50 26.40 7.13 0.11
CA ALA A 50 26.77 6.01 0.96
C ALA A 50 26.98 4.71 0.18
N VAL A 51 26.11 4.40 -0.77
CA VAL A 51 26.22 3.14 -1.49
C VAL A 51 27.40 3.24 -2.42
N VAL A 52 27.62 4.45 -2.93
CA VAL A 52 28.76 4.74 -3.77
C VAL A 52 30.06 4.46 -3.03
N ALA A 53 30.20 5.02 -1.84
CA ALA A 53 31.34 4.72 -0.99
C ALA A 53 31.49 3.22 -0.79
N ALA A 54 30.37 2.55 -0.51
CA ALA A 54 30.35 1.13 -0.24
C ALA A 54 30.78 0.33 -1.47
N ARG A 55 30.29 0.74 -2.63
CA ARG A 55 30.60 0.03 -3.87
C ARG A 55 32.07 0.15 -4.19
N ARG A 56 32.63 1.34 -4.05
CA ARG A 56 34.00 1.56 -4.30
C ARG A 56 34.82 0.76 -3.32
N ALA A 57 34.42 0.77 -2.08
CA ALA A 57 35.19 0.05 -1.07
C ALA A 57 35.19 -1.43 -1.39
N PHE A 58 34.09 -1.90 -1.97
CA PHE A 58 33.98 -3.30 -2.32
C PHE A 58 34.92 -3.62 -3.49
N ARG A 59 35.08 -2.67 -4.41
CA ARG A 59 35.94 -2.88 -5.56
C ARG A 59 37.43 -2.98 -5.17
N ARG A 60 37.84 -2.21 -4.19
CA ARG A 60 39.22 -2.25 -3.79
C ARG A 60 39.67 -3.67 -3.45
N ASN A 61 40.94 -3.97 -3.75
CA ASN A 61 41.47 -5.29 -3.44
C ASN A 61 41.95 -5.28 -2.01
N ASN A 62 41.13 -4.66 -1.16
CA ASN A 62 41.54 -4.27 0.17
C ASN A 62 40.69 -4.87 1.28
N TRP A 63 39.49 -5.34 0.92
CA TRP A 63 38.55 -5.90 1.90
C TRP A 63 37.81 -7.14 1.40
N SER A 64 37.15 -6.99 0.25
CA SER A 64 36.28 -8.02 -0.27
C SER A 64 37.00 -9.26 -0.79
N ALA A 65 38.13 -9.08 -1.47
CA ALA A 65 38.87 -10.22 -2.01
C ALA A 65 39.91 -10.71 -0.99
N THR A 66 39.95 -9.99 0.14
CA THR A 66 40.72 -10.40 1.30
C THR A 66 40.28 -11.76 1.80
N SER A 67 41.11 -12.41 2.61
CA SER A 67 40.72 -13.65 3.26
C SER A 67 39.84 -13.40 4.49
N GLY A 68 39.17 -14.46 4.95
CA GLY A 68 38.33 -14.37 6.11
C GLY A 68 39.16 -14.14 7.35
N ALA A 69 40.28 -14.85 7.42
CA ALA A 69 41.14 -14.73 8.60
C ALA A 69 41.55 -13.27 8.73
N HIS A 70 41.75 -12.61 7.60
CA HIS A 70 42.15 -11.20 7.59
C HIS A 70 41.05 -10.29 8.14
N ARG A 71 39.80 -10.53 7.74
CA ARG A 71 38.71 -9.69 8.22
C ARG A 71 38.40 -10.02 9.67
N ALA A 72 38.71 -11.24 10.08
CA ALA A 72 38.46 -11.69 11.45
C ALA A 72 39.22 -10.85 12.47
N THR A 73 40.34 -10.25 12.07
CA THR A 73 41.08 -9.43 13.01
C THR A 73 40.39 -8.09 13.27
N TYR A 74 39.86 -7.49 12.22
CA TYR A 74 39.06 -6.29 12.39
C TYR A 74 37.84 -6.58 13.27
N LEU A 75 37.21 -7.73 13.03
CA LEU A 75 36.10 -8.20 13.86
C LEU A 75 36.56 -8.36 15.29
N ARG A 76 37.63 -9.13 15.48
CA ARG A 76 38.18 -9.38 16.82
C ARG A 76 38.52 -8.05 17.51
N ALA A 77 39.07 -7.12 16.72
CA ALA A 77 39.44 -5.82 17.24
C ALA A 77 38.19 -5.05 17.67
N ILE A 78 37.20 -5.01 16.79
CA ILE A 78 35.95 -4.32 17.10
C ILE A 78 35.38 -4.84 18.41
N ALA A 79 35.37 -6.16 18.58
CA ALA A 79 34.86 -6.77 19.79
C ALA A 79 35.65 -6.28 21.00
N ALA A 80 36.96 -6.18 20.83
CA ALA A 80 37.84 -5.73 21.86
C ALA A 80 37.49 -4.31 22.23
N LYS A 81 37.36 -3.46 21.25
CA LYS A 81 37.20 -2.06 21.56
C LYS A 81 35.88 -1.83 22.25
N ILE A 82 34.87 -2.59 21.86
CA ILE A 82 33.57 -2.46 22.47
C ILE A 82 33.64 -2.84 23.94
N THR A 83 34.35 -3.93 24.22
CA THR A 83 34.51 -4.38 25.60
C THR A 83 35.23 -3.32 26.40
N GLU A 84 36.16 -2.63 25.73
CA GLU A 84 36.92 -1.54 26.34
C GLU A 84 36.02 -0.37 26.68
N LYS A 85 35.40 0.20 25.67
CA LYS A 85 34.53 1.32 25.93
C LYS A 85 33.17 0.85 26.41
N LYS A 86 33.15 -0.27 27.12
CA LYS A 86 31.93 -0.89 27.62
C LYS A 86 31.03 0.10 28.34
N ASP A 87 31.47 0.55 29.50
CA ASP A 87 30.74 1.51 30.32
C ASP A 87 30.05 2.59 29.49
N HIS A 88 30.79 3.19 28.57
CA HIS A 88 30.29 4.29 27.75
C HIS A 88 29.11 3.87 26.90
N PHE A 89 29.20 2.69 26.29
CA PHE A 89 28.13 2.20 25.43
C PHE A 89 26.89 1.82 26.23
N VAL A 90 27.06 1.05 27.29
CA VAL A 90 25.91 0.56 28.04
C VAL A 90 25.10 1.70 28.63
N LYS A 91 25.76 2.80 28.93
CA LYS A 91 25.11 3.94 29.50
C LYS A 91 24.29 4.61 28.46
N LEU A 92 24.91 4.89 27.32
CA LEU A 92 24.24 5.52 26.19
C LEU A 92 23.03 4.70 25.74
N GLU A 93 23.19 3.39 25.78
CA GLU A 93 22.12 2.47 25.37
C GLU A 93 20.95 2.61 26.32
N THR A 94 21.24 2.69 27.61
CA THR A 94 20.20 2.74 28.64
C THR A 94 19.34 4.00 28.50
N ILE A 95 19.97 5.14 28.25
CA ILE A 95 19.21 6.37 28.11
C ILE A 95 18.53 6.42 26.75
N ASP A 96 19.15 5.77 25.76
CA ASP A 96 18.58 5.77 24.41
C ASP A 96 17.42 4.79 24.28
N SER A 97 17.46 3.68 25.00
CA SER A 97 16.40 2.69 24.79
C SER A 97 15.30 2.70 25.85
N GLY A 98 15.64 3.16 27.04
CA GLY A 98 14.71 3.12 28.16
C GLY A 98 14.73 1.75 28.80
N LYS A 99 15.76 0.97 28.48
CA LYS A 99 15.85 -0.38 29.00
C LYS A 99 16.65 -0.39 30.27
N PRO A 100 16.20 -1.17 31.23
CA PRO A 100 16.90 -1.29 32.51
C PRO A 100 18.42 -1.42 32.34
N PHE A 101 19.18 -0.61 33.06
CA PHE A 101 20.64 -0.58 32.97
C PHE A 101 21.25 -1.97 32.99
N ASP A 102 20.67 -2.85 33.78
CA ASP A 102 21.18 -4.21 33.91
C ASP A 102 21.00 -5.01 32.61
N GLU A 103 19.93 -4.70 31.88
CA GLU A 103 19.69 -5.34 30.60
C GLU A 103 20.70 -4.82 29.58
N ALA A 104 20.94 -3.52 29.61
CA ALA A 104 21.90 -2.93 28.68
C ALA A 104 23.30 -3.51 28.83
N VAL A 105 23.67 -3.88 30.05
CA VAL A 105 25.00 -4.43 30.28
C VAL A 105 25.12 -5.74 29.51
N LEU A 106 24.04 -6.51 29.49
CA LEU A 106 24.01 -7.77 28.74
C LEU A 106 24.13 -7.50 27.24
N ASP A 107 23.26 -6.64 26.73
CA ASP A 107 23.34 -6.23 25.33
C ASP A 107 24.79 -6.01 24.91
N ILE A 108 25.50 -5.19 25.66
CA ILE A 108 26.81 -4.73 25.29
C ILE A 108 27.87 -5.83 25.33
N ASP A 109 27.74 -6.72 26.28
CA ASP A 109 28.56 -7.93 26.33
C ASP A 109 28.25 -8.81 25.13
N ASP A 110 26.96 -8.85 24.78
CA ASP A 110 26.48 -9.63 23.65
C ASP A 110 26.99 -9.14 22.30
N VAL A 111 27.02 -7.84 22.07
CA VAL A 111 27.60 -7.37 20.81
C VAL A 111 29.07 -7.77 20.69
N ALA A 112 29.83 -7.59 21.77
CA ALA A 112 31.22 -8.00 21.79
C ALA A 112 31.32 -9.47 21.42
N SER A 113 30.55 -10.29 22.12
CA SER A 113 30.55 -11.72 21.90
C SER A 113 30.08 -12.12 20.50
N CYS A 114 29.18 -11.33 19.93
CA CYS A 114 28.69 -11.58 18.58
C CYS A 114 29.80 -11.41 17.53
N PHE A 115 30.52 -10.30 17.60
CA PHE A 115 31.65 -10.09 16.70
C PHE A 115 32.69 -11.20 16.82
N GLU A 116 32.96 -11.66 18.03
CA GLU A 116 33.95 -12.72 18.22
C GLU A 116 33.49 -14.00 17.57
N TYR A 117 32.18 -14.26 17.70
CA TYR A 117 31.64 -15.47 17.10
C TYR A 117 31.78 -15.42 15.59
N PHE A 118 31.53 -14.26 15.00
CA PHE A 118 31.63 -14.14 13.54
C PHE A 118 33.06 -14.00 13.04
N ALA A 119 33.95 -13.52 13.90
CA ALA A 119 35.38 -13.59 13.60
C ALA A 119 35.71 -15.06 13.32
N GLY A 120 35.27 -15.93 14.23
CA GLY A 120 35.42 -17.36 14.03
C GLY A 120 34.83 -17.82 12.70
N GLN A 121 33.63 -17.36 12.41
CA GLN A 121 32.91 -17.71 11.20
C GLN A 121 33.70 -17.35 9.97
N ALA A 122 34.16 -16.11 9.94
CA ALA A 122 35.00 -15.62 8.83
C ALA A 122 36.23 -16.51 8.67
N GLU A 123 36.83 -16.89 9.78
CA GLU A 123 37.98 -17.78 9.78
C GLU A 123 37.58 -19.10 9.14
N ALA A 124 36.47 -19.67 9.55
CA ALA A 124 36.04 -20.96 9.00
C ALA A 124 35.68 -20.84 7.52
N LEU A 125 35.29 -19.65 7.10
CA LEU A 125 34.97 -19.41 5.70
C LEU A 125 36.13 -19.89 4.80
N ASP A 126 37.36 -19.54 5.18
CA ASP A 126 38.55 -20.02 4.47
C ASP A 126 38.57 -21.54 4.62
N GLY A 127 38.95 -22.24 3.58
CA GLY A 127 39.04 -23.70 3.71
C GLY A 127 37.68 -24.37 3.61
N LYS A 128 36.63 -23.57 3.60
CA LYS A 128 35.38 -23.97 3.04
C LYS A 128 35.50 -23.59 1.58
N GLN A 129 36.46 -22.74 1.26
CA GLN A 129 36.71 -22.33 -0.12
C GLN A 129 37.26 -23.48 -0.96
N LYS A 130 36.74 -23.64 -2.14
CA LYS A 130 37.16 -24.68 -3.02
C LYS A 130 36.78 -26.04 -2.52
N ALA A 131 35.84 -26.08 -1.62
CA ALA A 131 35.32 -27.38 -1.17
C ALA A 131 34.90 -28.17 -2.40
N PRO A 132 35.32 -29.44 -2.46
CA PRO A 132 35.04 -30.28 -3.63
C PRO A 132 33.63 -30.83 -3.61
N VAL A 133 32.99 -30.90 -4.77
CA VAL A 133 31.76 -31.68 -4.94
C VAL A 133 32.05 -32.78 -5.96
N THR A 134 31.64 -34.00 -5.63
CA THR A 134 31.98 -35.15 -6.44
C THR A 134 30.98 -35.32 -7.56
N LEU A 135 31.48 -35.36 -8.80
CA LEU A 135 30.62 -35.62 -9.95
C LEU A 135 30.76 -37.08 -10.36
N PRO A 136 29.74 -37.62 -11.06
CA PRO A 136 29.82 -38.96 -11.64
C PRO A 136 30.98 -39.06 -12.66
N MET A 137 30.83 -38.38 -13.78
CA MET A 137 31.84 -38.39 -14.83
C MET A 137 33.23 -38.01 -14.32
N GLU A 138 34.23 -38.73 -14.78
CA GLU A 138 35.60 -38.42 -14.46
C GLU A 138 36.04 -37.20 -15.25
N ARG A 139 35.36 -36.96 -16.34
CA ARG A 139 35.66 -35.86 -17.24
C ARG A 139 35.67 -34.50 -16.54
N PHE A 140 34.83 -34.32 -15.54
CA PHE A 140 34.73 -33.04 -14.84
C PHE A 140 35.01 -33.11 -13.35
N LYS A 141 35.54 -32.00 -12.87
CA LYS A 141 35.77 -31.75 -11.47
C LYS A 141 34.87 -30.61 -11.06
N SER A 142 34.69 -30.44 -9.78
CA SER A 142 33.86 -29.34 -9.30
C SER A 142 34.12 -28.96 -7.84
N HIS A 143 34.15 -27.66 -7.58
CA HIS A 143 34.20 -27.19 -6.20
C HIS A 143 33.28 -25.98 -5.95
N VAL A 144 33.22 -25.54 -4.71
CA VAL A 144 32.38 -24.41 -4.39
C VAL A 144 33.22 -23.25 -3.85
N LEU A 145 33.05 -22.07 -4.44
CA LEU A 145 33.59 -20.82 -3.86
C LEU A 145 32.48 -20.08 -3.11
N ARG A 146 32.86 -19.40 -2.04
CA ARG A 146 31.91 -18.63 -1.24
C ARG A 146 32.38 -17.21 -1.13
N GLN A 147 31.83 -16.36 -1.98
CA GLN A 147 32.27 -14.99 -2.08
C GLN A 147 31.19 -14.03 -1.56
N PRO A 148 31.60 -12.81 -1.18
CA PRO A 148 30.66 -11.78 -0.74
C PRO A 148 29.71 -11.44 -1.88
N LEU A 149 28.44 -11.15 -1.57
CA LEU A 149 27.48 -10.79 -2.61
C LEU A 149 27.73 -9.39 -3.16
N GLY A 150 28.37 -8.55 -2.35
CA GLY A 150 28.66 -7.19 -2.77
C GLY A 150 28.23 -6.19 -1.72
N VAL A 151 27.46 -5.20 -2.13
CA VAL A 151 27.01 -4.17 -1.20
C VAL A 151 25.64 -4.50 -0.61
N VAL A 152 25.56 -4.51 0.72
CA VAL A 152 24.34 -4.91 1.40
C VAL A 152 23.74 -3.81 2.28
N GLY A 153 22.42 -3.71 2.26
CA GLY A 153 21.74 -2.76 3.14
C GLY A 153 21.20 -3.47 4.36
N LEU A 154 21.52 -2.97 5.55
CA LEU A 154 21.14 -3.59 6.79
C LEU A 154 20.19 -2.63 7.49
N ILE A 155 19.03 -3.13 7.89
CA ILE A 155 18.04 -2.28 8.56
C ILE A 155 17.56 -2.92 9.85
N SER A 156 17.83 -2.26 10.98
CA SER A 156 17.58 -2.84 12.29
C SER A 156 16.65 -2.01 13.18
N PRO A 157 16.10 -2.64 14.22
CA PRO A 157 15.11 -2.05 15.12
C PRO A 157 15.75 -1.50 16.40
N TRP A 158 14.95 -0.78 17.19
CA TRP A 158 15.40 -0.05 18.39
C TRP A 158 15.42 -0.83 19.70
N ASN A 159 14.79 -2.00 19.74
CA ASN A 159 14.68 -2.75 20.99
C ASN A 159 16.00 -3.34 21.56
N TYR A 160 17.03 -3.44 20.73
CA TYR A 160 18.41 -3.70 21.20
C TYR A 160 19.33 -3.02 20.20
N PRO A 161 19.47 -1.69 20.33
CA PRO A 161 20.03 -0.86 19.26
C PRO A 161 21.32 -1.42 18.64
N LEU A 162 22.34 -1.66 19.43
CA LEU A 162 23.60 -2.10 18.86
C LEU A 162 23.60 -3.60 18.58
N LEU A 163 23.10 -4.39 19.52
CA LEU A 163 23.03 -5.84 19.32
C LEU A 163 22.32 -6.22 18.04
N MET A 164 21.10 -5.71 17.83
CA MET A 164 20.37 -6.00 16.60
C MET A 164 21.15 -5.55 15.36
N ALA A 165 21.82 -4.41 15.44
CA ALA A 165 22.64 -3.95 14.33
C ALA A 165 23.89 -4.84 14.09
N THR A 166 24.54 -5.31 15.15
CA THR A 166 25.70 -6.18 14.95
C THR A 166 25.29 -7.58 14.46
N TRP A 167 24.04 -7.96 14.72
CA TRP A 167 23.51 -9.22 14.20
C TRP A 167 23.62 -9.21 12.70
N LYS A 168 23.68 -8.02 12.14
CA LYS A 168 23.76 -7.87 10.71
C LYS A 168 25.19 -7.50 10.30
N ILE A 169 25.78 -6.51 10.99
CA ILE A 169 27.13 -6.02 10.67
C ILE A 169 28.19 -7.13 10.70
N ALA A 170 28.22 -7.89 11.80
CA ALA A 170 29.20 -8.96 11.96
C ALA A 170 29.22 -10.03 10.83
N PRO A 171 28.05 -10.62 10.52
CA PRO A 171 28.04 -11.59 9.42
C PRO A 171 28.33 -10.94 8.08
N ALA A 172 27.86 -9.72 7.88
CA ALA A 172 28.11 -9.05 6.61
C ALA A 172 29.61 -8.88 6.40
N LEU A 173 30.29 -8.33 7.41
CA LEU A 173 31.71 -8.05 7.27
C LEU A 173 32.50 -9.35 7.21
N ALA A 174 32.08 -10.34 8.00
CA ALA A 174 32.75 -11.63 7.99
C ALA A 174 32.79 -12.23 6.60
N ALA A 175 31.75 -11.96 5.81
CA ALA A 175 31.58 -12.56 4.49
C ALA A 175 32.35 -11.81 3.40
N GLY A 176 32.74 -10.56 3.70
CA GLY A 176 33.51 -9.77 2.75
C GLY A 176 32.66 -8.74 2.02
N CYS A 177 31.43 -8.57 2.47
CA CYS A 177 30.55 -7.56 1.90
C CYS A 177 30.92 -6.20 2.49
N THR A 178 30.47 -5.13 1.83
CA THR A 178 30.47 -3.82 2.44
C THR A 178 29.01 -3.45 2.66
N ALA A 179 28.75 -2.50 3.56
CA ALA A 179 27.38 -2.31 4.02
C ALA A 179 26.95 -0.89 4.29
N VAL A 180 25.65 -0.69 4.24
CA VAL A 180 25.03 0.54 4.73
C VAL A 180 24.02 0.19 5.83
N LEU A 181 24.29 0.67 7.03
CA LEU A 181 23.47 0.43 8.18
C LEU A 181 22.49 1.58 8.32
N LYS A 182 21.22 1.25 8.49
CA LYS A 182 20.19 2.23 8.83
C LYS A 182 19.44 1.75 10.07
N PRO A 183 19.85 2.24 11.25
CA PRO A 183 19.27 1.83 12.53
C PRO A 183 17.96 2.58 12.76
N SER A 184 17.22 2.19 13.78
CA SER A 184 15.93 2.82 14.03
C SER A 184 16.09 4.28 14.44
N GLU A 185 15.14 5.10 14.02
CA GLU A 185 15.14 6.53 14.31
C GLU A 185 14.86 6.75 15.80
N LEU A 186 14.32 5.72 16.44
CA LEU A 186 14.05 5.75 17.86
C LEU A 186 15.23 5.30 18.72
N ALA A 187 16.40 5.09 18.15
CA ALA A 187 17.52 4.59 18.95
C ALA A 187 18.82 4.42 18.16
N SER A 188 19.40 5.55 17.77
CA SER A 188 20.52 5.56 16.85
C SER A 188 21.87 5.89 17.49
N VAL A 189 21.87 6.41 18.71
CA VAL A 189 23.12 6.93 19.27
C VAL A 189 24.26 5.90 19.37
N THR A 190 24.05 4.77 20.02
CA THR A 190 25.12 3.76 20.08
C THR A 190 25.61 3.37 18.70
N CYS A 191 24.68 3.23 17.75
CA CYS A 191 25.01 2.83 16.40
C CYS A 191 25.86 3.91 15.71
N LEU A 192 25.49 5.18 15.89
CA LEU A 192 26.32 6.27 15.37
C LEU A 192 27.67 6.22 16.05
N GLU A 193 27.67 5.94 17.35
CA GLU A 193 28.92 5.88 18.10
C GLU A 193 29.78 4.72 17.63
N PHE A 194 29.17 3.76 16.95
CA PHE A 194 29.89 2.61 16.42
C PHE A 194 30.80 3.07 15.29
N GLY A 195 30.42 4.15 14.62
CA GLY A 195 31.22 4.72 13.55
C GLY A 195 32.67 4.98 13.95
N GLU A 196 32.89 5.62 15.08
CA GLU A 196 34.23 5.81 15.56
C GLU A 196 34.93 4.50 15.71
N VAL A 197 34.34 3.61 16.47
CA VAL A 197 34.96 2.32 16.71
C VAL A 197 35.63 1.79 15.46
N CYS A 198 34.99 1.98 14.32
CA CYS A 198 35.50 1.46 13.05
C CYS A 198 36.78 2.15 12.68
N ASN A 199 36.75 3.48 12.75
CA ASN A 199 37.95 4.27 12.52
C ASN A 199 39.04 3.83 13.47
N GLU A 200 38.68 3.59 14.73
CA GLU A 200 39.67 3.24 15.74
C GLU A 200 40.32 1.87 15.50
N VAL A 201 39.60 0.95 14.84
CA VAL A 201 40.17 -0.37 14.56
C VAL A 201 40.74 -0.43 13.14
N GLY A 202 40.57 0.66 12.40
CA GLY A 202 41.14 0.75 11.07
C GLY A 202 40.33 0.15 9.95
N LEU A 203 39.02 0.02 10.14
CA LEU A 203 38.19 -0.47 9.05
C LEU A 203 38.40 0.41 7.83
N PRO A 204 38.67 -0.20 6.66
CA PRO A 204 38.79 0.67 5.49
C PRO A 204 37.55 1.55 5.36
N PRO A 205 37.69 2.70 4.69
CA PRO A 205 36.56 3.63 4.53
C PRO A 205 35.56 3.07 3.55
N GLY A 206 34.28 3.17 3.89
CA GLY A 206 33.23 2.75 2.97
C GLY A 206 32.82 1.30 3.18
N VAL A 207 33.51 0.62 4.07
CA VAL A 207 33.23 -0.78 4.35
C VAL A 207 32.04 -0.93 5.24
N LEU A 208 31.87 -0.03 6.18
CA LEU A 208 30.61 0.11 6.90
C LEU A 208 30.19 1.58 6.89
N ASN A 209 29.01 1.86 6.37
CA ASN A 209 28.47 3.21 6.43
C ASN A 209 27.21 3.25 7.27
N ILE A 210 26.98 4.35 7.95
CA ILE A 210 25.88 4.41 8.90
C ILE A 210 24.99 5.62 8.65
N LEU A 211 23.81 5.37 8.10
CA LEU A 211 22.84 6.43 7.88
C LEU A 211 21.72 6.35 8.89
N THR A 212 21.61 7.36 9.75
CA THR A 212 20.46 7.45 10.63
C THR A 212 19.38 8.30 9.95
N GLY A 213 18.12 8.09 10.34
CA GLY A 213 17.02 8.80 9.73
C GLY A 213 15.76 8.01 9.87
N LEU A 214 14.68 8.50 9.26
CA LEU A 214 13.38 7.85 9.36
C LEU A 214 13.28 6.71 8.35
N GLY A 215 12.42 5.75 8.66
CA GLY A 215 12.22 4.59 7.81
C GLY A 215 11.98 4.95 6.36
N PRO A 216 10.91 5.72 6.09
CA PRO A 216 10.54 6.14 4.74
C PRO A 216 11.61 6.97 4.03
N ASP A 217 12.34 7.79 4.77
CA ASP A 217 13.26 8.75 4.15
C ASP A 217 14.66 8.18 3.91
N ALA A 218 15.12 7.33 4.82
CA ALA A 218 16.45 6.74 4.78
C ALA A 218 16.47 5.25 4.39
N GLY A 219 15.59 4.46 5.00
CA GLY A 219 15.52 3.03 4.72
C GLY A 219 14.94 2.68 3.36
N ALA A 220 13.78 3.22 3.05
CA ALA A 220 13.13 2.92 1.78
C ALA A 220 14.08 3.09 0.60
N PRO A 221 14.83 4.21 0.57
CA PRO A 221 15.74 4.43 -0.56
C PRO A 221 16.90 3.42 -0.52
N LEU A 222 17.27 3.00 0.69
CA LEU A 222 18.34 2.03 0.83
C LEU A 222 17.90 0.75 0.13
N VAL A 223 16.65 0.32 0.37
CA VAL A 223 16.25 -0.98 -0.15
C VAL A 223 15.99 -0.95 -1.65
N SER A 224 15.51 0.17 -2.16
CA SER A 224 15.18 0.27 -3.59
C SER A 224 16.38 0.66 -4.47
N HIS A 225 17.49 1.01 -3.84
CA HIS A 225 18.67 1.41 -4.61
C HIS A 225 19.18 0.29 -5.53
N PRO A 226 19.47 0.64 -6.79
CA PRO A 226 19.84 -0.28 -7.87
C PRO A 226 21.22 -0.87 -7.71
N ASP A 227 22.03 -0.33 -6.80
CA ASP A 227 23.37 -0.85 -6.58
C ASP A 227 23.54 -1.51 -5.22
N VAL A 228 22.42 -1.78 -4.53
CA VAL A 228 22.47 -2.59 -3.32
C VAL A 228 22.04 -3.99 -3.72
N ASP A 229 22.86 -4.98 -3.38
CA ASP A 229 22.68 -6.32 -3.92
C ASP A 229 21.77 -7.21 -3.09
N LYS A 230 21.53 -6.82 -1.85
CA LYS A 230 20.86 -7.67 -0.87
C LYS A 230 20.40 -6.82 0.35
N ILE A 231 19.23 -7.13 0.89
CA ILE A 231 18.71 -6.40 2.03
C ILE A 231 18.54 -7.33 3.23
N ALA A 232 19.05 -6.93 4.39
CA ALA A 232 18.79 -7.71 5.59
C ALA A 232 17.90 -6.87 6.50
N PHE A 233 16.66 -7.28 6.64
CA PHE A 233 15.69 -6.46 7.37
C PHE A 233 15.16 -7.16 8.61
N THR A 234 15.12 -6.40 9.71
CA THR A 234 14.46 -6.85 10.92
C THR A 234 13.53 -5.74 11.38
N GLY A 235 12.30 -6.11 11.76
CA GLY A 235 11.26 -5.13 12.02
C GLY A 235 9.88 -5.74 11.98
N SER A 236 8.86 -4.91 11.78
CA SER A 236 7.49 -5.40 11.82
C SER A 236 7.11 -6.12 10.54
N SER A 237 6.16 -7.04 10.66
CA SER A 237 5.75 -7.83 9.52
C SER A 237 5.16 -6.93 8.46
N ALA A 238 4.46 -5.87 8.87
CA ALA A 238 3.84 -4.95 7.92
C ALA A 238 4.93 -4.21 7.14
N THR A 239 5.97 -3.80 7.83
CA THR A 239 7.07 -3.15 7.14
C THR A 239 7.83 -4.18 6.28
N GLY A 240 7.96 -5.39 6.78
CA GLY A 240 8.69 -6.43 6.06
C GLY A 240 8.10 -6.62 4.69
N SER A 241 6.78 -6.68 4.65
CA SER A 241 6.04 -6.81 3.40
C SER A 241 6.39 -5.68 2.43
N LYS A 242 6.44 -4.46 2.90
CA LYS A 242 6.83 -3.33 2.09
C LYS A 242 8.26 -3.41 1.58
N VAL A 243 9.18 -3.83 2.42
CA VAL A 243 10.56 -3.86 1.97
C VAL A 243 10.77 -5.01 0.99
N MET A 244 10.00 -6.07 1.14
CA MET A 244 10.17 -7.19 0.23
C MET A 244 9.59 -6.85 -1.13
N ALA A 245 8.50 -6.08 -1.15
CA ALA A 245 7.86 -5.68 -2.40
C ALA A 245 8.76 -4.74 -3.16
N SER A 246 9.38 -3.81 -2.44
CA SER A 246 10.35 -2.92 -3.06
C SER A 246 11.56 -3.70 -3.62
N ALA A 247 12.08 -4.64 -2.85
CA ALA A 247 13.21 -5.45 -3.29
C ALA A 247 12.87 -6.30 -4.51
N ALA A 248 11.58 -6.63 -4.64
CA ALA A 248 11.11 -7.42 -5.75
C ALA A 248 11.31 -6.73 -7.07
N GLN A 249 11.28 -5.40 -7.08
CA GLN A 249 11.43 -4.66 -8.34
C GLN A 249 12.73 -5.06 -9.04
N LEU A 250 13.75 -5.31 -8.23
CA LEU A 250 15.06 -5.61 -8.76
C LEU A 250 15.46 -7.02 -8.40
N VAL A 251 14.45 -7.85 -8.12
CA VAL A 251 14.68 -9.25 -7.77
C VAL A 251 15.89 -9.39 -6.82
N LYS A 252 15.91 -8.51 -5.84
CA LYS A 252 16.93 -8.43 -4.82
C LYS A 252 16.63 -9.40 -3.68
N PRO A 253 17.64 -10.21 -3.27
CA PRO A 253 17.49 -11.16 -2.16
C PRO A 253 17.17 -10.40 -0.88
N VAL A 254 16.58 -11.11 0.06
CA VAL A 254 16.04 -10.46 1.25
C VAL A 254 16.00 -11.52 2.36
N THR A 255 16.30 -11.12 3.58
CA THR A 255 15.99 -11.93 4.76
C THR A 255 15.08 -11.08 5.65
N LEU A 256 13.99 -11.67 6.15
CA LEU A 256 13.04 -10.91 6.94
C LEU A 256 12.86 -11.52 8.31
N GLU A 257 13.21 -10.76 9.35
N GLU A 257 13.25 -10.78 9.36
CA GLU A 257 12.92 -11.16 10.73
CA GLU A 257 12.92 -11.17 10.73
C GLU A 257 11.84 -10.22 11.27
C GLU A 257 11.84 -10.22 11.25
N LEU A 258 10.62 -10.75 11.41
CA LEU A 258 9.45 -9.90 11.66
C LEU A 258 8.65 -10.08 12.97
N GLY A 259 9.26 -10.64 14.00
CA GLY A 259 8.51 -10.73 15.24
C GLY A 259 7.22 -11.56 15.17
N GLY A 260 6.40 -11.47 16.21
CA GLY A 260 5.26 -12.36 16.28
C GLY A 260 4.35 -12.28 17.49
N LYS A 261 3.76 -13.43 17.82
CA LYS A 261 2.84 -13.56 18.93
C LYS A 261 3.10 -14.96 19.47
N SER A 262 4.27 -15.14 20.08
CA SER A 262 4.71 -16.47 20.48
C SER A 262 4.03 -17.03 21.75
N PRO A 263 3.65 -18.31 21.72
CA PRO A 263 2.97 -18.92 22.85
C PRO A 263 3.99 -19.43 23.86
N ILE A 264 3.58 -19.45 25.13
CA ILE A 264 4.26 -20.22 26.16
C ILE A 264 3.22 -21.18 26.76
N VAL A 265 3.39 -22.49 26.53
CA VAL A 265 2.45 -23.45 27.07
C VAL A 265 3.03 -24.16 28.29
N VAL A 266 2.28 -24.11 29.39
CA VAL A 266 2.73 -24.69 30.66
C VAL A 266 1.81 -25.84 31.06
N PHE A 267 2.39 -27.04 31.22
CA PHE A 267 1.63 -28.20 31.66
C PHE A 267 1.63 -28.34 33.18
N GLU A 268 0.81 -29.24 33.68
CA GLU A 268 0.58 -29.44 35.09
C GLU A 268 1.82 -29.74 35.89
N ASP A 269 2.69 -30.57 35.32
CA ASP A 269 3.89 -31.08 35.99
C ASP A 269 5.10 -30.14 35.97
N VAL A 270 4.98 -28.96 36.58
CA VAL A 270 6.06 -27.99 36.56
C VAL A 270 6.27 -27.30 37.92
N ASP A 271 7.51 -26.92 38.20
CA ASP A 271 7.83 -26.10 39.38
C ASP A 271 7.33 -24.68 39.14
N ILE A 272 6.06 -24.43 39.48
CA ILE A 272 5.37 -23.22 39.01
C ILE A 272 5.97 -21.89 39.45
N ASP A 273 7.01 -21.91 40.28
CA ASP A 273 7.68 -20.68 40.65
C ASP A 273 8.81 -20.32 39.70
N LYS A 274 9.54 -21.33 39.28
CA LYS A 274 10.61 -21.16 38.30
C LYS A 274 9.98 -20.80 36.95
N VAL A 275 8.99 -21.57 36.53
CA VAL A 275 8.30 -21.29 35.27
C VAL A 275 7.66 -19.92 35.28
N VAL A 276 7.03 -19.57 36.40
CA VAL A 276 6.46 -18.24 36.52
C VAL A 276 7.52 -17.15 36.31
N GLU A 277 8.75 -17.38 36.76
CA GLU A 277 9.75 -16.34 36.58
C GLU A 277 10.05 -16.16 35.10
N TRP A 278 10.07 -17.25 34.37
CA TRP A 278 10.37 -17.19 32.97
C TRP A 278 9.22 -16.50 32.27
N THR A 279 8.01 -16.94 32.50
CA THR A 279 6.87 -16.33 31.83
C THR A 279 6.95 -14.80 31.94
N ILE A 280 7.38 -14.30 33.09
CA ILE A 280 7.54 -12.86 33.28
C ILE A 280 8.68 -12.34 32.40
N PHE A 281 9.78 -13.09 32.39
CA PHE A 281 10.93 -12.77 31.56
C PHE A 281 10.56 -12.77 30.07
N GLY A 282 9.73 -13.73 29.68
CA GLY A 282 9.40 -13.92 28.28
C GLY A 282 8.45 -12.87 27.73
N CYS A 283 7.83 -12.08 28.59
CA CYS A 283 6.82 -11.13 28.14
C CYS A 283 6.97 -9.72 28.70
N PHE A 284 7.76 -9.55 29.76
CA PHE A 284 7.93 -8.24 30.37
C PHE A 284 9.35 -7.69 30.25
N TRP A 285 10.33 -8.56 30.13
CA TRP A 285 11.70 -8.14 30.01
C TRP A 285 11.90 -7.21 28.81
N THR A 286 12.98 -6.49 28.72
CA THR A 286 13.10 -5.50 27.65
C THR A 286 11.82 -4.67 27.55
N ASN A 287 11.14 -4.52 28.68
CA ASN A 287 9.93 -3.70 28.75
C ASN A 287 8.87 -4.19 27.79
N GLY A 288 8.81 -5.50 27.60
CA GLY A 288 7.80 -6.13 26.75
C GLY A 288 8.08 -6.08 25.25
N GLN A 289 9.16 -5.40 24.87
CA GLN A 289 9.48 -5.15 23.47
C GLN A 289 10.43 -6.23 22.94
N ILE A 290 9.97 -7.47 22.99
CA ILE A 290 10.74 -8.61 22.53
C ILE A 290 10.09 -9.16 21.29
N CYS A 291 10.88 -9.38 20.24
CA CYS A 291 10.36 -9.99 19.02
C CYS A 291 9.73 -11.35 19.33
N SER A 292 10.45 -12.13 20.14
CA SER A 292 10.07 -13.50 20.50
C SER A 292 9.24 -13.59 21.78
N ALA A 293 8.79 -12.44 22.26
CA ALA A 293 8.01 -12.33 23.48
C ALA A 293 6.95 -13.43 23.54
N THR A 294 7.03 -14.26 24.57
CA THR A 294 6.00 -15.28 24.78
C THR A 294 4.83 -14.61 25.46
N SER A 295 4.03 -13.93 24.64
CA SER A 295 3.00 -13.01 25.09
C SER A 295 1.63 -13.68 25.15
N ARG A 296 1.60 -14.98 24.87
CA ARG A 296 0.38 -15.75 25.08
C ARG A 296 0.69 -16.95 25.98
N LEU A 297 0.09 -16.96 27.17
CA LEU A 297 0.24 -18.06 28.13
C LEU A 297 -0.89 -19.07 27.98
N LEU A 298 -0.54 -20.30 27.61
CA LEU A 298 -1.50 -21.39 27.60
C LEU A 298 -1.19 -22.37 28.75
N VAL A 299 -1.80 -22.10 29.90
CA VAL A 299 -1.55 -22.90 31.10
C VAL A 299 -2.68 -23.90 31.34
N HIS A 300 -2.34 -25.05 31.89
CA HIS A 300 -3.27 -26.15 32.15
C HIS A 300 -4.23 -25.85 33.28
N GLU A 301 -5.52 -25.89 33.02
CA GLU A 301 -6.53 -25.51 34.02
C GLU A 301 -6.14 -25.99 35.42
N SER A 302 -5.56 -27.17 35.47
CA SER A 302 -5.05 -27.77 36.70
C SER A 302 -4.36 -26.72 37.59
N ILE A 303 -3.18 -26.27 37.18
CA ILE A 303 -2.44 -25.26 37.96
C ILE A 303 -2.91 -23.85 37.67
N ALA A 304 -3.91 -23.72 36.80
CA ALA A 304 -4.33 -22.41 36.28
C ALA A 304 -4.33 -21.35 37.39
N ALA A 305 -5.30 -21.46 38.29
CA ALA A 305 -5.29 -20.66 39.50
C ALA A 305 -4.18 -21.19 40.40
N GLU A 306 -3.35 -20.28 40.89
CA GLU A 306 -2.12 -20.61 41.61
C GLU A 306 -0.97 -20.11 40.80
N PHE A 307 -0.86 -20.68 39.61
CA PHE A 307 0.11 -20.21 38.64
C PHE A 307 -0.14 -18.72 38.44
N VAL A 308 -1.37 -18.40 38.05
CA VAL A 308 -1.73 -17.00 37.82
C VAL A 308 -1.51 -16.20 39.11
N ASP A 309 -1.81 -16.82 40.24
CA ASP A 309 -1.64 -16.16 41.53
C ASP A 309 -0.17 -15.80 41.80
N LYS A 310 0.73 -16.77 41.77
CA LYS A 310 2.12 -16.45 41.98
C LYS A 310 2.59 -15.57 40.88
N LEU A 311 1.95 -15.73 39.73
CA LEU A 311 2.22 -14.86 38.59
C LEU A 311 1.99 -13.40 38.97
N VAL A 312 0.75 -13.06 39.34
CA VAL A 312 0.46 -11.69 39.72
C VAL A 312 1.37 -11.26 40.87
N LYS A 313 1.69 -12.21 41.75
CA LYS A 313 2.57 -11.92 42.88
C LYS A 313 3.96 -11.50 42.40
N TRP A 314 4.56 -12.35 41.57
CA TRP A 314 5.87 -12.07 41.01
C TRP A 314 5.95 -10.75 40.26
N THR A 315 5.03 -10.54 39.33
CA THR A 315 5.08 -9.33 38.55
C THR A 315 4.85 -8.13 39.47
N LYS A 316 3.89 -8.23 40.37
CA LYS A 316 3.67 -7.15 41.31
C LYS A 316 4.97 -6.79 41.99
N ASN A 317 5.94 -7.68 41.97
CA ASN A 317 7.16 -7.44 42.66
C ASN A 317 8.25 -6.92 41.76
N ILE A 318 7.89 -6.58 40.54
CA ILE A 318 8.86 -6.01 39.64
C ILE A 318 9.09 -4.52 39.87
N LYS A 319 10.31 -4.16 40.25
CA LYS A 319 10.62 -2.74 40.44
C LYS A 319 10.56 -1.96 39.13
N ILE A 320 9.43 -1.30 38.91
CA ILE A 320 9.30 -0.43 37.75
C ILE A 320 9.78 0.98 38.11
N SER A 321 10.91 1.40 37.53
CA SER A 321 11.51 2.68 37.85
C SER A 321 12.34 3.20 36.69
N ASP A 322 12.97 4.35 36.88
CA ASP A 322 13.91 4.86 35.91
C ASP A 322 15.03 3.85 35.74
N PRO A 323 15.47 3.63 34.48
CA PRO A 323 16.43 2.58 34.11
C PRO A 323 17.75 2.65 34.87
N PHE A 324 18.24 3.87 35.13
CA PHE A 324 19.50 4.05 35.85
C PHE A 324 19.42 3.76 37.36
N GLU A 325 18.22 3.89 37.92
CA GLU A 325 18.00 3.58 39.32
C GLU A 325 18.40 2.14 39.63
N GLU A 326 19.31 1.95 40.56
CA GLU A 326 19.72 0.60 40.84
C GLU A 326 18.54 -0.21 41.34
N GLY A 327 18.53 -1.47 40.96
CA GLY A 327 17.44 -2.39 41.23
C GLY A 327 16.32 -2.38 40.20
N CYS A 328 16.40 -1.44 39.25
CA CYS A 328 15.36 -1.30 38.23
C CYS A 328 15.21 -2.54 37.33
N ARG A 329 14.04 -3.15 37.39
CA ARG A 329 13.75 -4.34 36.59
C ARG A 329 12.76 -4.06 35.45
N LEU A 330 12.43 -2.79 35.24
CA LEU A 330 11.46 -2.41 34.21
C LEU A 330 11.49 -0.91 33.98
N GLY A 331 11.83 -0.50 32.75
CA GLY A 331 11.86 0.90 32.37
C GLY A 331 10.64 1.32 31.55
N PRO A 332 10.72 2.50 30.92
CA PRO A 332 9.63 3.02 30.08
C PRO A 332 9.68 2.38 28.71
N VAL A 333 8.55 2.26 28.02
CA VAL A 333 8.59 1.89 26.61
C VAL A 333 9.33 2.98 25.80
N ILE A 334 9.73 2.62 24.59
CA ILE A 334 10.66 3.42 23.81
C ILE A 334 10.23 4.85 23.51
N SER A 335 8.95 5.08 23.28
CA SER A 335 8.52 6.35 22.74
C SER A 335 7.07 6.65 23.06
N LYS A 336 6.69 7.91 22.81
CA LYS A 336 5.30 8.35 22.96
C LYS A 336 4.33 7.57 22.08
N GLY A 337 4.73 7.36 20.83
CA GLY A 337 3.94 6.64 19.85
C GLY A 337 3.68 5.19 20.26
N GLN A 338 4.75 4.50 20.66
CA GLN A 338 4.61 3.17 21.23
C GLN A 338 3.72 3.18 22.49
N TYR A 339 3.97 4.12 23.38
CA TYR A 339 3.16 4.29 24.57
C TYR A 339 1.66 4.32 24.22
N ASP A 340 1.30 5.21 23.31
CA ASP A 340 -0.09 5.33 22.86
C ASP A 340 -0.63 4.03 22.26
N LYS A 341 0.17 3.39 21.42
CA LYS A 341 -0.24 2.13 20.80
C LYS A 341 -0.54 1.07 21.87
N ILE A 342 0.40 0.84 22.76
CA ILE A 342 0.22 -0.13 23.83
C ILE A 342 -1.02 0.18 24.68
N MET A 343 -1.16 1.44 25.08
CA MET A 343 -2.33 1.85 25.83
C MET A 343 -3.62 1.51 25.09
N LYS A 344 -3.66 1.87 23.81
CA LYS A 344 -4.83 1.58 22.98
C LYS A 344 -5.16 0.10 22.90
N PHE A 345 -4.13 -0.75 22.74
CA PHE A 345 -4.31 -2.18 22.80
C PHE A 345 -5.04 -2.58 24.09
N ILE A 346 -4.67 -1.93 25.18
CA ILE A 346 -5.29 -2.18 26.48
C ILE A 346 -6.76 -1.76 26.49
N SER A 347 -7.02 -0.53 26.07
CA SER A 347 -8.39 -0.01 25.98
C SER A 347 -9.31 -0.94 25.19
N THR A 348 -8.92 -1.26 23.97
CA THR A 348 -9.76 -2.04 23.08
C THR A 348 -9.86 -3.48 23.58
N ALA A 349 -8.94 -3.87 24.46
CA ALA A 349 -9.03 -5.19 25.07
C ALA A 349 -10.08 -5.16 26.16
N LYS A 350 -10.08 -4.09 26.96
CA LYS A 350 -11.15 -3.84 27.92
C LYS A 350 -12.44 -3.80 27.19
N SER A 351 -12.54 -2.96 26.16
CA SER A 351 -13.73 -2.78 25.36
C SER A 351 -14.21 -4.05 24.66
N GLU A 352 -13.29 -4.97 24.37
CA GLU A 352 -13.67 -6.23 23.75
C GLU A 352 -14.16 -7.26 24.77
N GLY A 353 -13.95 -6.97 26.04
CA GLY A 353 -14.50 -7.80 27.10
C GLY A 353 -13.50 -8.66 27.85
N ALA A 354 -12.21 -8.41 27.68
CA ALA A 354 -11.23 -9.16 28.43
C ALA A 354 -11.10 -8.55 29.82
N THR A 355 -10.47 -9.29 30.73
CA THR A 355 -10.26 -8.84 32.09
C THR A 355 -8.83 -8.38 32.29
N ILE A 356 -8.66 -7.15 32.76
CA ILE A 356 -7.35 -6.67 33.15
C ILE A 356 -7.03 -7.09 34.59
N LEU A 357 -6.66 -8.36 34.76
CA LEU A 357 -6.35 -8.96 36.06
C LEU A 357 -5.06 -8.44 36.69
N TYR A 358 -4.59 -7.27 36.26
CA TYR A 358 -3.45 -6.56 36.86
C TYR A 358 -2.84 -5.60 35.86
N GLY A 359 -2.50 -4.40 36.31
CA GLY A 359 -1.91 -3.39 35.44
C GLY A 359 -2.93 -2.86 34.44
N GLY A 360 -2.46 -2.54 33.24
CA GLY A 360 -3.30 -1.95 32.23
C GLY A 360 -3.34 -0.42 32.35
N SER A 361 -2.47 0.10 33.20
CA SER A 361 -2.46 1.54 33.49
C SER A 361 -1.06 2.04 33.77
N ARG A 362 -0.93 3.36 33.81
CA ARG A 362 0.31 4.00 34.20
C ARG A 362 0.67 3.55 35.61
N PRO A 363 1.96 3.54 35.95
CA PRO A 363 2.28 3.33 37.36
C PRO A 363 1.89 4.57 38.12
N GLU A 364 1.97 4.60 39.43
CA GLU A 364 1.64 5.85 40.11
C GLU A 364 2.87 6.64 40.48
N HIS A 365 3.89 6.00 41.05
CA HIS A 365 5.09 6.70 41.49
C HIS A 365 5.79 7.43 40.36
N LEU A 366 5.50 7.01 39.14
CA LEU A 366 6.08 7.65 37.96
C LEU A 366 5.03 8.55 37.31
N LYS A 367 5.37 9.82 37.19
CA LYS A 367 4.47 10.88 36.77
C LYS A 367 4.77 11.39 35.39
N LYS A 368 6.01 11.22 34.98
CA LYS A 368 6.46 11.51 33.62
C LYS A 368 7.20 10.30 33.05
N GLY A 369 7.39 10.28 31.74
CA GLY A 369 8.01 9.14 31.07
C GLY A 369 6.99 8.10 30.62
N TYR A 370 7.35 7.34 29.58
CA TYR A 370 6.39 6.44 28.96
C TYR A 370 6.22 5.12 29.70
N TYR A 371 5.89 5.22 30.99
CA TYR A 371 5.81 4.06 31.86
C TYR A 371 4.45 3.34 31.82
N ILE A 372 4.50 2.02 31.81
CA ILE A 372 3.30 1.20 31.74
C ILE A 372 3.50 -0.03 32.62
N GLU A 373 2.48 -0.37 33.39
CA GLU A 373 2.59 -1.47 34.34
C GLU A 373 2.64 -2.82 33.63
N PRO A 374 3.46 -3.75 34.16
CA PRO A 374 3.33 -5.10 33.65
C PRO A 374 1.86 -5.44 33.71
N THR A 375 1.34 -6.10 32.70
CA THR A 375 -0.10 -6.26 32.64
C THR A 375 -0.47 -7.70 32.38
N ILE A 376 -1.44 -8.20 33.12
CA ILE A 376 -1.93 -9.54 32.93
C ILE A 376 -3.39 -9.47 32.52
N VAL A 377 -3.76 -10.08 31.41
CA VAL A 377 -5.16 -10.05 31.00
C VAL A 377 -5.74 -11.43 30.77
N THR A 378 -6.95 -11.63 31.25
CA THR A 378 -7.60 -12.94 31.20
C THR A 378 -9.00 -12.82 30.65
N ASP A 379 -9.73 -13.93 30.67
CA ASP A 379 -11.06 -13.99 30.06
C ASP A 379 -10.90 -13.60 28.61
N ILE A 380 -10.06 -14.38 27.93
CA ILE A 380 -9.65 -14.09 26.57
C ILE A 380 -10.47 -14.91 25.59
N SER A 381 -10.84 -14.27 24.48
CA SER A 381 -11.40 -14.98 23.34
C SER A 381 -10.33 -15.03 22.25
N THR A 382 -10.26 -16.14 21.50
CA THR A 382 -9.31 -16.22 20.39
C THR A 382 -9.75 -15.29 19.29
N SER A 383 -10.83 -14.56 19.53
CA SER A 383 -11.36 -13.61 18.55
CA SER A 383 -11.34 -13.62 18.54
C SER A 383 -10.86 -12.20 18.84
N MET A 384 -10.41 -11.96 20.05
CA MET A 384 -10.03 -10.60 20.43
C MET A 384 -8.66 -10.17 19.94
N GLN A 385 -8.54 -8.87 19.69
CA GLN A 385 -7.37 -8.29 19.05
C GLN A 385 -6.12 -8.54 19.84
N ILE A 386 -6.23 -8.38 21.15
CA ILE A 386 -5.10 -8.58 22.05
C ILE A 386 -4.47 -9.98 21.83
N TRP A 387 -5.28 -10.94 21.41
CA TRP A 387 -4.85 -12.32 21.22
C TRP A 387 -4.07 -12.53 19.91
N LYS A 388 -4.43 -11.82 18.87
CA LYS A 388 -3.74 -11.94 17.61
C LYS A 388 -2.60 -10.97 17.43
N GLU A 389 -2.83 -9.70 17.69
CA GLU A 389 -1.87 -8.66 17.40
C GLU A 389 -0.68 -8.60 18.33
N GLU A 390 0.51 -8.40 17.79
N GLU A 390 0.51 -8.40 17.77
CA GLU A 390 1.70 -8.17 18.59
CA GLU A 390 1.69 -8.12 18.57
C GLU A 390 1.58 -6.79 19.23
C GLU A 390 1.48 -6.77 19.25
N VAL A 391 1.65 -6.73 20.56
CA VAL A 391 1.47 -5.49 21.32
C VAL A 391 2.79 -4.75 21.51
N PHE A 392 3.83 -5.52 21.79
CA PHE A 392 5.19 -5.00 21.93
C PHE A 392 5.27 -4.05 23.11
N GLY A 393 4.49 -4.37 24.13
CA GLY A 393 4.57 -3.70 25.41
C GLY A 393 4.54 -4.79 26.45
N PRO A 394 4.69 -4.42 27.74
CA PRO A 394 4.64 -5.39 28.84
C PRO A 394 3.25 -5.97 29.06
N VAL A 395 2.70 -6.70 28.09
CA VAL A 395 1.31 -7.12 28.16
C VAL A 395 1.14 -8.59 27.81
N LEU A 396 0.66 -9.35 28.80
CA LEU A 396 0.55 -10.80 28.71
C LEU A 396 -0.90 -11.24 28.69
N CYS A 397 -1.24 -12.18 27.82
CA CYS A 397 -2.58 -12.74 27.74
C CYS A 397 -2.62 -14.17 28.27
N VAL A 398 -3.66 -14.52 29.02
CA VAL A 398 -3.77 -15.87 29.56
C VAL A 398 -5.04 -16.62 29.18
N LYS A 399 -4.86 -17.84 28.70
CA LYS A 399 -5.97 -18.74 28.46
C LYS A 399 -5.56 -20.11 28.98
N THR A 400 -6.55 -20.98 29.26
CA THR A 400 -6.26 -22.30 29.80
C THR A 400 -6.63 -23.39 28.81
N PHE A 401 -6.11 -24.59 29.04
CA PHE A 401 -6.41 -25.69 28.15
C PHE A 401 -6.63 -27.01 28.89
N SER A 402 -7.40 -27.89 28.27
CA SER A 402 -7.65 -29.20 28.84
C SER A 402 -6.69 -30.22 28.22
N SER A 403 -6.79 -30.40 26.90
CA SER A 403 -6.01 -31.41 26.21
C SER A 403 -4.62 -30.91 25.77
N GLU A 404 -3.72 -31.86 25.55
CA GLU A 404 -2.39 -31.55 25.04
C GLU A 404 -2.49 -30.97 23.63
N ASP A 405 -3.20 -31.65 22.79
CA ASP A 405 -3.30 -31.19 21.47
C ASP A 405 -4.32 -30.03 21.30
N GLU A 406 -4.92 -29.54 22.39
CA GLU A 406 -5.64 -28.30 22.45
C GLU A 406 -4.66 -27.17 22.75
N ALA A 407 -3.64 -27.51 23.54
CA ALA A 407 -2.58 -26.56 23.80
C ALA A 407 -1.90 -26.28 22.47
N ILE A 408 -1.65 -27.36 21.73
CA ILE A 408 -1.01 -27.34 20.41
C ILE A 408 -1.79 -26.53 19.39
N ALA A 409 -3.05 -26.88 19.19
CA ALA A 409 -3.92 -26.14 18.27
C ALA A 409 -4.01 -24.65 18.62
N LEU A 410 -4.03 -24.35 19.92
CA LEU A 410 -4.24 -22.99 20.41
C LEU A 410 -2.96 -22.20 20.27
N ALA A 411 -1.82 -22.89 20.35
CA ALA A 411 -0.51 -22.26 20.22
C ALA A 411 -0.24 -21.88 18.75
N ASN A 412 -0.62 -22.77 17.85
CA ASN A 412 -0.44 -22.59 16.41
C ASN A 412 -1.52 -21.71 15.81
N ASP A 413 -2.39 -21.19 16.67
CA ASP A 413 -3.53 -20.37 16.26
C ASP A 413 -3.13 -18.92 16.04
N THR A 414 -2.05 -18.68 15.30
CA THR A 414 -1.68 -17.33 14.85
C THR A 414 -1.08 -17.36 13.45
N GLU A 415 -1.14 -16.23 12.79
CA GLU A 415 -0.52 -16.08 11.54
C GLU A 415 0.98 -15.97 11.69
N TYR A 416 1.45 -15.69 12.90
CA TYR A 416 2.87 -15.54 13.20
C TYR A 416 3.51 -16.89 13.40
N GLY A 417 4.83 -16.90 13.63
CA GLY A 417 5.52 -18.17 13.77
C GLY A 417 7.00 -18.03 14.12
N LEU A 418 7.31 -17.08 14.98
CA LEU A 418 8.68 -16.82 15.38
C LEU A 418 9.20 -17.84 16.40
N ALA A 419 8.76 -17.71 17.65
CA ALA A 419 9.23 -18.58 18.74
C ALA A 419 8.09 -19.26 19.48
N ALA A 420 8.44 -20.09 20.44
CA ALA A 420 7.47 -20.66 21.36
C ALA A 420 8.21 -21.26 22.54
N ALA A 421 7.53 -21.38 23.67
CA ALA A 421 8.15 -21.94 24.88
C ALA A 421 7.20 -22.94 25.54
N VAL A 422 7.71 -24.13 25.83
CA VAL A 422 6.88 -25.16 26.45
C VAL A 422 7.49 -25.62 27.77
N PHE A 423 6.65 -25.67 28.80
CA PHE A 423 7.10 -26.06 30.14
C PHE A 423 6.44 -27.35 30.60
N SER A 424 7.27 -28.26 31.09
CA SER A 424 6.82 -29.57 31.53
C SER A 424 8.03 -30.40 31.91
N ASN A 425 7.92 -31.15 33.00
CA ASN A 425 9.01 -32.03 33.41
C ASN A 425 8.96 -33.37 32.69
N ASP A 426 7.83 -33.63 32.03
CA ASP A 426 7.69 -34.75 31.11
C ASP A 426 8.37 -34.41 29.77
N LEU A 427 9.57 -34.95 29.55
CA LEU A 427 10.37 -34.56 28.42
C LEU A 427 9.93 -35.21 27.11
N GLU A 428 9.37 -36.40 27.15
CA GLU A 428 8.79 -36.91 25.91
C GLU A 428 7.63 -36.05 25.52
N ARG A 429 6.93 -35.47 26.49
CA ARG A 429 5.86 -34.54 26.16
C ARG A 429 6.44 -33.28 25.53
N CYS A 430 7.56 -32.82 26.08
CA CYS A 430 8.22 -31.65 25.52
C CYS A 430 8.63 -31.84 24.07
N GLU A 431 9.40 -32.89 23.80
CA GLU A 431 9.79 -33.21 22.43
C GLU A 431 8.60 -33.23 21.46
N ARG A 432 7.51 -33.87 21.84
CA ARG A 432 6.31 -33.90 21.04
C ARG A 432 5.75 -32.53 20.73
N ILE A 433 5.71 -31.65 21.72
CA ILE A 433 5.23 -30.28 21.53
C ILE A 433 6.17 -29.45 20.64
N THR A 434 7.48 -29.62 20.83
CA THR A 434 8.44 -28.79 20.11
C THR A 434 8.34 -29.14 18.65
N LYS A 435 8.06 -30.42 18.37
CA LYS A 435 7.94 -30.89 16.98
C LYS A 435 6.70 -30.33 16.30
N ALA A 436 5.66 -30.07 17.08
CA ALA A 436 4.35 -29.69 16.54
C ALA A 436 4.19 -28.19 16.43
N LEU A 437 5.01 -27.43 17.14
CA LEU A 437 4.90 -25.97 17.09
C LEU A 437 5.30 -25.40 15.72
N GLU A 438 4.38 -24.66 15.08
CA GLU A 438 4.64 -24.01 13.78
C GLU A 438 5.46 -22.75 14.00
N VAL A 439 6.76 -22.95 14.19
CA VAL A 439 7.61 -21.93 14.74
C VAL A 439 9.08 -22.13 14.35
N GLY A 440 9.89 -21.09 14.48
CA GLY A 440 11.29 -21.18 14.10
C GLY A 440 12.22 -21.48 15.26
N ALA A 441 11.77 -21.20 16.47
CA ALA A 441 12.56 -21.42 17.67
C ALA A 441 11.67 -21.88 18.82
N VAL A 442 11.99 -23.04 19.38
CA VAL A 442 11.21 -23.59 20.48
C VAL A 442 12.07 -23.70 21.73
N TRP A 443 11.69 -22.98 22.79
CA TRP A 443 12.34 -23.14 24.10
C TRP A 443 11.66 -24.22 24.94
N VAL A 444 12.47 -25.13 25.50
CA VAL A 444 11.97 -26.18 26.40
C VAL A 444 12.36 -25.90 27.85
N ASN A 445 11.36 -25.59 28.68
CA ASN A 445 11.57 -25.23 30.10
C ASN A 445 12.42 -23.98 30.31
N CYS A 446 12.27 -23.01 29.41
CA CYS A 446 12.77 -21.65 29.59
C CYS A 446 12.06 -20.77 28.56
N SER A 447 12.46 -19.51 28.45
CA SER A 447 11.85 -18.62 27.47
C SER A 447 12.70 -17.39 27.24
N GLN A 448 13.11 -17.19 25.97
CA GLN A 448 13.88 -16.03 25.49
C GLN A 448 15.40 -16.19 25.32
N PRO A 449 16.02 -17.23 25.89
CA PRO A 449 17.48 -17.28 25.74
C PRO A 449 17.89 -17.42 24.30
N CYS A 450 18.60 -16.42 23.76
N CYS A 450 18.57 -16.42 23.74
CA CYS A 450 18.96 -16.42 22.35
CA CYS A 450 18.95 -16.43 22.34
C CYS A 450 20.46 -16.33 22.16
C CYS A 450 20.46 -16.33 22.17
N PHE A 451 21.07 -17.47 21.83
CA PHE A 451 22.53 -17.56 21.76
C PHE A 451 23.01 -17.42 20.34
N VAL A 452 24.09 -16.66 20.18
CA VAL A 452 24.61 -16.38 18.86
C VAL A 452 25.04 -17.66 18.13
N GLN A 453 25.25 -18.74 18.89
CA GLN A 453 25.63 -20.04 18.31
C GLN A 453 24.51 -20.73 17.52
N ALA A 454 23.25 -20.34 17.75
CA ALA A 454 22.12 -21.06 17.17
C ALA A 454 21.38 -20.28 16.06
N PRO A 455 20.89 -20.99 15.04
CA PRO A 455 20.20 -20.30 13.94
C PRO A 455 18.95 -19.60 14.48
N TRP A 456 18.66 -18.40 13.99
CA TRP A 456 17.52 -17.62 14.49
C TRP A 456 16.66 -17.00 13.39
N GLY A 457 15.40 -17.40 13.37
CA GLY A 457 14.40 -16.80 12.49
C GLY A 457 13.04 -17.46 12.61
N GLY A 458 12.06 -16.93 11.87
CA GLY A 458 10.72 -17.44 11.97
C GLY A 458 10.18 -18.11 10.71
N ILE A 459 8.90 -18.47 10.76
CA ILE A 459 8.17 -18.92 9.58
C ILE A 459 6.82 -18.17 9.56
N LYS A 460 5.99 -18.42 8.56
CA LYS A 460 4.69 -17.76 8.46
C LYS A 460 4.86 -16.24 8.47
N ARG A 461 3.99 -15.48 9.08
CA ARG A 461 4.07 -14.05 9.06
C ARG A 461 5.26 -13.50 9.77
N SER A 462 5.98 -14.35 10.47
CA SER A 462 7.20 -13.91 11.16
C SER A 462 8.40 -13.78 10.22
N GLY A 463 8.22 -14.21 8.99
CA GLY A 463 9.26 -14.03 7.97
C GLY A 463 9.99 -15.30 7.59
N PHE A 464 11.25 -15.13 7.20
CA PHE A 464 12.07 -16.25 6.68
C PHE A 464 13.54 -15.93 6.69
N GLY A 465 14.36 -16.96 6.51
CA GLY A 465 15.80 -16.80 6.60
C GLY A 465 16.21 -17.01 8.05
N ARG A 466 17.42 -17.53 8.26
CA ARG A 466 17.98 -17.70 9.58
C ARG A 466 19.21 -16.85 9.77
N GLU A 467 19.21 -16.01 10.80
CA GLU A 467 20.42 -15.26 11.12
C GLU A 467 21.16 -15.99 12.24
N LEU A 468 22.32 -15.47 12.62
CA LEU A 468 23.14 -16.06 13.68
C LEU A 468 23.60 -17.49 13.37
N GLY A 469 24.30 -18.08 14.34
CA GLY A 469 24.88 -19.41 14.17
C GLY A 469 25.70 -19.58 12.91
N GLU A 470 25.60 -20.75 12.33
CA GLU A 470 26.33 -21.11 11.13
C GLU A 470 25.48 -20.82 9.93
N TRP A 471 24.37 -20.15 10.12
CA TRP A 471 23.51 -19.72 9.03
C TRP A 471 23.71 -18.23 8.71
N GLY A 472 24.00 -17.43 9.75
CA GLY A 472 24.25 -15.99 9.62
C GLY A 472 25.05 -15.55 8.40
N ILE A 473 26.29 -16.07 8.32
CA ILE A 473 27.24 -15.65 7.29
C ILE A 473 26.75 -16.00 5.89
N GLN A 474 25.99 -17.08 5.78
CA GLN A 474 25.48 -17.55 4.49
C GLN A 474 24.59 -16.55 3.78
N ASN A 475 23.87 -15.71 4.53
CA ASN A 475 22.97 -14.76 3.89
C ASN A 475 23.71 -13.71 3.07
N TYR A 476 25.02 -13.58 3.29
CA TYR A 476 25.77 -12.52 2.63
C TYR A 476 26.75 -13.06 1.59
N LEU A 477 26.58 -14.34 1.23
CA LEU A 477 27.50 -14.99 0.28
C LEU A 477 26.88 -15.31 -1.06
N ASN A 478 27.69 -15.19 -2.11
CA ASN A 478 27.39 -15.83 -3.38
C ASN A 478 28.00 -17.24 -3.32
N ILE A 479 27.14 -18.24 -3.36
CA ILE A 479 27.61 -19.60 -3.45
C ILE A 479 27.87 -19.85 -4.93
N LYS A 480 29.16 -19.84 -5.29
CA LYS A 480 29.57 -20.00 -6.68
C LYS A 480 30.09 -21.41 -6.99
N GLN A 481 29.40 -22.06 -7.92
CA GLN A 481 29.83 -23.34 -8.42
C GLN A 481 30.90 -23.12 -9.49
N VAL A 482 32.00 -23.85 -9.40
CA VAL A 482 32.95 -23.92 -10.51
C VAL A 482 33.27 -25.37 -10.87
N THR A 483 32.96 -25.75 -12.09
CA THR A 483 33.21 -27.09 -12.57
C THR A 483 33.96 -27.06 -13.91
N GLN A 484 35.07 -27.81 -13.96
CA GLN A 484 35.98 -27.72 -15.07
C GLN A 484 36.20 -29.04 -15.78
N ASP A 485 36.44 -28.97 -17.08
CA ASP A 485 36.77 -30.15 -17.85
C ASP A 485 38.26 -30.43 -17.77
N ILE A 486 38.61 -31.63 -17.33
CA ILE A 486 40.01 -32.02 -17.19
C ILE A 486 40.43 -33.07 -18.23
N SER A 487 39.55 -33.36 -19.17
CA SER A 487 39.78 -34.44 -20.14
C SER A 487 40.60 -34.03 -21.37
N ASP A 488 40.52 -32.76 -21.73
CA ASP A 488 41.12 -32.24 -22.98
C ASP A 488 40.72 -33.07 -24.21
N GLU A 489 39.57 -33.72 -24.14
CA GLU A 489 38.99 -34.39 -25.28
C GLU A 489 37.80 -33.56 -25.76
N PRO A 490 37.36 -33.77 -27.01
CA PRO A 490 36.25 -32.96 -27.52
C PRO A 490 34.95 -33.42 -26.89
N TRP A 491 34.03 -32.49 -26.62
CA TRP A 491 32.75 -32.84 -26.02
C TRP A 491 32.15 -34.04 -26.76
N GLY A 492 32.25 -34.02 -28.09
CA GLY A 492 31.80 -35.15 -28.90
C GLY A 492 30.29 -35.26 -29.08
N TRP A 493 29.60 -34.11 -29.06
CA TRP A 493 28.16 -34.07 -29.22
C TRP A 493 27.78 -33.71 -30.65
N TYR A 494 28.61 -32.86 -31.27
CA TYR A 494 28.37 -32.42 -32.65
C TYR A 494 29.31 -33.10 -33.66
N LYS A 495 29.15 -32.75 -34.92
CA LYS A 495 30.00 -33.34 -35.93
C LYS A 495 30.97 -32.30 -36.45
N SER A 496 32.23 -32.67 -36.57
CA SER A 496 33.21 -31.82 -37.21
C SER A 496 33.06 -31.84 -38.72
N PHE B 3 1.53 -42.97 -30.03
CA PHE B 3 2.11 -41.71 -30.42
C PHE B 3 1.03 -40.80 -30.94
N PRO B 4 -0.12 -40.93 -30.30
CA PRO B 4 -1.10 -39.87 -30.17
C PRO B 4 -0.98 -39.35 -28.75
N ILE B 5 -0.95 -38.04 -28.60
CA ILE B 5 -0.69 -37.43 -27.32
C ILE B 5 -1.75 -37.86 -26.37
N PRO B 6 -1.33 -38.25 -25.18
CA PRO B 6 -2.30 -38.64 -24.18
C PRO B 6 -3.27 -37.50 -24.07
N ALA B 7 -4.42 -37.79 -23.56
CA ALA B 7 -5.26 -36.70 -23.17
C ALA B 7 -5.28 -36.88 -21.72
N ARG B 8 -5.33 -35.77 -21.28
CA ARG B 8 -5.36 -35.89 -19.82
C ARG B 8 -6.15 -34.82 -19.07
N GLN B 9 -6.29 -34.99 -17.77
CA GLN B 9 -6.98 -33.96 -16.97
C GLN B 9 -6.08 -33.35 -15.85
N LEU B 10 -6.67 -32.50 -15.00
CA LEU B 10 -5.93 -31.97 -13.83
C LEU B 10 -5.67 -33.07 -12.81
N PHE B 11 -4.43 -33.18 -12.36
CA PHE B 11 -4.10 -34.15 -11.31
C PHE B 11 -4.21 -33.48 -9.95
N ILE B 12 -5.31 -33.72 -9.26
CA ILE B 12 -5.54 -33.15 -7.93
C ILE B 12 -5.99 -34.21 -6.93
N ASP B 13 -5.30 -34.27 -5.79
CA ASP B 13 -5.61 -35.24 -4.74
C ASP B 13 -5.62 -36.67 -5.27
N GLY B 14 -4.57 -37.05 -5.98
CA GLY B 14 -4.40 -38.42 -6.44
C GLY B 14 -5.30 -38.88 -7.58
N GLU B 15 -6.29 -38.07 -7.94
CA GLU B 15 -7.24 -38.43 -8.98
C GLU B 15 -7.42 -37.33 -10.03
N TRP B 16 -7.91 -37.70 -11.22
CA TRP B 16 -8.01 -36.76 -12.34
C TRP B 16 -9.27 -35.95 -12.36
N ARG B 17 -9.13 -34.64 -12.24
CA ARG B 17 -10.25 -33.74 -12.09
C ARG B 17 -10.33 -32.76 -13.22
N GLU B 18 -11.53 -32.32 -13.53
CA GLU B 18 -11.72 -31.40 -14.65
C GLU B 18 -11.68 -29.98 -14.14
N PRO B 19 -11.01 -29.08 -14.88
CA PRO B 19 -11.04 -27.67 -14.53
C PRO B 19 -12.46 -27.20 -14.22
N ILE B 20 -12.61 -26.48 -13.12
CA ILE B 20 -13.92 -26.00 -12.67
C ILE B 20 -14.61 -25.11 -13.70
N LYS B 21 -13.82 -24.56 -14.61
CA LYS B 21 -14.35 -23.74 -15.67
C LYS B 21 -14.18 -24.43 -17.01
N LYS B 22 -13.71 -25.65 -16.94
CA LYS B 22 -13.72 -26.60 -18.05
C LYS B 22 -12.99 -26.11 -19.32
N ASN B 23 -12.15 -25.09 -19.17
CA ASN B 23 -11.36 -24.57 -20.29
C ASN B 23 -10.13 -25.42 -20.57
N ARG B 24 -9.67 -25.41 -21.81
CA ARG B 24 -8.50 -26.17 -22.20
C ARG B 24 -7.70 -25.41 -23.23
N ILE B 25 -6.48 -25.83 -23.48
CA ILE B 25 -5.64 -25.13 -24.43
C ILE B 25 -4.82 -26.08 -25.29
N PRO B 26 -4.50 -25.66 -26.51
CA PRO B 26 -3.79 -26.49 -27.48
C PRO B 26 -2.38 -26.85 -27.05
N VAL B 27 -1.97 -28.07 -27.36
CA VAL B 27 -0.56 -28.39 -27.43
C VAL B 27 -0.23 -28.49 -28.91
N ILE B 28 0.96 -28.06 -29.30
CA ILE B 28 1.28 -27.87 -30.70
C ILE B 28 2.69 -28.33 -31.01
N ASN B 29 2.84 -29.20 -32.01
CA ASN B 29 4.19 -29.63 -32.40
C ASN B 29 4.96 -28.49 -33.02
N PRO B 30 6.09 -28.10 -32.40
CA PRO B 30 6.88 -26.97 -32.92
C PRO B 30 7.33 -27.24 -34.34
N SER B 31 7.38 -28.52 -34.71
CA SER B 31 7.90 -28.96 -36.00
C SER B 31 6.86 -28.91 -37.11
N THR B 32 5.58 -28.96 -36.74
CA THR B 32 4.49 -29.05 -37.71
C THR B 32 3.48 -27.91 -37.61
N GLU B 33 3.63 -27.05 -36.61
CA GLU B 33 2.69 -25.96 -36.34
C GLU B 33 1.26 -26.46 -36.11
N GLU B 34 1.07 -27.76 -36.07
CA GLU B 34 -0.29 -28.20 -35.95
C GLU B 34 -0.65 -28.67 -34.58
N ILE B 35 -1.86 -28.38 -34.18
CA ILE B 35 -2.32 -28.73 -32.84
C ILE B 35 -2.47 -30.24 -32.75
N ILE B 36 -1.67 -30.87 -31.89
CA ILE B 36 -1.62 -32.32 -31.80
C ILE B 36 -2.29 -32.83 -30.52
N GLY B 37 -3.00 -31.96 -29.82
CA GLY B 37 -3.54 -32.32 -28.53
C GLY B 37 -4.11 -31.19 -27.72
N ASP B 38 -4.36 -31.48 -26.45
CA ASP B 38 -5.23 -30.68 -25.62
C ASP B 38 -4.84 -30.83 -24.14
N ILE B 39 -4.67 -29.71 -23.43
CA ILE B 39 -4.40 -29.75 -21.98
C ILE B 39 -5.38 -28.93 -21.18
N PRO B 40 -5.67 -29.37 -19.94
CA PRO B 40 -6.61 -28.64 -19.08
C PRO B 40 -6.08 -27.23 -18.83
N ALA B 41 -6.96 -26.28 -18.59
CA ALA B 41 -6.53 -24.92 -18.34
C ALA B 41 -6.98 -24.52 -16.96
N ALA B 42 -6.18 -24.87 -15.96
CA ALA B 42 -6.52 -24.57 -14.58
C ALA B 42 -6.77 -23.10 -14.41
N THR B 43 -7.69 -22.77 -13.51
CA THR B 43 -7.99 -21.39 -13.18
C THR B 43 -7.93 -21.28 -11.65
N ALA B 44 -8.01 -20.08 -11.12
CA ALA B 44 -7.87 -19.87 -9.67
C ALA B 44 -8.68 -20.84 -8.80
N GLU B 45 -9.89 -21.18 -9.27
CA GLU B 45 -10.78 -22.06 -8.50
C GLU B 45 -10.16 -23.43 -8.33
N ASP B 46 -9.43 -23.88 -9.34
CA ASP B 46 -8.73 -25.15 -9.30
C ASP B 46 -7.56 -25.11 -8.32
N VAL B 47 -6.92 -23.95 -8.25
CA VAL B 47 -5.80 -23.76 -7.34
C VAL B 47 -6.31 -23.92 -5.92
N GLU B 48 -7.48 -23.36 -5.66
CA GLU B 48 -8.12 -23.49 -4.36
C GLU B 48 -8.24 -24.95 -3.94
N VAL B 49 -8.86 -25.77 -4.78
CA VAL B 49 -9.07 -27.17 -4.39
C VAL B 49 -7.74 -27.91 -4.28
N ALA B 50 -6.80 -27.51 -5.13
CA ALA B 50 -5.48 -28.10 -5.12
C ALA B 50 -4.67 -27.84 -3.84
N VAL B 51 -4.69 -26.61 -3.35
CA VAL B 51 -3.97 -26.22 -2.17
C VAL B 51 -4.63 -26.83 -0.95
N VAL B 52 -5.94 -26.96 -1.03
CA VAL B 52 -6.72 -27.63 0.00
C VAL B 52 -6.33 -29.10 0.10
N ALA B 53 -6.31 -29.80 -1.03
CA ALA B 53 -5.81 -31.17 -1.05
C ALA B 53 -4.40 -31.26 -0.46
N ALA B 54 -3.56 -30.32 -0.85
CA ALA B 54 -2.18 -30.32 -0.42
C ALA B 54 -2.06 -30.06 1.08
N ARG B 55 -2.88 -29.15 1.58
CA ARG B 55 -2.85 -28.82 3.00
C ARG B 55 -3.31 -30.02 3.86
N ARG B 56 -4.40 -30.64 3.44
CA ARG B 56 -4.93 -31.83 4.04
C ARG B 56 -3.93 -32.92 4.08
N ALA B 57 -3.25 -33.13 2.96
CA ALA B 57 -2.26 -34.18 2.84
C ALA B 57 -1.07 -33.90 3.74
N PHE B 58 -0.73 -32.62 3.87
CA PHE B 58 0.34 -32.25 4.78
C PHE B 58 -0.02 -32.53 6.25
N ARG B 59 -1.30 -32.39 6.58
CA ARG B 59 -1.76 -32.56 7.96
C ARG B 59 -1.81 -34.02 8.39
N ARG B 60 -2.01 -34.92 7.44
CA ARG B 60 -2.00 -36.35 7.73
C ARG B 60 -0.67 -36.82 8.31
N ASN B 61 -0.72 -37.75 9.25
CA ASN B 61 0.51 -38.25 9.85
C ASN B 61 1.10 -39.32 8.95
N ASN B 62 1.05 -39.03 7.65
N ASN B 62 0.97 -39.12 7.63
CA ASN B 62 1.22 -40.04 6.63
CA ASN B 62 1.29 -40.11 6.59
C ASN B 62 2.36 -39.71 5.67
C ASN B 62 2.44 -39.73 5.69
N TRP B 63 2.78 -38.46 5.64
CA TRP B 63 3.83 -38.02 4.72
C TRP B 63 4.79 -37.03 5.38
N SER B 64 4.23 -35.94 5.90
CA SER B 64 5.05 -34.83 6.35
C SER B 64 5.84 -35.11 7.65
N ALA B 65 5.24 -35.85 8.58
CA ALA B 65 5.93 -36.16 9.83
C ALA B 65 6.63 -37.50 9.72
N THR B 66 6.51 -38.09 8.54
CA THR B 66 7.26 -39.27 8.15
C THR B 66 8.77 -39.02 8.18
N SER B 67 9.57 -40.07 8.23
CA SER B 67 11.03 -39.93 8.09
C SER B 67 11.49 -39.70 6.63
N GLY B 68 12.70 -39.20 6.48
CA GLY B 68 13.27 -39.01 5.16
C GLY B 68 13.50 -40.34 4.47
N ALA B 69 13.94 -41.34 5.23
CA ALA B 69 14.20 -42.64 4.65
C ALA B 69 12.90 -43.19 4.06
N HIS B 70 11.79 -42.89 4.74
CA HIS B 70 10.49 -43.34 4.26
C HIS B 70 10.08 -42.70 2.94
N ARG B 71 10.30 -41.40 2.80
CA ARG B 71 9.93 -40.72 1.57
C ARG B 71 10.89 -41.08 0.46
N ALA B 72 12.12 -41.41 0.84
CA ALA B 72 13.16 -41.78 -0.12
C ALA B 72 12.75 -42.97 -0.96
N THR B 73 11.88 -43.83 -0.42
CA THR B 73 11.46 -45.00 -1.18
C THR B 73 10.48 -44.63 -2.29
N TYR B 74 9.58 -43.69 -2.02
CA TYR B 74 8.71 -43.18 -3.06
C TYR B 74 9.54 -42.47 -4.14
N LEU B 75 10.52 -41.69 -3.70
CA LEU B 75 11.45 -41.07 -4.61
C LEU B 75 12.17 -42.13 -5.46
N ARG B 76 12.77 -43.10 -4.80
CA ARG B 76 13.53 -44.16 -5.48
C ARG B 76 12.61 -44.88 -6.45
N ALA B 77 11.36 -45.05 -6.03
CA ALA B 77 10.37 -45.75 -6.85
C ALA B 77 10.04 -44.92 -8.07
N ILE B 78 9.75 -43.63 -7.85
CA ILE B 78 9.45 -42.74 -8.97
C ILE B 78 10.58 -42.77 -10.01
N ALA B 79 11.82 -42.73 -9.55
CA ALA B 79 12.98 -42.80 -10.41
C ALA B 79 12.96 -44.08 -11.23
N ALA B 80 12.64 -45.18 -10.57
CA ALA B 80 12.57 -46.48 -11.23
C ALA B 80 11.47 -46.50 -12.29
N LYS B 81 10.29 -46.02 -11.92
CA LYS B 81 9.15 -45.98 -12.84
C LYS B 81 9.47 -45.17 -14.08
N ILE B 82 10.12 -44.02 -13.90
CA ILE B 82 10.48 -43.16 -15.01
C ILE B 82 11.48 -43.86 -15.93
N THR B 83 12.45 -44.57 -15.35
CA THR B 83 13.45 -45.30 -16.13
C THR B 83 12.77 -46.41 -16.92
N GLU B 84 11.73 -46.98 -16.31
CA GLU B 84 10.93 -48.01 -16.94
C GLU B 84 10.14 -47.46 -18.13
N LYS B 85 9.29 -46.46 -17.91
CA LYS B 85 8.53 -45.89 -19.01
C LYS B 85 9.35 -44.90 -19.78
N LYS B 86 10.65 -45.08 -19.77
CA LYS B 86 11.59 -44.17 -20.42
C LYS B 86 11.16 -43.79 -21.83
N ASP B 87 11.21 -44.77 -22.74
CA ASP B 87 10.81 -44.57 -24.13
C ASP B 87 9.57 -43.68 -24.28
N HIS B 88 8.55 -44.00 -23.50
CA HIS B 88 7.29 -43.27 -23.59
C HIS B 88 7.45 -41.80 -23.26
N PHE B 89 8.22 -41.50 -22.22
CA PHE B 89 8.44 -40.12 -21.80
C PHE B 89 9.27 -39.36 -22.81
N VAL B 90 10.42 -39.92 -23.19
CA VAL B 90 11.35 -39.20 -24.05
C VAL B 90 10.71 -38.83 -25.39
N LYS B 91 9.82 -39.67 -25.87
CA LYS B 91 9.14 -39.36 -27.10
C LYS B 91 8.14 -38.26 -26.89
N LEU B 92 7.33 -38.33 -25.86
CA LEU B 92 6.37 -37.28 -25.59
C LEU B 92 7.07 -35.94 -25.41
N GLU B 93 8.23 -35.99 -24.79
CA GLU B 93 9.00 -34.78 -24.52
C GLU B 93 9.48 -34.17 -25.84
N THR B 94 9.94 -35.03 -26.74
CA THR B 94 10.48 -34.57 -28.01
C THR B 94 9.42 -33.85 -28.82
N ILE B 95 8.21 -34.38 -28.85
CA ILE B 95 7.17 -33.76 -29.67
C ILE B 95 6.60 -32.57 -28.95
N ASP B 96 6.65 -32.60 -27.63
CA ASP B 96 6.15 -31.49 -26.83
C ASP B 96 7.13 -30.31 -26.83
N SER B 97 8.43 -30.56 -26.80
CA SER B 97 9.36 -29.44 -26.65
C SER B 97 9.97 -28.95 -27.97
N GLY B 98 10.03 -29.84 -28.97
CA GLY B 98 10.69 -29.53 -30.23
C GLY B 98 12.18 -29.75 -30.10
N LYS B 99 12.57 -30.39 -29.02
CA LYS B 99 13.97 -30.63 -28.84
C LYS B 99 14.43 -31.89 -29.51
N PRO B 100 15.64 -31.87 -30.00
CA PRO B 100 16.21 -33.07 -30.63
C PRO B 100 16.02 -34.33 -29.76
N PHE B 101 15.51 -35.40 -30.36
CA PHE B 101 15.25 -36.65 -29.67
C PHE B 101 16.40 -37.09 -28.79
N ASP B 102 17.62 -36.88 -29.27
CA ASP B 102 18.81 -37.28 -28.52
C ASP B 102 18.97 -36.46 -27.24
N GLU B 103 18.45 -35.24 -27.24
CA GLU B 103 18.56 -34.42 -26.09
C GLU B 103 17.54 -34.90 -25.12
N ALA B 104 16.34 -35.16 -25.60
CA ALA B 104 15.25 -35.64 -24.75
C ALA B 104 15.64 -36.90 -23.99
N VAL B 105 16.45 -37.76 -24.60
CA VAL B 105 16.89 -38.98 -23.92
C VAL B 105 17.71 -38.64 -22.69
N LEU B 106 18.53 -37.60 -22.80
CA LEU B 106 19.31 -37.12 -21.66
C LEU B 106 18.43 -36.52 -20.56
N ASP B 107 17.51 -35.64 -20.94
CA ASP B 107 16.53 -35.10 -20.00
C ASP B 107 15.96 -36.20 -19.11
N ILE B 108 15.38 -37.23 -19.74
CA ILE B 108 14.65 -38.27 -19.01
C ILE B 108 15.55 -39.14 -18.12
N ASP B 109 16.75 -39.44 -18.58
CA ASP B 109 17.75 -40.07 -17.72
C ASP B 109 18.03 -39.17 -16.53
N ASP B 110 18.09 -37.88 -16.80
CA ASP B 110 18.37 -36.86 -15.80
C ASP B 110 17.27 -36.74 -14.73
N VAL B 111 16.00 -36.76 -15.12
CA VAL B 111 14.95 -36.75 -14.10
C VAL B 111 15.05 -37.96 -13.17
N ALA B 112 15.20 -39.14 -13.75
CA ALA B 112 15.43 -40.35 -12.97
C ALA B 112 16.57 -40.13 -11.99
N SER B 113 17.72 -39.72 -12.53
CA SER B 113 18.90 -39.50 -11.72
C SER B 113 18.69 -38.42 -10.64
N CYS B 114 17.84 -37.43 -10.94
CA CYS B 114 17.55 -36.36 -10.00
C CYS B 114 16.80 -36.89 -8.75
N PHE B 115 15.73 -37.65 -8.98
CA PHE B 115 14.98 -38.28 -7.88
C PHE B 115 15.86 -39.16 -7.02
N GLU B 116 16.76 -39.91 -7.65
CA GLU B 116 17.66 -40.76 -6.89
C GLU B 116 18.60 -39.94 -6.02
N TYR B 117 19.08 -38.83 -6.56
CA TYR B 117 19.98 -38.00 -5.78
C TYR B 117 19.24 -37.45 -4.58
N PHE B 118 17.97 -37.06 -4.78
CA PHE B 118 17.19 -36.49 -3.68
C PHE B 118 16.65 -37.53 -2.70
N ALA B 119 16.49 -38.76 -3.18
CA ALA B 119 16.24 -39.86 -2.27
C ALA B 119 17.40 -39.90 -1.27
N GLY B 120 18.62 -39.82 -1.79
CA GLY B 120 19.79 -39.76 -0.92
C GLY B 120 19.71 -38.60 0.06
N GLN B 121 19.34 -37.44 -0.44
CA GLN B 121 19.19 -36.22 0.37
C GLN B 121 18.19 -36.40 1.52
N ALA B 122 17.01 -36.90 1.18
CA ALA B 122 15.99 -37.19 2.17
C ALA B 122 16.56 -38.13 3.23
N GLU B 123 17.30 -39.14 2.79
CA GLU B 123 17.91 -40.08 3.73
C GLU B 123 18.93 -39.42 4.63
N ALA B 124 19.68 -38.46 4.10
CA ALA B 124 20.67 -37.75 4.91
C ALA B 124 19.98 -36.76 5.84
N LEU B 125 18.80 -36.31 5.46
CA LEU B 125 18.00 -35.43 6.31
C LEU B 125 17.87 -36.02 7.73
N ASP B 126 17.55 -37.31 7.82
CA ASP B 126 17.50 -38.00 9.11
C ASP B 126 18.91 -37.98 9.69
N GLY B 127 19.02 -37.79 11.00
CA GLY B 127 20.36 -37.79 11.57
C GLY B 127 21.09 -36.48 11.34
N LYS B 128 20.51 -35.62 10.54
CA LYS B 128 20.82 -34.25 10.60
C LYS B 128 19.87 -33.73 11.67
N GLN B 129 18.82 -34.48 11.94
CA GLN B 129 17.81 -34.09 12.90
C GLN B 129 18.39 -34.10 14.29
N LYS B 130 18.01 -33.09 15.09
CA LYS B 130 18.51 -32.98 16.45
C LYS B 130 20.03 -32.82 16.47
N ALA B 131 20.61 -32.33 15.39
CA ALA B 131 22.02 -31.96 15.40
C ALA B 131 22.25 -30.98 16.53
N PRO B 132 23.28 -31.23 17.34
CA PRO B 132 23.56 -30.37 18.49
C PRO B 132 24.26 -29.08 18.08
N VAL B 133 23.91 -27.98 18.75
CA VAL B 133 24.68 -26.75 18.69
C VAL B 133 25.20 -26.47 20.09
N THR B 134 26.49 -26.16 20.20
CA THR B 134 27.10 -25.95 21.50
C THR B 134 26.87 -24.54 22.03
N LEU B 135 26.32 -24.44 23.24
CA LEU B 135 26.15 -23.15 23.89
C LEU B 135 27.24 -22.95 24.93
N PRO B 136 27.55 -21.68 25.25
CA PRO B 136 28.49 -21.38 26.35
C PRO B 136 27.97 -21.93 27.68
N MET B 137 26.92 -21.34 28.19
CA MET B 137 26.36 -21.82 29.39
C MET B 137 26.17 -23.32 29.44
N GLU B 138 26.34 -23.90 30.61
CA GLU B 138 26.00 -25.30 30.83
C GLU B 138 24.50 -25.42 31.07
N ARG B 139 23.90 -24.32 31.49
CA ARG B 139 22.48 -24.27 31.84
C ARG B 139 21.57 -24.73 30.68
N PHE B 140 22.01 -24.45 29.45
CA PHE B 140 21.14 -24.67 28.28
C PHE B 140 21.75 -25.65 27.28
N LYS B 141 20.88 -26.49 26.73
CA LYS B 141 21.23 -27.40 25.63
C LYS B 141 20.47 -26.99 24.36
N SER B 142 21.06 -27.23 23.19
CA SER B 142 20.40 -26.82 21.95
C SER B 142 20.68 -27.74 20.78
N HIS B 143 19.66 -27.98 19.96
CA HIS B 143 19.82 -28.71 18.71
C HIS B 143 18.98 -28.10 17.59
N VAL B 144 19.14 -28.65 16.38
CA VAL B 144 18.37 -28.16 15.25
C VAL B 144 17.49 -29.24 14.68
N LEU B 145 16.21 -28.92 14.50
CA LEU B 145 15.28 -29.77 13.75
C LEU B 145 15.11 -29.21 12.35
N ARG B 146 14.92 -30.09 11.37
CA ARG B 146 14.73 -29.68 9.98
C ARG B 146 13.43 -30.25 9.45
N GLN B 147 12.40 -29.41 9.43
CA GLN B 147 11.05 -29.88 9.15
C GLN B 147 10.57 -29.27 7.84
N PRO B 148 9.58 -29.88 7.21
CA PRO B 148 9.00 -29.31 5.98
C PRO B 148 8.33 -27.97 6.30
N LEU B 149 8.36 -27.03 5.37
CA LEU B 149 7.74 -25.73 5.58
C LEU B 149 6.24 -25.85 5.52
N GLY B 150 5.78 -26.83 4.75
CA GLY B 150 4.36 -27.04 4.53
C GLY B 150 3.99 -27.21 3.08
N VAL B 151 3.04 -26.42 2.61
CA VAL B 151 2.56 -26.52 1.24
C VAL B 151 3.32 -25.54 0.34
N VAL B 152 3.90 -26.04 -0.74
CA VAL B 152 4.74 -25.22 -1.58
C VAL B 152 4.26 -25.19 -3.04
N GLY B 153 4.30 -24.01 -3.64
CA GLY B 153 3.95 -23.85 -5.04
C GLY B 153 5.22 -23.94 -5.87
N LEU B 154 5.21 -24.83 -6.86
CA LEU B 154 6.33 -25.01 -7.76
C LEU B 154 5.96 -24.55 -9.18
N ILE B 155 6.74 -23.65 -9.76
CA ILE B 155 6.42 -23.15 -11.09
C ILE B 155 7.64 -23.23 -12.01
N SER B 156 7.51 -24.01 -13.08
CA SER B 156 8.64 -24.34 -13.94
C SER B 156 8.41 -24.00 -15.42
N PRO B 157 9.52 -23.93 -16.20
CA PRO B 157 9.52 -23.54 -17.60
C PRO B 157 9.49 -24.73 -18.57
N TRP B 158 9.30 -24.44 -19.86
CA TRP B 158 9.11 -25.45 -20.90
C TRP B 158 10.40 -26.02 -21.52
N ASN B 159 11.54 -25.37 -21.28
CA ASN B 159 12.76 -25.76 -21.98
C ASN B 159 13.36 -27.12 -21.59
N TYR B 160 12.93 -27.66 -20.46
CA TYR B 160 13.18 -29.06 -20.12
C TYR B 160 12.01 -29.51 -19.26
N PRO B 161 10.86 -29.79 -19.89
CA PRO B 161 9.57 -29.87 -19.19
C PRO B 161 9.62 -30.68 -17.88
N LEU B 162 10.05 -31.93 -17.93
CA LEU B 162 10.01 -32.75 -16.74
C LEU B 162 11.22 -32.52 -15.84
N LEU B 163 12.41 -32.44 -16.43
CA LEU B 163 13.62 -32.17 -15.65
C LEU B 163 13.49 -30.90 -14.79
N MET B 164 13.11 -29.77 -15.39
CA MET B 164 12.93 -28.53 -14.62
C MET B 164 11.89 -28.71 -13.51
N ALA B 165 10.80 -29.41 -13.82
CA ALA B 165 9.79 -29.70 -12.80
C ALA B 165 10.32 -30.62 -11.64
N THR B 166 11.06 -31.67 -11.98
CA THR B 166 11.61 -32.50 -10.93
C THR B 166 12.72 -31.80 -10.13
N TRP B 167 13.31 -30.74 -10.70
CA TRP B 167 14.29 -29.94 -9.95
C TRP B 167 13.60 -29.34 -8.72
N LYS B 168 12.28 -29.24 -8.80
CA LYS B 168 11.50 -28.71 -7.71
C LYS B 168 10.81 -29.83 -6.95
N ILE B 169 10.15 -30.74 -7.68
CA ILE B 169 9.41 -31.83 -7.06
C ILE B 169 10.26 -32.68 -6.11
N ALA B 170 11.40 -33.17 -6.60
CA ALA B 170 12.27 -34.03 -5.80
C ALA B 170 12.73 -33.45 -4.45
N PRO B 171 13.26 -32.21 -4.44
CA PRO B 171 13.67 -31.63 -3.15
C PRO B 171 12.43 -31.33 -2.26
N ALA B 172 11.35 -30.89 -2.88
CA ALA B 172 10.15 -30.61 -2.11
C ALA B 172 9.68 -31.85 -1.36
N LEU B 173 9.57 -32.98 -2.08
CA LEU B 173 9.05 -34.18 -1.48
C LEU B 173 10.06 -34.73 -0.48
N ALA B 174 11.34 -34.64 -0.82
CA ALA B 174 12.38 -35.17 0.04
C ALA B 174 12.29 -34.50 1.41
N ALA B 175 11.86 -33.25 1.43
CA ALA B 175 11.85 -32.46 2.65
C ALA B 175 10.63 -32.70 3.49
N GLY B 176 9.60 -33.29 2.91
CA GLY B 176 8.37 -33.58 3.63
C GLY B 176 7.24 -32.62 3.34
N CYS B 177 7.42 -31.74 2.36
CA CYS B 177 6.41 -30.78 1.98
C CYS B 177 5.44 -31.48 1.07
N THR B 178 4.27 -30.85 0.87
CA THR B 178 3.35 -31.25 -0.19
C THR B 178 3.32 -30.09 -1.17
N ALA B 179 2.92 -30.35 -2.40
CA ALA B 179 3.16 -29.36 -3.44
C ALA B 179 2.06 -29.21 -4.47
N VAL B 180 2.04 -28.06 -5.13
CA VAL B 180 1.26 -27.84 -6.32
C VAL B 180 2.19 -27.41 -7.45
N LEU B 181 2.25 -28.24 -8.48
CA LEU B 181 3.09 -28.01 -9.64
C LEU B 181 2.28 -27.31 -10.73
N LYS B 182 2.83 -26.22 -11.26
CA LYS B 182 2.24 -25.53 -12.40
C LYS B 182 3.30 -25.40 -13.50
N PRO B 183 3.32 -26.34 -14.45
CA PRO B 183 4.33 -26.36 -15.52
C PRO B 183 3.97 -25.36 -16.60
N SER B 184 4.90 -25.13 -17.54
CA SER B 184 4.62 -24.17 -18.61
C SER B 184 3.45 -24.62 -19.49
N GLU B 185 2.65 -23.68 -19.93
CA GLU B 185 1.54 -23.96 -20.82
C GLU B 185 2.02 -24.34 -22.18
N LEU B 186 3.27 -24.10 -22.44
CA LEU B 186 3.92 -24.49 -23.67
C LEU B 186 4.57 -25.86 -23.60
N ALA B 187 4.28 -26.68 -22.59
CA ALA B 187 4.95 -27.99 -22.49
C ALA B 187 4.57 -28.77 -21.25
N SER B 188 3.31 -29.16 -21.19
CA SER B 188 2.74 -29.74 -19.99
C SER B 188 2.53 -31.25 -20.05
N VAL B 189 2.59 -31.85 -21.23
CA VAL B 189 2.22 -33.27 -21.35
C VAL B 189 3.02 -34.23 -20.47
N THR B 190 4.36 -34.23 -20.56
CA THR B 190 5.12 -35.12 -19.69
C THR B 190 4.77 -34.89 -18.23
N CYS B 191 4.62 -33.61 -17.85
CA CYS B 191 4.32 -33.27 -16.47
C CYS B 191 2.96 -33.82 -16.04
N LEU B 192 1.96 -33.67 -16.89
CA LEU B 192 0.66 -34.28 -16.62
C LEU B 192 0.83 -35.79 -16.53
N GLU B 193 1.63 -36.35 -17.44
CA GLU B 193 1.85 -37.78 -17.44
C GLU B 193 2.53 -38.24 -16.15
N PHE B 194 3.19 -37.32 -15.47
CA PHE B 194 3.86 -37.65 -14.22
C PHE B 194 2.82 -37.95 -13.15
N GLY B 195 1.62 -37.41 -13.31
CA GLY B 195 0.54 -37.67 -12.36
C GLY B 195 0.30 -39.15 -12.17
N GLU B 196 0.23 -39.88 -13.28
CA GLU B 196 0.02 -41.32 -13.25
C GLU B 196 1.14 -42.00 -12.45
N VAL B 197 2.38 -41.64 -12.76
CA VAL B 197 3.53 -42.20 -12.08
C VAL B 197 3.38 -42.19 -10.56
N CYS B 198 2.80 -41.11 -10.05
CA CYS B 198 2.63 -40.95 -8.60
C CYS B 198 1.67 -42.00 -8.09
N ASN B 199 0.53 -42.11 -8.76
CA ASN B 199 -0.44 -43.13 -8.42
C ASN B 199 0.19 -44.50 -8.49
N GLU B 200 1.00 -44.73 -9.50
CA GLU B 200 1.62 -46.04 -9.68
C GLU B 200 2.65 -46.39 -8.60
N VAL B 201 3.26 -45.38 -7.98
CA VAL B 201 4.24 -45.64 -6.91
C VAL B 201 3.60 -45.53 -5.54
N GLY B 202 2.34 -45.11 -5.52
CA GLY B 202 1.57 -45.03 -4.29
C GLY B 202 1.73 -43.74 -3.51
N LEU B 203 2.13 -42.65 -4.16
CA LEU B 203 2.20 -41.38 -3.45
C LEU B 203 0.85 -41.10 -2.82
N PRO B 204 0.83 -40.75 -1.52
CA PRO B 204 -0.48 -40.40 -0.94
C PRO B 204 -1.13 -39.32 -1.78
N PRO B 205 -2.46 -39.23 -1.72
CA PRO B 205 -3.18 -38.24 -2.51
C PRO B 205 -2.97 -36.85 -1.95
N GLY B 206 -2.71 -35.88 -2.82
CA GLY B 206 -2.61 -34.49 -2.40
C GLY B 206 -1.18 -34.09 -2.08
N VAL B 207 -0.29 -35.08 -2.09
CA VAL B 207 1.10 -34.83 -1.81
C VAL B 207 1.78 -34.11 -2.97
N LEU B 208 1.43 -34.50 -4.19
CA LEU B 208 1.79 -33.73 -5.38
C LEU B 208 0.56 -33.49 -6.23
N ASN B 209 0.27 -32.22 -6.48
CA ASN B 209 -0.84 -31.88 -7.35
C ASN B 209 -0.32 -31.16 -8.59
N ILE B 210 -0.96 -31.36 -9.73
CA ILE B 210 -0.48 -30.82 -10.97
C ILE B 210 -1.53 -30.00 -11.71
N LEU B 211 -1.37 -28.68 -11.69
CA LEU B 211 -2.27 -27.79 -12.42
C LEU B 211 -1.58 -27.25 -13.67
N THR B 212 -2.09 -27.62 -14.85
CA THR B 212 -1.61 -27.02 -16.07
C THR B 212 -2.50 -25.84 -16.39
N GLY B 213 -1.98 -24.90 -17.16
CA GLY B 213 -2.72 -23.69 -17.45
C GLY B 213 -1.79 -22.53 -17.76
N LEU B 214 -2.37 -21.36 -18.02
CA LEU B 214 -1.58 -20.19 -18.36
C LEU B 214 -0.96 -19.55 -17.12
N GLY B 215 0.17 -18.86 -17.31
CA GLY B 215 0.86 -18.20 -16.22
C GLY B 215 -0.05 -17.36 -15.34
N PRO B 216 -0.75 -16.39 -15.95
CA PRO B 216 -1.68 -15.46 -15.27
C PRO B 216 -2.86 -16.13 -14.62
N ASP B 217 -3.37 -17.19 -15.23
CA ASP B 217 -4.62 -17.80 -14.78
C ASP B 217 -4.41 -18.88 -13.73
N ALA B 218 -3.28 -19.61 -13.85
CA ALA B 218 -2.98 -20.73 -12.96
C ALA B 218 -1.85 -20.41 -11.97
N GLY B 219 -0.76 -19.84 -12.48
CA GLY B 219 0.43 -19.55 -11.69
C GLY B 219 0.26 -18.41 -10.70
N ALA B 220 -0.20 -17.27 -11.19
CA ALA B 220 -0.43 -16.11 -10.33
C ALA B 220 -1.27 -16.44 -9.08
N PRO B 221 -2.37 -17.20 -9.25
CA PRO B 221 -3.21 -17.53 -8.09
C PRO B 221 -2.51 -18.49 -7.15
N LEU B 222 -1.66 -19.35 -7.71
CA LEU B 222 -0.84 -20.25 -6.92
C LEU B 222 0.04 -19.42 -6.00
N VAL B 223 0.72 -18.40 -6.55
CA VAL B 223 1.71 -17.68 -5.73
C VAL B 223 1.07 -16.74 -4.73
N SER B 224 -0.04 -16.13 -5.09
CA SER B 224 -0.75 -15.25 -4.14
C SER B 224 -1.66 -15.96 -3.10
N HIS B 225 -1.82 -17.28 -3.23
CA HIS B 225 -2.69 -18.01 -2.30
C HIS B 225 -2.18 -17.95 -0.85
N PRO B 226 -3.08 -17.66 0.10
CA PRO B 226 -2.79 -17.43 1.51
C PRO B 226 -2.38 -18.71 2.27
N ASP B 227 -2.60 -19.87 1.68
CA ASP B 227 -2.21 -21.10 2.36
C ASP B 227 -1.06 -21.83 1.67
N VAL B 228 -0.37 -21.15 0.75
CA VAL B 228 0.88 -21.66 0.22
C VAL B 228 2.00 -20.98 1.00
N ASP B 229 2.90 -21.78 1.57
CA ASP B 229 3.90 -21.24 2.48
C ASP B 229 5.19 -20.76 1.81
N LYS B 230 5.41 -21.12 0.57
CA LYS B 230 6.69 -20.90 -0.09
C LYS B 230 6.52 -21.12 -1.60
N ILE B 231 7.17 -20.30 -2.40
CA ILE B 231 7.11 -20.43 -3.85
C ILE B 231 8.49 -20.75 -4.43
N ALA B 232 8.58 -21.77 -5.27
CA ALA B 232 9.83 -22.02 -5.99
C ALA B 232 9.60 -21.72 -7.46
N PHE B 233 10.24 -20.64 -7.94
CA PHE B 233 10.00 -20.15 -9.29
C PHE B 233 11.23 -20.20 -10.20
N THR B 234 11.03 -20.74 -11.41
CA THR B 234 12.02 -20.66 -12.46
C THR B 234 11.37 -20.11 -13.70
N GLY B 235 12.02 -19.15 -14.34
CA GLY B 235 11.41 -18.43 -15.45
C GLY B 235 12.16 -17.15 -15.78
N SER B 236 11.47 -16.20 -16.41
CA SER B 236 12.15 -15.01 -16.85
C SER B 236 12.29 -14.04 -15.70
N SER B 237 13.30 -13.18 -15.80
CA SER B 237 13.54 -12.21 -14.75
C SER B 237 12.32 -11.30 -14.58
N ALA B 238 11.72 -10.91 -15.70
CA ALA B 238 10.56 -10.03 -15.66
C ALA B 238 9.46 -10.70 -14.88
N THR B 239 9.26 -11.99 -15.11
CA THR B 239 8.18 -12.70 -14.43
C THR B 239 8.59 -12.89 -12.97
N GLY B 240 9.87 -13.17 -12.74
CA GLY B 240 10.35 -13.38 -11.39
C GLY B 240 9.99 -12.19 -10.52
N SER B 241 10.24 -11.00 -11.04
CA SER B 241 9.94 -9.78 -10.32
C SER B 241 8.46 -9.73 -9.94
N LYS B 242 7.61 -10.23 -10.82
CA LYS B 242 6.19 -10.22 -10.64
C LYS B 242 5.79 -11.20 -9.57
N VAL B 243 6.39 -12.37 -9.56
CA VAL B 243 5.99 -13.37 -8.57
C VAL B 243 6.52 -13.02 -7.20
N MET B 244 7.65 -12.33 -7.15
CA MET B 244 8.22 -11.96 -5.88
C MET B 244 7.42 -10.82 -5.24
N ALA B 245 6.92 -9.91 -6.06
CA ALA B 245 6.10 -8.81 -5.55
C ALA B 245 4.81 -9.35 -4.97
N SER B 246 4.21 -10.31 -5.66
CA SER B 246 3.00 -10.99 -5.18
C SER B 246 3.28 -11.73 -3.86
N ALA B 247 4.38 -12.48 -3.81
CA ALA B 247 4.74 -13.23 -2.62
C ALA B 247 5.00 -12.29 -1.46
N ALA B 248 5.43 -11.07 -1.77
CA ALA B 248 5.74 -10.09 -0.73
C ALA B 248 4.50 -9.67 0.08
N GLN B 249 3.33 -9.81 -0.52
CA GLN B 249 2.11 -9.42 0.12
C GLN B 249 1.93 -10.20 1.39
N LEU B 250 2.35 -11.45 1.38
CA LEU B 250 2.23 -12.34 2.52
C LEU B 250 3.60 -12.73 3.09
N VAL B 251 4.60 -11.92 2.77
CA VAL B 251 5.96 -12.16 3.25
C VAL B 251 6.28 -13.65 3.10
N LYS B 252 5.93 -14.16 1.94
CA LYS B 252 6.17 -15.54 1.59
C LYS B 252 7.58 -15.76 0.99
N PRO B 253 8.32 -16.75 1.49
CA PRO B 253 9.68 -17.07 1.00
C PRO B 253 9.62 -17.44 -0.47
N VAL B 254 10.73 -17.25 -1.16
CA VAL B 254 10.75 -17.39 -2.60
C VAL B 254 12.18 -17.74 -2.99
N THR B 255 12.34 -18.64 -3.96
CA THR B 255 13.61 -18.82 -4.67
C THR B 255 13.34 -18.47 -6.13
N LEU B 256 14.26 -17.74 -6.76
CA LEU B 256 14.08 -17.29 -8.13
C LEU B 256 15.25 -17.70 -9.00
N GLU B 257 14.98 -18.53 -9.99
N GLU B 257 15.00 -18.55 -9.96
CA GLU B 257 15.98 -18.84 -11.01
CA GLU B 257 15.95 -18.84 -11.00
C GLU B 257 15.54 -18.21 -12.33
C GLU B 257 15.52 -18.19 -12.33
N LEU B 258 16.26 -17.17 -12.75
CA LEU B 258 15.77 -16.30 -13.83
C LEU B 258 16.59 -16.17 -15.13
N GLY B 259 17.49 -17.09 -15.37
CA GLY B 259 18.20 -16.97 -16.64
C GLY B 259 19.06 -15.73 -16.78
N GLY B 260 19.56 -15.48 -17.98
CA GLY B 260 20.57 -14.44 -18.13
C GLY B 260 21.13 -14.17 -19.51
N LYS B 261 22.39 -13.73 -19.52
CA LYS B 261 23.11 -13.40 -20.74
C LYS B 261 24.58 -13.76 -20.43
N SER B 262 24.86 -15.06 -20.39
CA SER B 262 26.14 -15.52 -19.84
C SER B 262 27.28 -15.43 -20.83
N PRO B 263 28.44 -14.98 -20.38
CA PRO B 263 29.58 -14.85 -21.28
C PRO B 263 30.33 -16.17 -21.40
N ILE B 264 30.95 -16.38 -22.55
CA ILE B 264 32.00 -17.38 -22.71
C ILE B 264 33.24 -16.62 -23.18
N VAL B 265 34.27 -16.58 -22.33
CA VAL B 265 35.51 -15.92 -22.74
C VAL B 265 36.60 -16.94 -23.11
N VAL B 266 37.16 -16.78 -24.31
CA VAL B 266 38.17 -17.70 -24.84
C VAL B 266 39.49 -16.95 -25.02
N PHE B 267 40.54 -17.43 -24.35
CA PHE B 267 41.87 -16.88 -24.51
C PHE B 267 42.65 -17.57 -25.63
N GLU B 268 43.76 -16.95 -26.03
CA GLU B 268 44.59 -17.42 -27.13
C GLU B 268 44.99 -18.90 -27.01
N ASP B 269 45.44 -19.31 -25.83
CA ASP B 269 46.00 -20.63 -25.58
C ASP B 269 44.97 -21.77 -25.44
N VAL B 270 44.21 -22.03 -26.50
CA VAL B 270 43.17 -23.07 -26.45
C VAL B 270 43.12 -23.92 -27.71
N ASP B 271 42.74 -25.17 -27.57
CA ASP B 271 42.51 -26.05 -28.71
C ASP B 271 41.22 -25.62 -29.40
N ILE B 272 41.33 -24.68 -30.31
CA ILE B 272 40.14 -23.96 -30.81
C ILE B 272 39.07 -24.82 -31.49
N ASP B 273 39.31 -26.11 -31.65
CA ASP B 273 38.29 -26.96 -32.23
C ASP B 273 37.39 -27.56 -31.16
N LYS B 274 38.02 -27.86 -30.05
CA LYS B 274 37.40 -28.36 -28.85
C LYS B 274 36.48 -27.28 -28.38
N VAL B 275 37.10 -26.17 -28.06
CA VAL B 275 36.39 -25.03 -27.48
C VAL B 275 35.28 -24.56 -28.39
N VAL B 276 35.52 -24.55 -29.69
CA VAL B 276 34.49 -24.21 -30.66
C VAL B 276 33.28 -25.13 -30.51
N GLU B 277 33.50 -26.40 -30.21
CA GLU B 277 32.37 -27.31 -30.10
C GLU B 277 31.51 -26.93 -28.91
N TRP B 278 32.19 -26.56 -27.83
CA TRP B 278 31.57 -26.14 -26.58
C TRP B 278 30.78 -24.82 -26.72
N THR B 279 31.35 -23.88 -27.44
CA THR B 279 30.67 -22.65 -27.70
C THR B 279 29.40 -22.83 -28.51
N ILE B 280 29.38 -23.78 -29.41
CA ILE B 280 28.14 -24.15 -30.10
C ILE B 280 27.14 -24.80 -29.14
N PHE B 281 27.65 -25.68 -28.29
CA PHE B 281 26.83 -26.36 -27.31
C PHE B 281 26.22 -25.34 -26.35
N GLY B 282 27.04 -24.37 -25.96
CA GLY B 282 26.67 -23.40 -24.95
C GLY B 282 25.60 -22.44 -25.41
N CYS B 283 25.36 -22.35 -26.71
CA CYS B 283 24.46 -21.33 -27.21
C CYS B 283 23.41 -21.84 -28.19
N PHE B 284 23.65 -23.01 -28.77
CA PHE B 284 22.71 -23.55 -29.77
C PHE B 284 21.96 -24.79 -29.33
N TRP B 285 22.55 -25.54 -28.42
CA TRP B 285 21.94 -26.73 -27.84
C TRP B 285 20.60 -26.42 -27.17
N THR B 286 19.71 -27.39 -27.07
CA THR B 286 18.35 -27.10 -26.60
C THR B 286 17.75 -26.01 -27.50
N ASN B 287 18.23 -25.93 -28.74
CA ASN B 287 17.69 -24.97 -29.69
C ASN B 287 17.86 -23.54 -29.21
N GLY B 288 18.93 -23.30 -28.45
CA GLY B 288 19.25 -21.96 -27.99
C GLY B 288 18.50 -21.54 -26.74
N GLN B 289 17.60 -22.40 -26.27
CA GLN B 289 16.72 -22.11 -25.16
C GLN B 289 17.31 -22.61 -23.84
N ILE B 290 18.50 -22.10 -23.51
CA ILE B 290 19.21 -22.46 -22.29
C ILE B 290 19.27 -21.26 -21.38
N CYS B 291 18.91 -21.48 -20.11
CA CYS B 291 18.95 -20.41 -19.15
C CYS B 291 20.39 -19.90 -19.04
N SER B 292 21.33 -20.84 -19.01
CA SER B 292 22.74 -20.52 -18.80
C SER B 292 23.49 -20.36 -20.13
N ALA B 293 22.73 -20.28 -21.22
CA ALA B 293 23.29 -20.13 -22.56
C ALA B 293 24.47 -19.16 -22.58
N THR B 294 25.65 -19.65 -22.97
CA THR B 294 26.80 -18.74 -23.10
C THR B 294 26.63 -18.04 -24.44
N SER B 295 25.78 -17.01 -24.45
CA SER B 295 25.32 -16.39 -25.68
C SER B 295 26.14 -15.13 -26.03
N ARG B 296 27.20 -14.89 -25.28
CA ARG B 296 28.12 -13.82 -25.58
C ARG B 296 29.55 -14.37 -25.60
N LEU B 297 30.17 -14.35 -26.78
CA LEU B 297 31.51 -14.86 -26.97
C LEU B 297 32.50 -13.72 -26.88
N LEU B 298 33.40 -13.79 -25.90
CA LEU B 298 34.50 -12.83 -25.81
C LEU B 298 35.81 -13.54 -26.13
N VAL B 299 36.18 -13.54 -27.41
CA VAL B 299 37.37 -14.24 -27.87
C VAL B 299 38.52 -13.28 -28.09
N HIS B 300 39.73 -13.70 -27.71
CA HIS B 300 40.92 -12.89 -27.92
C HIS B 300 41.13 -12.61 -29.42
N GLU B 301 41.44 -11.36 -29.76
CA GLU B 301 41.66 -10.93 -31.14
C GLU B 301 42.66 -11.86 -31.86
N SER B 302 43.71 -12.25 -31.13
CA SER B 302 44.62 -13.29 -31.54
C SER B 302 43.95 -14.35 -32.41
N ILE B 303 43.25 -15.29 -31.78
CA ILE B 303 42.59 -16.37 -32.49
C ILE B 303 41.28 -15.94 -33.11
N ALA B 304 40.90 -14.69 -32.89
CA ALA B 304 39.59 -14.18 -33.29
C ALA B 304 39.14 -14.75 -34.63
N ALA B 305 39.76 -14.29 -35.72
CA ALA B 305 39.59 -14.92 -37.02
C ALA B 305 40.30 -16.28 -36.98
N GLU B 306 39.60 -17.30 -37.48
CA GLU B 306 40.01 -18.71 -37.39
C GLU B 306 39.05 -19.37 -36.43
N PHE B 307 39.04 -18.89 -35.19
CA PHE B 307 38.05 -19.35 -34.22
C PHE B 307 36.69 -19.19 -34.86
N VAL B 308 36.39 -17.95 -35.26
CA VAL B 308 35.10 -17.66 -35.82
C VAL B 308 34.92 -18.47 -37.10
N ASP B 309 35.99 -18.71 -37.80
CA ASP B 309 35.89 -19.51 -39.03
C ASP B 309 35.55 -20.98 -38.77
N LYS B 310 36.37 -21.63 -37.98
CA LYS B 310 36.02 -22.98 -37.55
C LYS B 310 34.61 -22.96 -36.97
N LEU B 311 34.30 -21.85 -36.28
CA LEU B 311 33.00 -21.66 -35.66
C LEU B 311 31.89 -21.75 -36.70
N VAL B 312 31.93 -20.86 -37.69
CA VAL B 312 30.91 -20.89 -38.74
C VAL B 312 30.91 -22.26 -39.42
N LYS B 313 32.09 -22.86 -39.54
CA LYS B 313 32.22 -24.18 -40.16
C LYS B 313 31.44 -25.23 -39.38
N TRP B 314 31.74 -25.34 -38.08
CA TRP B 314 31.05 -26.25 -37.19
C TRP B 314 29.53 -26.08 -37.17
N THR B 315 29.07 -24.84 -36.97
CA THR B 315 27.63 -24.61 -36.92
C THR B 315 26.96 -24.89 -38.26
N LYS B 316 27.69 -24.58 -39.34
CA LYS B 316 27.27 -24.92 -40.70
C LYS B 316 27.04 -26.42 -40.80
N ASN B 317 27.75 -27.15 -39.94
CA ASN B 317 27.74 -28.61 -39.93
C ASN B 317 26.61 -29.23 -39.07
N ILE B 318 25.79 -28.39 -38.46
CA ILE B 318 24.73 -28.85 -37.56
C ILE B 318 23.45 -29.23 -38.31
N LYS B 319 23.08 -30.50 -38.21
CA LYS B 319 21.88 -30.99 -38.88
C LYS B 319 20.60 -30.40 -38.28
N ILE B 320 20.08 -29.35 -38.88
CA ILE B 320 18.82 -28.79 -38.43
C ILE B 320 17.67 -29.48 -39.14
N SER B 321 16.90 -30.26 -38.38
CA SER B 321 15.79 -31.04 -38.93
C SER B 321 14.72 -31.29 -37.90
N ASP B 322 13.69 -32.04 -38.30
CA ASP B 322 12.66 -32.46 -37.36
C ASP B 322 13.33 -33.29 -36.27
N PRO B 323 12.91 -33.08 -35.01
CA PRO B 323 13.52 -33.69 -33.82
C PRO B 323 13.63 -35.23 -33.88
N PHE B 324 12.61 -35.88 -34.44
CA PHE B 324 12.57 -37.34 -34.53
C PHE B 324 13.49 -37.92 -35.59
N GLU B 325 13.81 -37.13 -36.61
CA GLU B 325 14.72 -37.56 -37.66
C GLU B 325 16.08 -37.91 -37.06
N GLU B 326 16.53 -39.13 -37.34
CA GLU B 326 17.81 -39.57 -36.85
C GLU B 326 18.92 -38.60 -37.26
N GLY B 327 19.85 -38.36 -36.35
CA GLY B 327 20.95 -37.45 -36.60
C GLY B 327 20.63 -35.98 -36.33
N CYS B 328 19.38 -35.68 -35.99
CA CYS B 328 18.95 -34.29 -35.75
C CYS B 328 19.67 -33.64 -34.57
N ARG B 329 20.41 -32.57 -34.84
CA ARG B 329 21.15 -31.86 -33.80
C ARG B 329 20.54 -30.48 -33.47
N LEU B 330 19.36 -30.20 -34.02
CA LEU B 330 18.72 -28.90 -33.82
C LEU B 330 17.27 -28.95 -34.32
N GLY B 331 16.32 -28.72 -33.42
CA GLY B 331 14.92 -28.68 -33.78
C GLY B 331 14.34 -27.28 -33.83
N PRO B 332 13.01 -27.16 -33.85
CA PRO B 332 12.34 -25.86 -33.88
C PRO B 332 12.31 -25.24 -32.50
N VAL B 333 12.23 -23.92 -32.42
CA VAL B 333 11.97 -23.28 -31.14
C VAL B 333 10.56 -23.65 -30.71
N ILE B 334 10.28 -23.40 -29.43
CA ILE B 334 9.09 -23.94 -28.77
C ILE B 334 7.74 -23.55 -29.38
N SER B 335 7.65 -22.33 -29.87
CA SER B 335 6.34 -21.82 -30.21
C SER B 335 6.42 -20.71 -31.23
N LYS B 336 5.25 -20.36 -31.75
CA LYS B 336 5.11 -19.25 -32.69
C LYS B 336 5.59 -17.92 -32.07
N GLY B 337 5.13 -17.67 -30.84
CA GLY B 337 5.48 -16.45 -30.14
C GLY B 337 6.97 -16.31 -29.93
N GLN B 338 7.61 -17.38 -29.47
CA GLN B 338 9.06 -17.40 -29.34
C GLN B 338 9.76 -17.19 -30.69
N TYR B 339 9.27 -17.91 -31.70
CA TYR B 339 9.75 -17.74 -33.06
C TYR B 339 9.77 -16.25 -33.45
N ASP B 340 8.62 -15.60 -33.34
CA ASP B 340 8.53 -14.18 -33.65
C ASP B 340 9.52 -13.34 -32.83
N LYS B 341 9.55 -13.57 -31.52
CA LYS B 341 10.44 -12.83 -30.64
C LYS B 341 11.88 -12.96 -31.15
N ILE B 342 12.34 -14.20 -31.34
CA ILE B 342 13.72 -14.42 -31.77
C ILE B 342 14.01 -13.73 -33.11
N MET B 343 13.11 -13.90 -34.06
CA MET B 343 13.22 -13.23 -35.35
C MET B 343 13.39 -11.71 -35.16
N LYS B 344 12.51 -11.10 -34.40
CA LYS B 344 12.60 -9.68 -34.13
C LYS B 344 13.95 -9.27 -33.53
N PHE B 345 14.40 -10.00 -32.55
CA PHE B 345 15.74 -9.75 -32.03
C PHE B 345 16.75 -9.66 -33.17
N ILE B 346 16.60 -10.54 -34.15
CA ILE B 346 17.48 -10.57 -35.32
C ILE B 346 17.32 -9.32 -36.19
N SER B 347 16.08 -8.99 -36.56
N SER B 347 16.11 -9.01 -36.61
CA SER B 347 15.77 -7.75 -37.29
CA SER B 347 15.83 -7.80 -37.30
C SER B 347 16.40 -6.52 -36.63
C SER B 347 16.42 -6.54 -36.60
N THR B 348 16.05 -6.28 -35.36
CA THR B 348 16.47 -5.06 -34.71
C THR B 348 17.99 -5.07 -34.50
N ALA B 349 18.60 -6.24 -34.63
CA ALA B 349 20.06 -6.34 -34.52
C ALA B 349 20.69 -5.90 -35.83
N LYS B 350 20.11 -6.37 -36.94
CA LYS B 350 20.47 -5.86 -38.25
C LYS B 350 20.27 -4.35 -38.20
N SER B 351 19.05 -3.93 -37.93
CA SER B 351 18.69 -2.50 -37.85
C SER B 351 19.63 -1.67 -36.97
N GLU B 352 20.18 -2.27 -35.93
CA GLU B 352 21.07 -1.55 -35.03
C GLU B 352 22.50 -1.50 -35.57
N GLY B 353 22.76 -2.29 -36.62
CA GLY B 353 24.02 -2.22 -37.31
C GLY B 353 24.99 -3.37 -37.05
N ALA B 354 24.51 -4.45 -36.45
CA ALA B 354 25.37 -5.60 -36.26
C ALA B 354 25.43 -6.41 -37.54
N THR B 355 26.41 -7.30 -37.63
CA THR B 355 26.57 -8.14 -38.81
C THR B 355 26.06 -9.55 -38.58
N ILE B 356 25.12 -9.99 -39.42
CA ILE B 356 24.70 -11.38 -39.37
C ILE B 356 25.65 -12.28 -40.16
N LEU B 357 26.81 -12.55 -39.56
CA LEU B 357 27.86 -13.39 -40.15
C LEU B 357 27.50 -14.88 -40.31
N TYR B 358 26.21 -15.18 -40.41
CA TYR B 358 25.68 -16.54 -40.62
C TYR B 358 24.31 -16.80 -39.99
N GLY B 359 23.37 -17.35 -40.72
CA GLY B 359 22.01 -17.54 -40.26
C GLY B 359 21.24 -16.25 -40.18
N GLY B 360 20.37 -16.12 -39.17
CA GLY B 360 19.52 -14.96 -39.04
C GLY B 360 18.23 -15.12 -39.82
N SER B 361 18.04 -16.31 -40.37
CA SER B 361 16.89 -16.56 -41.20
C SER B 361 16.37 -17.98 -41.03
N ARG B 362 15.19 -18.22 -41.59
CA ARG B 362 14.60 -19.55 -41.64
C ARG B 362 15.57 -20.48 -42.38
N PRO B 363 15.56 -21.78 -42.05
CA PRO B 363 16.32 -22.70 -42.91
C PRO B 363 15.59 -22.80 -44.24
N GLU B 364 16.18 -23.49 -45.21
CA GLU B 364 15.53 -23.62 -46.52
C GLU B 364 14.74 -24.91 -46.68
N HIS B 365 15.34 -26.00 -46.26
CA HIS B 365 14.75 -27.31 -46.37
C HIS B 365 13.58 -27.56 -45.44
N LEU B 366 13.35 -26.64 -44.53
CA LEU B 366 12.19 -26.67 -43.66
C LEU B 366 11.25 -25.53 -44.02
N LYS B 367 10.01 -25.87 -44.37
CA LYS B 367 9.07 -24.90 -44.91
C LYS B 367 7.94 -24.61 -43.93
N LYS B 368 7.72 -25.55 -43.02
CA LYS B 368 6.81 -25.36 -41.89
C LYS B 368 7.55 -25.63 -40.57
N GLY B 369 6.98 -25.20 -39.46
CA GLY B 369 7.61 -25.39 -38.16
C GLY B 369 8.48 -24.22 -37.78
N TYR B 370 8.61 -23.96 -36.47
CA TYR B 370 9.27 -22.75 -36.00
C TYR B 370 10.80 -22.85 -36.06
N TYR B 371 11.31 -23.15 -37.24
CA TYR B 371 12.74 -23.38 -37.43
C TYR B 371 13.55 -22.09 -37.66
N ILE B 372 14.73 -22.04 -37.07
CA ILE B 372 15.60 -20.87 -37.14
C ILE B 372 17.03 -21.33 -37.18
N GLU B 373 17.82 -20.75 -38.06
CA GLU B 373 19.19 -21.21 -38.26
C GLU B 373 20.07 -20.82 -37.10
N PRO B 374 21.01 -21.68 -36.73
CA PRO B 374 22.00 -21.24 -35.75
C PRO B 374 22.54 -19.94 -36.30
N THR B 375 22.71 -18.93 -35.46
CA THR B 375 23.04 -17.60 -35.94
C THR B 375 24.28 -17.04 -35.25
N ILE B 376 25.20 -16.49 -36.03
CA ILE B 376 26.39 -15.87 -35.47
C ILE B 376 26.34 -14.40 -35.84
N VAL B 377 26.42 -13.51 -34.85
CA VAL B 377 26.41 -12.09 -35.17
C VAL B 377 27.64 -11.35 -34.62
N THR B 378 28.21 -10.50 -35.46
CA THR B 378 29.43 -9.77 -35.14
C THR B 378 29.28 -8.28 -35.40
N ASP B 379 30.37 -7.55 -35.19
CA ASP B 379 30.34 -6.10 -35.28
C ASP B 379 29.32 -5.62 -34.25
N ILE B 380 29.59 -6.00 -33.00
CA ILE B 380 28.68 -5.76 -31.91
C ILE B 380 29.09 -4.54 -31.11
N SER B 381 28.11 -3.74 -30.70
CA SER B 381 28.34 -2.66 -29.74
C SER B 381 27.75 -3.11 -28.40
N THR B 382 28.39 -2.74 -27.31
CA THR B 382 27.86 -3.07 -26.00
C THR B 382 26.61 -2.23 -25.75
N SER B 383 26.21 -1.45 -26.75
CA SER B 383 25.01 -0.62 -26.65
CA SER B 383 25.01 -0.64 -26.63
C SER B 383 23.81 -1.30 -27.29
N MET B 384 24.06 -2.31 -28.10
CA MET B 384 23.03 -2.99 -28.85
C MET B 384 22.13 -3.91 -28.02
N GLN B 385 20.87 -3.99 -28.40
CA GLN B 385 19.92 -4.81 -27.70
C GLN B 385 20.34 -6.26 -27.64
N ILE B 386 20.77 -6.78 -28.78
CA ILE B 386 21.21 -8.18 -28.89
C ILE B 386 22.27 -8.52 -27.84
N TRP B 387 23.07 -7.51 -27.43
CA TRP B 387 24.13 -7.70 -26.46
C TRP B 387 23.62 -7.80 -25.01
N LYS B 388 22.53 -7.11 -24.73
CA LYS B 388 22.01 -7.05 -23.36
C LYS B 388 20.90 -8.08 -23.10
N GLU B 389 19.93 -8.13 -24.01
CA GLU B 389 18.73 -8.93 -23.86
C GLU B 389 18.89 -10.44 -24.10
N GLU B 390 18.39 -11.24 -23.17
N GLU B 390 18.38 -11.23 -23.18
CA GLU B 390 18.33 -12.68 -23.39
CA GLU B 390 18.30 -12.66 -23.41
C GLU B 390 17.43 -12.96 -24.59
C GLU B 390 17.44 -12.90 -24.64
N VAL B 391 17.98 -13.65 -25.60
CA VAL B 391 17.24 -13.94 -26.82
C VAL B 391 16.45 -15.24 -26.70
N PHE B 392 17.09 -16.24 -26.10
CA PHE B 392 16.50 -17.55 -25.90
C PHE B 392 16.17 -18.24 -27.22
N GLY B 393 17.05 -18.01 -28.20
CA GLY B 393 17.01 -18.69 -29.48
C GLY B 393 18.44 -19.07 -29.81
N PRO B 394 18.64 -19.80 -30.89
CA PRO B 394 19.98 -20.20 -31.32
C PRO B 394 20.81 -19.01 -31.85
N VAL B 395 21.08 -18.03 -31.01
CA VAL B 395 21.67 -16.78 -31.48
C VAL B 395 22.85 -16.32 -30.63
N LEU B 396 24.03 -16.28 -31.24
CA LEU B 396 25.29 -16.02 -30.55
C LEU B 396 25.87 -14.69 -30.98
N CYS B 397 26.42 -13.95 -30.04
CA CYS B 397 27.03 -12.64 -30.29
C CYS B 397 28.53 -12.74 -30.08
N VAL B 398 29.31 -12.11 -30.96
CA VAL B 398 30.77 -12.16 -30.81
C VAL B 398 31.43 -10.80 -30.73
N LYS B 399 32.27 -10.64 -29.72
CA LYS B 399 33.14 -9.48 -29.64
C LYS B 399 34.54 -9.97 -29.22
N THR B 400 35.56 -9.16 -29.50
CA THR B 400 36.92 -9.55 -29.19
C THR B 400 37.50 -8.67 -28.08
N PHE B 401 38.59 -9.15 -27.48
CA PHE B 401 39.22 -8.36 -26.44
C PHE B 401 40.75 -8.37 -26.55
N SER B 402 41.37 -7.35 -25.99
CA SER B 402 42.82 -7.28 -25.94
C SER B 402 43.33 -7.75 -24.58
N SER B 403 42.92 -7.07 -23.52
CA SER B 403 43.43 -7.37 -22.18
C SER B 403 42.60 -8.43 -21.44
N GLU B 404 43.22 -9.04 -20.44
CA GLU B 404 42.53 -10.02 -19.61
C GLU B 404 41.38 -9.35 -18.87
N ASP B 405 41.69 -8.16 -18.39
CA ASP B 405 40.79 -7.24 -17.72
C ASP B 405 39.69 -6.61 -18.57
N GLU B 406 39.82 -6.68 -19.88
CA GLU B 406 38.79 -6.19 -20.74
C GLU B 406 37.90 -7.36 -21.03
N ALA B 407 38.41 -8.57 -20.86
CA ALA B 407 37.53 -9.73 -21.00
C ALA B 407 36.62 -9.75 -19.79
N ILE B 408 37.23 -9.52 -18.63
CA ILE B 408 36.53 -9.52 -17.34
C ILE B 408 35.47 -8.42 -17.27
N ALA B 409 35.86 -7.20 -17.58
CA ALA B 409 34.95 -6.06 -17.53
C ALA B 409 33.78 -6.28 -18.49
N LEU B 410 34.10 -6.87 -19.63
CA LEU B 410 33.16 -7.01 -20.72
C LEU B 410 32.20 -8.13 -20.38
N ALA B 411 32.68 -9.12 -19.63
CA ALA B 411 31.87 -10.27 -19.24
C ALA B 411 30.85 -9.87 -18.16
N ASN B 412 31.32 -9.06 -17.22
CA ASN B 412 30.50 -8.60 -16.11
C ASN B 412 29.59 -7.45 -16.52
N ASP B 413 29.65 -7.10 -17.80
CA ASP B 413 28.90 -5.97 -18.33
C ASP B 413 27.44 -6.33 -18.64
N THR B 414 26.77 -6.96 -17.68
CA THR B 414 25.33 -7.25 -17.79
C THR B 414 24.65 -7.11 -16.45
N GLU B 415 23.36 -6.88 -16.51
CA GLU B 415 22.49 -6.87 -15.36
C GLU B 415 22.23 -8.29 -14.88
N TYR B 416 22.56 -9.27 -15.70
CA TYR B 416 22.37 -10.68 -15.37
C TYR B 416 23.59 -11.24 -14.64
N GLY B 417 23.52 -12.50 -14.23
CA GLY B 417 24.60 -13.07 -13.48
C GLY B 417 24.38 -14.52 -13.14
N LEU B 418 23.86 -15.26 -14.11
CA LEU B 418 23.64 -16.69 -13.95
C LEU B 418 24.93 -17.52 -14.06
N ALA B 419 25.40 -17.74 -15.28
CA ALA B 419 26.59 -18.55 -15.51
C ALA B 419 27.70 -17.81 -16.29
N ALA B 420 28.82 -18.48 -16.47
CA ALA B 420 29.88 -18.00 -17.36
C ALA B 420 30.81 -19.17 -17.69
N ALA B 421 31.47 -19.10 -18.83
CA ALA B 421 32.41 -20.14 -19.24
C ALA B 421 33.72 -19.50 -19.69
N VAL B 422 34.84 -19.97 -19.15
CA VAL B 422 36.15 -19.43 -19.51
C VAL B 422 37.04 -20.54 -20.06
N PHE B 423 37.65 -20.27 -21.21
CA PHE B 423 38.53 -21.25 -21.86
C PHE B 423 39.96 -20.76 -21.95
N SER B 424 40.88 -21.64 -21.57
CA SER B 424 42.31 -21.32 -21.52
C SER B 424 43.05 -22.49 -20.88
N ASN B 425 44.20 -22.84 -21.45
CA ASN B 425 44.99 -23.92 -20.88
C ASN B 425 45.87 -23.42 -19.74
N ASP B 426 45.97 -22.10 -19.62
CA ASP B 426 46.59 -21.47 -18.45
C ASP B 426 45.61 -21.51 -17.28
N LEU B 427 45.83 -22.42 -16.35
CA LEU B 427 44.86 -22.65 -15.28
C LEU B 427 44.90 -21.59 -14.19
N GLU B 428 46.09 -21.04 -13.93
CA GLU B 428 46.21 -19.91 -13.01
C GLU B 428 45.36 -18.75 -13.53
N ARG B 429 45.30 -18.62 -14.85
CA ARG B 429 44.49 -17.59 -15.49
C ARG B 429 43.01 -17.94 -15.32
N CYS B 430 42.67 -19.22 -15.47
CA CYS B 430 41.31 -19.66 -15.29
C CYS B 430 40.79 -19.34 -13.88
N GLU B 431 41.50 -19.79 -12.86
CA GLU B 431 41.10 -19.49 -11.49
C GLU B 431 40.87 -18.01 -11.26
N ARG B 432 41.76 -17.18 -11.80
CA ARG B 432 41.66 -15.72 -11.65
C ARG B 432 40.37 -15.18 -12.28
N ILE B 433 40.00 -15.72 -13.43
CA ILE B 433 38.78 -15.30 -14.12
C ILE B 433 37.51 -15.83 -13.40
N THR B 434 37.58 -17.07 -12.92
CA THR B 434 36.40 -17.65 -12.30
C THR B 434 36.07 -16.85 -11.05
N LYS B 435 37.09 -16.34 -10.40
CA LYS B 435 36.91 -15.59 -9.19
C LYS B 435 36.30 -14.23 -9.44
N ALA B 436 36.54 -13.71 -10.62
CA ALA B 436 36.16 -12.34 -10.92
C ALA B 436 34.79 -12.25 -11.58
N LEU B 437 34.31 -13.36 -12.10
CA LEU B 437 33.03 -13.36 -12.78
C LEU B 437 31.85 -13.14 -11.82
N GLU B 438 31.08 -12.09 -12.07
CA GLU B 438 29.90 -11.80 -11.24
C GLU B 438 28.75 -12.72 -11.60
N VAL B 439 28.79 -13.92 -11.05
CA VAL B 439 28.04 -15.03 -11.58
C VAL B 439 27.84 -16.13 -10.53
N GLY B 440 26.85 -16.98 -10.70
CA GLY B 440 26.62 -18.07 -9.77
C GLY B 440 27.22 -19.41 -10.16
N ALA B 441 27.52 -19.58 -11.44
CA ALA B 441 28.18 -20.80 -11.94
C ALA B 441 29.21 -20.47 -13.01
N VAL B 442 30.46 -20.86 -12.78
CA VAL B 442 31.54 -20.66 -13.72
C VAL B 442 32.05 -22.02 -14.24
N TRP B 443 31.94 -22.23 -15.55
CA TRP B 443 32.54 -23.39 -16.21
C TRP B 443 33.97 -23.09 -16.69
N VAL B 444 34.91 -23.98 -16.36
CA VAL B 444 36.30 -23.87 -16.80
C VAL B 444 36.62 -24.90 -17.88
N ASN B 445 36.84 -24.42 -19.10
CA ASN B 445 37.15 -25.27 -20.27
C ASN B 445 36.01 -26.23 -20.64
N CYS B 446 34.78 -25.75 -20.41
CA CYS B 446 33.58 -26.38 -20.98
C CYS B 446 32.45 -25.34 -20.88
N SER B 447 31.23 -25.75 -21.21
CA SER B 447 30.10 -24.85 -21.09
C SER B 447 28.79 -25.62 -21.08
N GLN B 448 28.00 -25.40 -20.02
CA GLN B 448 26.66 -25.97 -19.86
C GLN B 448 26.50 -27.23 -18.99
N PRO B 449 27.58 -27.96 -18.70
CA PRO B 449 27.36 -29.18 -17.92
C PRO B 449 26.80 -28.88 -16.52
N CYS B 450 25.56 -29.32 -16.29
N CYS B 450 25.55 -29.29 -16.28
CA CYS B 450 24.88 -29.03 -15.02
CA CYS B 450 24.90 -29.01 -15.00
C CYS B 450 24.53 -30.31 -14.26
C CYS B 450 24.54 -30.30 -14.27
N PHE B 451 25.31 -30.61 -13.24
CA PHE B 451 25.14 -31.84 -12.47
C PHE B 451 24.31 -31.62 -11.23
N VAL B 452 23.39 -32.55 -10.97
CA VAL B 452 22.52 -32.46 -9.81
C VAL B 452 23.30 -32.43 -8.49
N GLN B 453 24.56 -32.88 -8.51
CA GLN B 453 25.40 -32.84 -7.31
C GLN B 453 25.80 -31.44 -6.85
N ALA B 454 25.72 -30.45 -7.74
CA ALA B 454 26.28 -29.12 -7.46
C ALA B 454 25.22 -28.03 -7.30
N PRO B 455 25.49 -27.06 -6.42
CA PRO B 455 24.49 -26.01 -6.18
C PRO B 455 24.26 -25.20 -7.47
N TRP B 456 23.01 -24.83 -7.76
CA TRP B 456 22.72 -24.11 -8.99
C TRP B 456 21.82 -22.87 -8.83
N GLY B 457 22.35 -21.71 -9.20
CA GLY B 457 21.57 -20.48 -9.25
C GLY B 457 22.38 -19.26 -9.60
N GLY B 458 21.71 -18.12 -9.68
CA GLY B 458 22.37 -16.90 -10.11
C GLY B 458 22.51 -15.81 -9.06
N ILE B 459 23.04 -14.66 -9.51
CA ILE B 459 23.02 -13.44 -8.71
C ILE B 459 22.57 -12.30 -9.63
N LYS B 460 22.51 -11.08 -9.10
CA LYS B 460 22.04 -9.93 -9.87
C LYS B 460 20.65 -10.22 -10.47
N ARG B 461 20.39 -9.78 -11.69
CA ARG B 461 19.05 -9.96 -12.25
C ARG B 461 18.71 -11.41 -12.51
N SER B 462 19.70 -12.29 -12.39
CA SER B 462 19.45 -13.72 -12.61
C SER B 462 18.73 -14.37 -11.41
N GLY B 463 18.57 -13.61 -10.32
CA GLY B 463 17.84 -14.04 -9.15
C GLY B 463 18.70 -14.41 -7.94
N PHE B 464 18.23 -15.39 -7.17
CA PHE B 464 18.87 -15.80 -5.92
C PHE B 464 18.34 -17.12 -5.41
N GLY B 465 19.06 -17.69 -4.45
CA GLY B 465 18.78 -19.04 -4.00
C GLY B 465 19.55 -20.04 -4.86
N ARG B 466 19.89 -21.17 -4.25
CA ARG B 466 20.54 -22.26 -4.97
C ARG B 466 19.68 -23.52 -4.91
N GLU B 467 19.34 -24.06 -6.07
CA GLU B 467 18.69 -25.35 -6.17
C GLU B 467 19.75 -26.44 -6.38
N LEU B 468 19.28 -27.69 -6.43
CA LEU B 468 20.16 -28.87 -6.61
C LEU B 468 21.22 -29.03 -5.51
N GLY B 469 22.09 -30.03 -5.70
CA GLY B 469 23.14 -30.34 -4.73
C GLY B 469 22.62 -30.48 -3.31
N GLU B 470 23.45 -30.09 -2.36
CA GLU B 470 23.10 -30.14 -0.95
C GLU B 470 22.34 -28.88 -0.51
N TRP B 471 22.06 -28.00 -1.46
CA TRP B 471 21.33 -26.75 -1.19
C TRP B 471 19.84 -26.91 -1.53
N GLY B 472 19.55 -27.73 -2.53
CA GLY B 472 18.20 -27.98 -2.99
C GLY B 472 17.16 -28.19 -1.90
N ILE B 473 17.36 -29.22 -1.09
CA ILE B 473 16.42 -29.60 -0.05
C ILE B 473 16.20 -28.49 0.99
N GLN B 474 17.20 -27.64 1.18
CA GLN B 474 17.16 -26.61 2.23
C GLN B 474 16.06 -25.59 1.95
N ASN B 475 15.76 -25.34 0.68
CA ASN B 475 14.77 -24.33 0.34
C ASN B 475 13.37 -24.71 0.83
N TYR B 476 13.16 -25.97 1.17
CA TYR B 476 11.83 -26.43 1.52
C TYR B 476 11.71 -26.81 3.00
N LEU B 477 12.71 -26.40 3.79
CA LEU B 477 12.74 -26.71 5.22
C LEU B 477 12.51 -25.53 6.15
N ASN B 478 11.86 -25.81 7.27
CA ASN B 478 11.91 -24.92 8.42
C ASN B 478 13.07 -25.34 9.28
N ILE B 479 14.08 -24.47 9.39
CA ILE B 479 15.19 -24.73 10.27
C ILE B 479 14.76 -24.30 11.67
N LYS B 480 14.40 -25.26 12.51
CA LYS B 480 13.85 -24.96 13.83
C LYS B 480 14.90 -25.18 14.90
N GLN B 481 15.17 -24.12 15.64
CA GLN B 481 16.05 -24.18 16.80
C GLN B 481 15.22 -24.67 17.96
N VAL B 482 15.75 -25.62 18.72
CA VAL B 482 15.19 -25.95 20.02
C VAL B 482 16.27 -25.92 21.09
N THR B 483 16.08 -25.07 22.10
CA THR B 483 17.05 -24.95 23.18
C THR B 483 16.34 -25.04 24.54
N GLN B 484 16.86 -25.89 25.41
CA GLN B 484 16.14 -26.23 26.64
C GLN B 484 16.98 -25.99 27.86
N ASP B 485 16.30 -25.64 28.95
CA ASP B 485 16.98 -25.47 30.22
C ASP B 485 17.05 -26.81 30.94
N ILE B 486 18.27 -27.20 31.32
CA ILE B 486 18.47 -28.47 31.99
C ILE B 486 18.90 -28.30 33.45
N SER B 487 18.86 -27.07 33.95
CA SER B 487 19.35 -26.75 35.28
C SER B 487 18.33 -26.95 36.41
N ASP B 488 17.05 -26.82 36.08
CA ASP B 488 15.98 -26.84 37.08
C ASP B 488 16.22 -25.86 38.24
N GLU B 489 16.98 -24.81 37.96
CA GLU B 489 17.16 -23.69 38.88
C GLU B 489 16.38 -22.49 38.36
N PRO B 490 16.07 -21.53 39.24
CA PRO B 490 15.29 -20.38 38.78
C PRO B 490 16.16 -19.48 37.92
N TRP B 491 15.57 -18.84 36.93
CA TRP B 491 16.33 -17.94 36.05
C TRP B 491 17.16 -16.96 36.88
N GLY B 492 16.55 -16.45 37.94
CA GLY B 492 17.24 -15.59 38.90
C GLY B 492 17.47 -14.19 38.41
N TRP B 493 16.54 -13.68 37.60
CA TRP B 493 16.65 -12.34 37.06
C TRP B 493 15.75 -11.39 37.86
N TYR B 494 14.61 -11.89 38.31
CA TYR B 494 13.65 -11.10 39.06
C TYR B 494 13.72 -11.43 40.57
N LYS B 495 12.85 -10.81 41.33
CA LYS B 495 12.84 -11.01 42.74
C LYS B 495 11.51 -11.60 43.10
N SER B 496 11.49 -12.52 44.05
CA SER B 496 10.27 -13.20 44.45
C SER B 496 9.57 -12.61 45.66
N PHE C 3 -31.73 -1.65 -38.09
CA PHE C 3 -32.76 -1.85 -37.11
C PHE C 3 -33.18 -0.53 -36.53
N PRO C 4 -34.25 -0.54 -35.75
CA PRO C 4 -34.79 0.70 -35.16
C PRO C 4 -34.32 0.91 -33.73
N ILE C 5 -34.16 2.18 -33.34
CA ILE C 5 -33.73 2.52 -32.00
C ILE C 5 -34.83 2.21 -30.97
N PRO C 6 -34.62 2.64 -29.74
CA PRO C 6 -35.59 2.39 -28.66
C PRO C 6 -36.41 3.63 -28.34
N ALA C 7 -37.66 3.65 -28.78
CA ALA C 7 -38.56 4.77 -28.48
C ALA C 7 -39.06 4.67 -27.04
N ARG C 8 -38.32 5.30 -26.13
CA ARG C 8 -38.64 5.23 -24.74
C ARG C 8 -39.25 6.48 -24.25
N GLN C 9 -39.67 6.39 -23.02
CA GLN C 9 -40.15 7.55 -22.24
C GLN C 9 -39.31 7.79 -20.97
N LEU C 10 -39.73 8.63 -20.06
CA LEU C 10 -38.93 8.78 -18.85
C LEU C 10 -39.19 7.68 -17.83
N PHE C 11 -38.16 7.24 -17.16
CA PHE C 11 -38.31 6.24 -16.13
C PHE C 11 -38.43 6.87 -14.76
N ILE C 12 -39.63 6.86 -14.21
CA ILE C 12 -39.85 7.43 -12.92
C ILE C 12 -40.78 6.54 -12.12
N ASP C 13 -40.41 6.22 -10.89
CA ASP C 13 -41.12 5.29 -10.03
C ASP C 13 -41.38 4.04 -10.77
N GLY C 14 -40.36 3.43 -11.33
CA GLY C 14 -40.54 2.09 -11.87
C GLY C 14 -41.35 1.96 -13.15
N GLU C 15 -42.02 3.04 -13.55
CA GLU C 15 -42.87 3.01 -14.74
C GLU C 15 -42.57 4.17 -15.70
N TRP C 16 -42.94 3.99 -16.98
CA TRP C 16 -42.63 4.98 -18.01
C TRP C 16 -43.60 6.12 -18.06
N ARG C 17 -43.10 7.33 -17.88
CA ARG C 17 -43.93 8.48 -17.80
C ARG C 17 -43.58 9.42 -18.94
N GLU C 18 -44.50 10.33 -19.28
CA GLU C 18 -44.25 11.30 -20.33
C GLU C 18 -43.85 12.63 -19.70
N PRO C 19 -42.86 13.31 -20.30
CA PRO C 19 -42.53 14.66 -19.85
C PRO C 19 -43.77 15.52 -19.68
N ILE C 20 -43.88 16.19 -18.54
CA ILE C 20 -45.03 17.02 -18.23
C ILE C 20 -45.25 18.12 -19.26
N LYS C 21 -44.19 18.48 -19.99
CA LYS C 21 -44.32 19.46 -21.06
C LYS C 21 -44.24 18.79 -22.41
N LYS C 22 -44.15 17.47 -22.37
CA LYS C 22 -44.24 16.61 -23.55
C LYS C 22 -43.21 16.90 -24.67
N ASN C 23 -42.15 17.63 -24.35
CA ASN C 23 -41.10 17.92 -25.33
C ASN C 23 -40.16 16.73 -25.52
N ARG C 24 -39.59 16.65 -26.72
CA ARG C 24 -38.62 15.60 -27.03
C ARG C 24 -37.48 16.14 -27.90
N ILE C 25 -36.39 15.40 -27.97
N ILE C 25 -36.42 15.36 -27.99
CA ILE C 25 -35.25 15.85 -28.76
CA ILE C 25 -35.19 15.78 -28.67
C ILE C 25 -34.67 14.71 -29.59
C ILE C 25 -34.64 14.67 -29.56
N PRO C 26 -34.06 15.06 -30.72
CA PRO C 26 -33.50 14.09 -31.66
C PRO C 26 -32.32 13.31 -31.09
N VAL C 27 -32.25 12.04 -31.44
CA VAL C 27 -31.00 11.31 -31.35
C VAL C 27 -30.51 11.19 -32.78
N ILE C 28 -29.19 11.25 -32.97
CA ILE C 28 -28.61 11.39 -34.30
C ILE C 28 -27.38 10.52 -34.50
N ASN C 29 -27.36 9.67 -35.52
CA ASN C 29 -26.16 8.89 -35.77
C ASN C 29 -25.00 9.79 -36.18
N PRO C 30 -23.91 9.78 -35.40
CA PRO C 30 -22.78 10.65 -35.74
C PRO C 30 -22.21 10.30 -37.12
N SER C 31 -22.46 9.08 -37.56
CA SER C 31 -21.93 8.57 -38.82
C SER C 31 -22.76 8.98 -40.04
N THR C 32 -24.03 9.29 -39.84
CA THR C 32 -24.94 9.55 -40.95
C THR C 32 -25.57 10.94 -40.90
N GLU C 33 -25.33 11.68 -39.83
CA GLU C 33 -25.94 12.99 -39.59
C GLU C 33 -27.46 12.91 -39.57
N GLU C 34 -27.98 11.70 -39.47
CA GLU C 34 -29.40 11.38 -39.67
C GLU C 34 -30.23 11.14 -38.43
N ILE C 35 -31.25 11.95 -38.18
CA ILE C 35 -31.99 11.70 -36.96
C ILE C 35 -32.60 10.29 -37.01
N ILE C 36 -32.16 9.43 -36.10
CA ILE C 36 -32.53 8.04 -36.12
C ILE C 36 -33.49 7.71 -34.97
N GLY C 37 -33.99 8.74 -34.31
CA GLY C 37 -34.80 8.50 -33.13
C GLY C 37 -35.12 9.71 -32.28
N ASP C 38 -35.64 9.44 -31.10
CA ASP C 38 -36.34 10.45 -30.33
C ASP C 38 -36.23 10.15 -28.82
N ILE C 39 -35.83 11.13 -28.01
CA ILE C 39 -35.78 10.94 -26.55
C ILE C 39 -36.59 11.99 -25.79
N PRO C 40 -37.15 11.63 -24.64
CA PRO C 40 -37.94 12.57 -23.85
C PRO C 40 -37.06 13.74 -23.47
N ALA C 41 -37.64 14.91 -23.27
CA ALA C 41 -36.87 16.07 -22.85
C ALA C 41 -37.38 16.53 -21.51
N ALA C 42 -36.91 15.89 -20.45
CA ALA C 42 -37.32 16.23 -19.10
C ALA C 42 -37.14 17.72 -18.82
N THR C 43 -38.04 18.26 -18.00
CA THR C 43 -37.98 19.65 -17.60
C THR C 43 -38.12 19.66 -16.07
N ALA C 44 -37.92 20.82 -15.46
CA ALA C 44 -37.92 20.92 -14.01
C ALA C 44 -39.10 20.23 -13.32
N GLU C 45 -40.26 20.27 -13.97
CA GLU C 45 -41.46 19.69 -13.39
C GLU C 45 -41.33 18.17 -13.25
N ASP C 46 -40.61 17.56 -14.19
CA ASP C 46 -40.34 16.13 -14.17
C ASP C 46 -39.34 15.81 -13.07
N VAL C 47 -38.40 16.71 -12.85
CA VAL C 47 -37.42 16.51 -11.80
C VAL C 47 -38.17 16.43 -10.47
N GLU C 48 -39.17 17.30 -10.31
CA GLU C 48 -39.98 17.37 -9.10
C GLU C 48 -40.60 16.01 -8.79
N VAL C 49 -41.29 15.43 -9.76
CA VAL C 49 -41.97 14.17 -9.49
C VAL C 49 -40.93 13.07 -9.28
N ALA C 50 -39.81 13.18 -9.99
CA ALA C 50 -38.74 12.20 -9.88
C ALA C 50 -38.09 12.15 -8.50
N VAL C 51 -37.81 13.29 -7.91
CA VAL C 51 -37.16 13.31 -6.62
C VAL C 51 -38.16 12.81 -5.62
N VAL C 52 -39.40 13.23 -5.80
CA VAL C 52 -40.49 12.81 -4.94
C VAL C 52 -40.57 11.27 -4.88
N ALA C 53 -40.59 10.64 -6.05
CA ALA C 53 -40.53 9.19 -6.12
C ALA C 53 -39.32 8.66 -5.38
N ALA C 54 -38.18 9.32 -5.60
CA ALA C 54 -36.94 8.90 -4.99
C ALA C 54 -36.99 9.04 -3.47
N ARG C 55 -37.59 10.13 -2.99
CA ARG C 55 -37.62 10.40 -1.56
C ARG C 55 -38.53 9.38 -0.87
N ARG C 56 -39.68 9.14 -1.49
CA ARG C 56 -40.62 8.15 -1.01
C ARG C 56 -39.95 6.79 -0.95
N ALA C 57 -39.24 6.44 -2.02
CA ALA C 57 -38.60 5.13 -2.10
C ALA C 57 -37.54 5.00 -1.00
N PHE C 58 -36.87 6.11 -0.72
CA PHE C 58 -35.86 6.12 0.33
C PHE C 58 -36.50 5.89 1.71
N ARG C 59 -37.69 6.44 1.90
CA ARG C 59 -38.38 6.34 3.18
C ARG C 59 -38.91 4.94 3.47
N ARG C 60 -39.13 4.14 2.44
CA ARG C 60 -39.59 2.77 2.52
C ARG C 60 -38.62 1.81 3.19
N ASN C 61 -39.08 1.05 4.18
CA ASN C 61 -38.17 0.16 4.89
C ASN C 61 -37.82 -1.00 3.97
N ASN C 62 -37.59 -0.65 2.71
CA ASN C 62 -37.56 -1.63 1.64
C ASN C 62 -36.26 -1.61 0.84
N TRP C 63 -35.50 -0.54 0.95
CA TRP C 63 -34.23 -0.40 0.22
C TRP C 63 -33.11 0.22 1.05
N SER C 64 -33.40 1.38 1.61
CA SER C 64 -32.37 2.17 2.26
C SER C 64 -31.89 1.61 3.59
N ALA C 65 -32.82 1.08 4.40
CA ALA C 65 -32.44 0.52 5.70
C ALA C 65 -32.12 -0.97 5.55
N THR C 66 -32.24 -1.44 4.31
CA THR C 66 -31.84 -2.79 3.94
C THR C 66 -30.36 -2.98 4.18
N SER C 67 -29.90 -4.24 4.21
CA SER C 67 -28.47 -4.51 4.32
C SER C 67 -27.79 -4.42 2.97
N GLY C 68 -26.45 -4.33 3.01
CA GLY C 68 -25.66 -4.23 1.79
C GLY C 68 -25.76 -5.52 1.01
N ALA C 69 -25.70 -6.64 1.73
CA ALA C 69 -25.75 -7.95 1.08
C ALA C 69 -27.06 -8.08 0.32
N HIS C 70 -28.12 -7.51 0.87
CA HIS C 70 -29.41 -7.50 0.20
C HIS C 70 -29.40 -6.72 -1.13
N ARG C 71 -28.83 -5.51 -1.11
CA ARG C 71 -28.78 -4.70 -2.32
C ARG C 71 -27.82 -5.31 -3.33
N ALA C 72 -26.81 -6.02 -2.83
CA ALA C 72 -25.80 -6.62 -3.70
C ALA C 72 -26.40 -7.61 -4.66
N THR C 73 -27.55 -8.18 -4.31
CA THR C 73 -28.20 -9.14 -5.21
C THR C 73 -28.84 -8.45 -6.42
N TYR C 74 -29.50 -7.31 -6.19
CA TYR C 74 -30.03 -6.50 -7.28
C TYR C 74 -28.89 -6.04 -8.16
N LEU C 75 -27.77 -5.66 -7.53
CA LEU C 75 -26.57 -5.29 -8.28
C LEU C 75 -26.09 -6.45 -9.12
N ARG C 76 -25.87 -7.59 -8.46
CA ARG C 76 -25.38 -8.79 -9.14
C ARG C 76 -26.34 -9.18 -10.26
N ALA C 77 -27.64 -9.01 -10.00
CA ALA C 77 -28.67 -9.31 -10.99
C ALA C 77 -28.59 -8.37 -12.19
N ILE C 78 -28.50 -7.07 -11.91
CA ILE C 78 -28.33 -6.09 -12.97
C ILE C 78 -27.14 -6.42 -13.85
N ALA C 79 -26.04 -6.78 -13.22
CA ALA C 79 -24.83 -7.15 -13.96
C ALA C 79 -25.09 -8.32 -14.90
N ALA C 80 -25.82 -9.30 -14.37
CA ALA C 80 -26.17 -10.50 -15.14
C ALA C 80 -27.04 -10.14 -16.33
N LYS C 81 -28.10 -9.37 -16.07
CA LYS C 81 -29.03 -8.94 -17.11
C LYS C 81 -28.31 -8.22 -18.23
N ILE C 82 -27.40 -7.31 -17.86
CA ILE C 82 -26.62 -6.57 -18.85
C ILE C 82 -25.75 -7.52 -19.68
N THR C 83 -25.14 -8.50 -19.05
CA THR C 83 -24.30 -9.46 -19.79
C THR C 83 -25.17 -10.26 -20.76
N GLU C 84 -26.39 -10.52 -20.33
CA GLU C 84 -27.38 -11.25 -21.12
C GLU C 84 -27.76 -10.45 -22.35
N LYS C 85 -28.31 -9.26 -22.10
CA LYS C 85 -28.71 -8.35 -23.16
C LYS C 85 -27.50 -7.63 -23.72
N LYS C 86 -26.37 -8.29 -23.72
CA LYS C 86 -25.12 -7.68 -24.17
C LYS C 86 -25.22 -7.12 -25.57
N ASP C 87 -25.33 -8.03 -26.55
CA ASP C 87 -25.44 -7.66 -27.96
C ASP C 87 -26.32 -6.43 -28.18
N HIS C 88 -27.49 -6.43 -27.56
CA HIS C 88 -28.47 -5.37 -27.75
C HIS C 88 -27.94 -4.02 -27.29
N PHE C 89 -27.27 -4.03 -26.13
CA PHE C 89 -26.71 -2.79 -25.59
C PHE C 89 -25.54 -2.27 -26.40
N VAL C 90 -24.59 -3.14 -26.71
CA VAL C 90 -23.37 -2.69 -27.39
C VAL C 90 -23.69 -2.11 -28.77
N LYS C 91 -24.75 -2.59 -29.39
CA LYS C 91 -25.18 -2.07 -30.67
C LYS C 91 -25.65 -0.69 -30.43
N LEU C 92 -26.71 -0.60 -29.67
CA LEU C 92 -27.32 0.69 -29.40
C LEU C 92 -26.27 1.74 -29.00
N GLU C 93 -25.28 1.32 -28.23
CA GLU C 93 -24.24 2.24 -27.79
C GLU C 93 -23.42 2.71 -28.98
N THR C 94 -23.10 1.80 -29.89
CA THR C 94 -22.27 2.13 -31.05
C THR C 94 -22.94 3.16 -31.97
N ILE C 95 -24.24 3.01 -32.20
CA ILE C 95 -24.94 3.96 -33.05
C ILE C 95 -25.20 5.26 -32.30
N ASP C 96 -25.38 5.20 -30.98
CA ASP C 96 -25.62 6.41 -30.21
C ASP C 96 -24.36 7.20 -29.97
N SER C 97 -23.21 6.55 -29.87
CA SER C 97 -22.03 7.30 -29.48
C SER C 97 -21.11 7.61 -30.62
N GLY C 98 -21.17 6.78 -31.66
CA GLY C 98 -20.28 6.94 -32.80
C GLY C 98 -18.94 6.30 -32.50
N LYS C 99 -18.87 5.55 -31.44
CA LYS C 99 -17.60 4.92 -31.08
C LYS C 99 -17.51 3.58 -31.75
N PRO C 100 -16.31 3.21 -32.16
CA PRO C 100 -16.05 1.93 -32.82
C PRO C 100 -16.70 0.77 -32.08
N PHE C 101 -17.42 -0.08 -32.82
CA PHE C 101 -18.14 -1.22 -32.25
C PHE C 101 -17.29 -2.03 -31.27
N ASP C 102 -16.02 -2.20 -31.60
CA ASP C 102 -15.10 -2.94 -30.73
C ASP C 102 -14.89 -2.26 -29.38
N GLU C 103 -14.90 -0.93 -29.38
CA GLU C 103 -14.82 -0.18 -28.13
C GLU C 103 -16.10 -0.36 -27.32
N ALA C 104 -17.22 -0.29 -28.01
CA ALA C 104 -18.50 -0.39 -27.37
C ALA C 104 -18.60 -1.69 -26.68
N VAL C 105 -18.04 -2.71 -27.32
CA VAL C 105 -18.12 -4.03 -26.78
C VAL C 105 -17.58 -3.97 -25.38
N LEU C 106 -16.52 -3.20 -25.22
CA LEU C 106 -15.74 -3.18 -24.01
C LEU C 106 -16.46 -2.45 -22.91
N ASP C 107 -16.96 -1.32 -23.27
CA ASP C 107 -17.85 -0.54 -22.43
C ASP C 107 -18.84 -1.45 -21.71
N ILE C 108 -19.54 -2.28 -22.49
CA ILE C 108 -20.69 -3.01 -21.94
C ILE C 108 -20.23 -4.10 -21.00
N ASP C 109 -19.10 -4.73 -21.31
CA ASP C 109 -18.47 -5.69 -20.41
C ASP C 109 -18.12 -4.98 -19.11
N ASP C 110 -17.62 -3.75 -19.26
CA ASP C 110 -17.21 -2.90 -18.14
C ASP C 110 -18.36 -2.49 -17.22
N VAL C 111 -19.51 -2.09 -17.77
CA VAL C 111 -20.65 -1.82 -16.90
C VAL C 111 -21.06 -3.04 -16.08
N ALA C 112 -21.10 -4.21 -16.73
CA ALA C 112 -21.43 -5.45 -16.03
C ALA C 112 -20.43 -5.63 -14.88
N SER C 113 -19.15 -5.56 -15.23
CA SER C 113 -18.08 -5.74 -14.27
C SER C 113 -18.14 -4.70 -13.14
N CYS C 114 -18.57 -3.49 -13.48
CA CYS C 114 -18.67 -2.42 -12.49
C CYS C 114 -19.70 -2.74 -11.42
N PHE C 115 -20.91 -3.13 -11.84
CA PHE C 115 -21.95 -3.53 -10.88
C PHE C 115 -21.50 -4.66 -9.97
N GLU C 116 -20.77 -5.63 -10.54
CA GLU C 116 -20.27 -6.76 -9.76
C GLU C 116 -19.29 -6.29 -8.71
N TYR C 117 -18.40 -5.39 -9.11
CA TYR C 117 -17.45 -4.86 -8.15
C TYR C 117 -18.17 -4.16 -7.03
N PHE C 118 -19.23 -3.42 -7.33
CA PHE C 118 -19.92 -2.67 -6.28
C PHE C 118 -20.87 -3.53 -5.47
N ALA C 119 -21.32 -4.63 -6.06
CA ALA C 119 -22.03 -5.65 -5.30
C ALA C 119 -21.10 -6.10 -4.17
N GLY C 120 -19.85 -6.40 -4.51
CA GLY C 120 -18.85 -6.70 -3.49
C GLY C 120 -18.76 -5.61 -2.43
N GLN C 121 -18.65 -4.36 -2.89
CA GLN C 121 -18.55 -3.19 -2.01
C GLN C 121 -19.70 -3.13 -1.02
N ALA C 122 -20.92 -3.23 -1.54
CA ALA C 122 -22.11 -3.19 -0.70
C ALA C 122 -22.03 -4.32 0.34
N GLU C 123 -21.52 -5.48 -0.08
CA GLU C 123 -21.37 -6.60 0.85
C GLU C 123 -20.35 -6.29 1.95
N ALA C 124 -19.25 -5.64 1.57
CA ALA C 124 -18.24 -5.24 2.55
C ALA C 124 -18.74 -4.15 3.46
N LEU C 125 -19.74 -3.39 2.98
CA LEU C 125 -20.30 -2.31 3.77
C LEU C 125 -20.76 -2.88 5.10
N ASP C 126 -21.47 -4.00 5.05
CA ASP C 126 -21.91 -4.69 6.26
C ASP C 126 -20.65 -5.11 7.02
N GLY C 127 -20.67 -5.03 8.33
CA GLY C 127 -19.50 -5.44 9.07
C GLY C 127 -18.38 -4.40 9.05
N LYS C 128 -18.60 -3.33 8.33
CA LYS C 128 -17.90 -2.11 8.56
C LYS C 128 -18.82 -1.38 9.50
N GLN C 129 -20.06 -1.81 9.50
CA GLN C 129 -21.03 -1.17 10.37
C GLN C 129 -20.69 -1.42 11.82
N LYS C 130 -20.87 -0.38 12.64
CA LYS C 130 -20.55 -0.47 14.05
C LYS C 130 -19.08 -0.78 14.29
N ALA C 131 -18.23 -0.44 13.33
CA ALA C 131 -16.79 -0.53 13.54
C ALA C 131 -16.45 0.29 14.77
N PRO C 132 -15.66 -0.28 15.68
CA PRO C 132 -15.33 0.41 16.92
C PRO C 132 -14.22 1.43 16.72
N VAL C 133 -14.33 2.57 17.41
CA VAL C 133 -13.22 3.50 17.55
C VAL C 133 -12.86 3.57 19.02
N THR C 134 -11.57 3.48 19.32
CA THR C 134 -11.13 3.41 20.71
C THR C 134 -11.00 4.79 21.30
N LEU C 135 -11.67 5.03 22.42
CA LEU C 135 -11.52 6.29 23.15
C LEU C 135 -10.56 6.12 24.34
N PRO C 136 -9.94 7.24 24.78
CA PRO C 136 -9.12 7.19 26.00
C PRO C 136 -9.96 6.77 27.22
N MET C 137 -10.91 7.62 27.61
CA MET C 137 -11.78 7.34 28.75
C MET C 137 -12.53 6.01 28.68
N GLU C 138 -12.60 5.30 29.79
CA GLU C 138 -13.33 4.06 29.85
C GLU C 138 -14.78 4.37 29.91
N ARG C 139 -15.06 5.56 30.38
CA ARG C 139 -16.43 6.02 30.49
C ARG C 139 -17.27 5.93 29.18
N PHE C 140 -16.61 6.10 28.04
CA PHE C 140 -17.32 6.19 26.75
C PHE C 140 -16.90 5.10 25.76
N LYS C 141 -17.86 4.60 25.02
CA LYS C 141 -17.66 3.67 23.92
C LYS C 141 -18.09 4.29 22.60
N SER C 142 -17.43 3.95 21.50
CA SER C 142 -17.76 4.60 20.23
C SER C 142 -17.60 3.70 19.04
N HIS C 143 -18.54 3.77 18.10
CA HIS C 143 -18.39 3.11 16.83
C HIS C 143 -18.85 3.99 15.65
N VAL C 144 -18.72 3.47 14.44
CA VAL C 144 -19.12 4.22 13.27
C VAL C 144 -20.19 3.47 12.50
N LEU C 145 -21.29 4.17 12.21
CA LEU C 145 -22.28 3.68 11.26
C LEU C 145 -22.07 4.31 9.89
N ARG C 146 -22.34 3.56 8.83
CA ARG C 146 -22.22 4.06 7.46
C ARG C 146 -23.56 3.91 6.75
N GLN C 147 -24.29 5.01 6.69
CA GLN C 147 -25.66 5.01 6.18
C GLN C 147 -25.75 5.80 4.87
N PRO C 148 -26.78 5.53 4.06
CA PRO C 148 -26.97 6.29 2.81
C PRO C 148 -27.25 7.74 3.15
N LEU C 149 -26.80 8.66 2.31
CA LEU C 149 -27.04 10.07 2.54
C LEU C 149 -28.50 10.42 2.27
N GLY C 150 -29.13 9.64 1.39
CA GLY C 150 -30.51 9.90 1.03
C GLY C 150 -30.72 9.86 -0.47
N VAL C 151 -31.34 10.91 -1.00
CA VAL C 151 -31.58 11.02 -2.45
C VAL C 151 -30.43 11.76 -3.16
N VAL C 152 -29.84 11.13 -4.16
CA VAL C 152 -28.72 11.72 -4.85
C VAL C 152 -29.00 11.96 -6.33
N GLY C 153 -28.51 13.07 -6.87
CA GLY C 153 -28.61 13.35 -8.30
C GLY C 153 -27.30 12.98 -8.98
N LEU C 154 -27.39 12.16 -10.02
CA LEU C 154 -26.21 11.72 -10.76
C LEU C 154 -26.28 12.30 -12.17
N ILE C 155 -25.19 12.93 -12.61
CA ILE C 155 -25.18 13.57 -13.92
C ILE C 155 -23.93 13.14 -14.67
N SER C 156 -24.11 12.52 -15.83
CA SER C 156 -23.00 11.89 -16.56
C SER C 156 -22.89 12.35 -18.02
N PRO C 157 -21.73 12.08 -18.64
CA PRO C 157 -21.42 12.52 -20.00
C PRO C 157 -21.70 11.43 -21.03
N TRP C 158 -21.58 11.78 -22.31
CA TRP C 158 -21.92 10.92 -23.44
C TRP C 158 -20.78 10.05 -23.97
N ASN C 159 -19.55 10.30 -23.53
CA ASN C 159 -18.40 9.59 -24.12
C ASN C 159 -18.30 8.09 -23.78
N TYR C 160 -19.01 7.66 -22.75
CA TYR C 160 -19.23 6.23 -22.47
C TYR C 160 -20.59 6.15 -21.79
N PRO C 161 -21.66 6.26 -22.58
CA PRO C 161 -22.99 6.54 -22.04
C PRO C 161 -23.38 5.71 -20.83
N LEU C 162 -23.33 4.39 -20.93
CA LEU C 162 -23.79 3.58 -19.81
C LEU C 162 -22.69 3.39 -18.77
N LEU C 163 -21.46 3.16 -19.20
CA LEU C 163 -20.35 3.01 -18.25
C LEU C 163 -20.26 4.20 -17.30
N MET C 164 -20.15 5.42 -17.85
CA MET C 164 -20.07 6.63 -17.03
C MET C 164 -21.27 6.76 -16.10
N ALA C 165 -22.46 6.40 -16.57
CA ALA C 165 -23.64 6.38 -15.70
C ALA C 165 -23.58 5.33 -14.58
N THR C 166 -23.11 4.12 -14.88
CA THR C 166 -23.02 3.09 -13.83
C THR C 166 -21.89 3.38 -12.83
N TRP C 167 -20.92 4.19 -13.25
CA TRP C 167 -19.86 4.65 -12.33
C TRP C 167 -20.53 5.37 -11.17
N LYS C 168 -21.73 5.88 -11.41
CA LYS C 168 -22.45 6.60 -10.37
C LYS C 168 -23.57 5.72 -9.80
N ILE C 169 -24.34 5.08 -10.67
CA ILE C 169 -25.46 4.23 -10.24
C ILE C 169 -25.06 3.12 -9.28
N ALA C 170 -24.06 2.33 -9.65
CA ALA C 170 -23.55 1.25 -8.82
C ALA C 170 -23.15 1.61 -7.38
N PRO C 171 -22.25 2.59 -7.19
CA PRO C 171 -21.93 2.98 -5.81
C PRO C 171 -23.13 3.59 -5.07
N ALA C 172 -23.95 4.37 -5.76
CA ALA C 172 -25.10 4.98 -5.13
C ALA C 172 -26.02 3.91 -4.57
N LEU C 173 -26.35 2.92 -5.39
CA LEU C 173 -27.29 1.88 -4.95
C LEU C 173 -26.63 1.00 -3.88
N ALA C 174 -25.33 0.74 -4.05
CA ALA C 174 -24.63 -0.09 -3.11
C ALA C 174 -24.69 0.51 -1.71
N ALA C 175 -24.72 1.83 -1.64
CA ALA C 175 -24.70 2.54 -0.36
C ALA C 175 -26.06 2.64 0.28
N GLY C 176 -27.12 2.45 -0.50
CA GLY C 176 -28.46 2.49 0.04
C GLY C 176 -29.21 3.76 -0.29
N CYS C 177 -28.62 4.54 -1.19
CA CYS C 177 -29.24 5.79 -1.62
C CYS C 177 -30.26 5.45 -2.70
N THR C 178 -31.19 6.38 -2.95
CA THR C 178 -31.99 6.33 -4.17
C THR C 178 -31.52 7.49 -5.03
N ALA C 179 -31.78 7.41 -6.34
CA ALA C 179 -31.14 8.33 -7.26
C ALA C 179 -32.01 8.84 -8.42
N VAL C 180 -31.61 9.98 -8.95
CA VAL C 180 -32.12 10.45 -10.23
C VAL C 180 -30.95 10.61 -11.17
N LEU C 181 -30.96 9.83 -12.25
CA LEU C 181 -29.94 9.88 -13.28
C LEU C 181 -30.38 10.85 -14.38
N LYS C 182 -29.44 11.71 -14.80
CA LYS C 182 -29.64 12.60 -15.93
C LYS C 182 -28.45 12.48 -16.85
N PRO C 183 -28.56 11.60 -17.87
CA PRO C 183 -27.47 11.31 -18.81
C PRO C 183 -27.34 12.41 -19.84
N SER C 184 -26.29 12.38 -20.65
CA SER C 184 -26.11 13.45 -21.64
C SER C 184 -27.20 13.42 -22.69
N GLU C 185 -27.62 14.59 -23.15
CA GLU C 185 -28.65 14.70 -24.19
C GLU C 185 -28.12 14.19 -25.54
N LEU C 186 -26.80 14.04 -25.62
CA LEU C 186 -26.11 13.54 -26.78
C LEU C 186 -25.93 12.02 -26.77
N ALA C 187 -26.58 11.30 -25.86
CA ALA C 187 -26.35 9.87 -25.77
C ALA C 187 -27.12 9.19 -24.65
N SER C 188 -28.45 9.18 -24.77
CA SER C 188 -29.33 8.73 -23.71
C SER C 188 -29.98 7.35 -23.91
N VAL C 189 -29.90 6.81 -25.12
CA VAL C 189 -30.66 5.58 -25.40
C VAL C 189 -30.30 4.39 -24.48
N THR C 190 -29.04 3.97 -24.43
CA THR C 190 -28.68 2.87 -23.52
C THR C 190 -29.15 3.14 -22.09
N CYS C 191 -28.95 4.37 -21.62
CA CYS C 191 -29.35 4.73 -20.26
C CYS C 191 -30.85 4.62 -20.07
N LEU C 192 -31.62 5.06 -21.05
CA LEU C 192 -33.08 4.91 -20.99
C LEU C 192 -33.41 3.41 -20.98
N GLU C 193 -32.69 2.67 -21.80
CA GLU C 193 -32.91 1.23 -21.90
C GLU C 193 -32.57 0.53 -20.59
N PHE C 194 -31.74 1.18 -19.78
CA PHE C 194 -31.39 0.63 -18.48
C PHE C 194 -32.63 0.61 -17.57
N GLY C 195 -33.59 1.50 -17.84
CA GLY C 195 -34.79 1.56 -17.03
C GLY C 195 -35.51 0.22 -16.99
N GLU C 196 -35.62 -0.43 -18.14
CA GLU C 196 -36.24 -1.74 -18.26
C GLU C 196 -35.51 -2.76 -17.38
N VAL C 197 -34.17 -2.81 -17.54
CA VAL C 197 -33.33 -3.71 -16.76
C VAL C 197 -33.70 -3.70 -15.29
N CYS C 198 -33.98 -2.51 -14.76
CA CYS C 198 -34.32 -2.36 -13.34
C CYS C 198 -35.62 -3.07 -13.02
N ASN C 199 -36.65 -2.78 -13.81
CA ASN C 199 -37.91 -3.48 -13.68
C ASN C 199 -37.68 -4.98 -13.78
N GLU C 200 -36.83 -5.40 -14.72
CA GLU C 200 -36.60 -6.82 -14.93
C GLU C 200 -35.89 -7.52 -13.76
N VAL C 201 -35.11 -6.77 -12.98
CA VAL C 201 -34.42 -7.36 -11.83
C VAL C 201 -35.17 -7.09 -10.53
N GLY C 202 -36.27 -6.35 -10.65
CA GLY C 202 -37.14 -6.09 -9.51
C GLY C 202 -36.72 -4.95 -8.62
N LEU C 203 -35.89 -4.02 -9.10
CA LEU C 203 -35.58 -2.84 -8.29
C LEU C 203 -36.86 -2.17 -7.83
N PRO C 204 -36.97 -1.89 -6.52
CA PRO C 204 -38.17 -1.18 -6.08
C PRO C 204 -38.36 0.08 -6.89
N PRO C 205 -39.60 0.57 -6.98
CA PRO C 205 -39.89 1.74 -7.79
C PRO C 205 -39.37 2.99 -7.11
N GLY C 206 -38.73 3.88 -7.87
CA GLY C 206 -38.27 5.15 -7.31
C GLY C 206 -36.87 5.09 -6.75
N VAL C 207 -36.29 3.90 -6.75
CA VAL C 207 -34.91 3.69 -6.31
C VAL C 207 -33.91 4.22 -7.34
N LEU C 208 -34.19 3.98 -8.62
CA LEU C 208 -33.44 4.65 -9.67
C LEU C 208 -34.42 5.30 -10.66
N ASN C 209 -34.30 6.61 -10.82
CA ASN C 209 -35.12 7.31 -11.80
C ASN C 209 -34.24 7.89 -12.90
N ILE C 210 -34.75 7.91 -14.12
CA ILE C 210 -33.94 8.34 -15.26
C ILE C 210 -34.62 9.46 -16.03
N LEU C 211 -34.09 10.67 -15.89
CA LEU C 211 -34.57 11.81 -16.65
C LEU C 211 -33.58 12.13 -17.78
N THR C 212 -34.00 11.96 -19.02
CA THR C 212 -33.22 12.49 -20.14
C THR C 212 -33.65 13.91 -20.46
N GLY C 213 -32.76 14.67 -21.10
CA GLY C 213 -33.06 16.05 -21.40
C GLY C 213 -31.80 16.88 -21.49
N LEU C 214 -31.98 18.18 -21.69
CA LEU C 214 -30.82 19.07 -21.85
C LEU C 214 -30.24 19.45 -20.50
N GLY C 215 -28.94 19.76 -20.48
CA GLY C 215 -28.27 20.16 -19.26
C GLY C 215 -29.04 21.20 -18.47
N PRO C 216 -29.26 22.37 -19.07
CA PRO C 216 -29.96 23.49 -18.43
C PRO C 216 -31.38 23.20 -18.00
N ASP C 217 -32.08 22.35 -18.76
CA ASP C 217 -33.50 22.11 -18.51
C ASP C 217 -33.77 20.98 -17.52
N ALA C 218 -32.92 19.95 -17.55
CA ALA C 218 -33.10 18.76 -16.72
C ALA C 218 -32.07 18.66 -15.60
N GLY C 219 -30.81 18.91 -15.92
CA GLY C 219 -29.75 18.81 -14.93
C GLY C 219 -29.72 19.93 -13.90
N ALA C 220 -29.72 21.16 -14.36
CA ALA C 220 -29.71 22.30 -13.45
C ALA C 220 -30.77 22.18 -12.33
N PRO C 221 -32.01 21.82 -12.69
CA PRO C 221 -33.07 21.70 -11.67
C PRO C 221 -32.81 20.53 -10.73
N LEU C 222 -32.16 19.50 -11.25
CA LEU C 222 -31.78 18.36 -10.46
C LEU C 222 -30.80 18.82 -9.39
N VAL C 223 -29.81 19.63 -9.76
CA VAL C 223 -28.79 19.97 -8.76
C VAL C 223 -29.28 20.99 -7.73
N SER C 224 -30.14 21.91 -8.14
CA SER C 224 -30.62 22.96 -7.24
C SER C 224 -31.83 22.52 -6.41
N HIS C 225 -32.37 21.33 -6.67
CA HIS C 225 -33.52 20.85 -5.93
C HIS C 225 -33.26 20.68 -4.42
N PRO C 226 -34.16 21.21 -3.58
CA PRO C 226 -34.02 21.29 -2.12
C PRO C 226 -34.12 19.93 -1.43
N ASP C 227 -34.57 18.90 -2.13
CA ASP C 227 -34.65 17.58 -1.52
C ASP C 227 -33.67 16.58 -2.14
N VAL C 228 -32.69 17.08 -2.87
CA VAL C 228 -31.59 16.22 -3.31
C VAL C 228 -30.40 16.49 -2.39
N ASP C 229 -29.92 15.43 -1.75
CA ASP C 229 -28.95 15.57 -0.68
C ASP C 229 -27.49 15.70 -1.12
N LYS C 230 -27.21 15.31 -2.35
CA LYS C 230 -25.83 15.20 -2.82
C LYS C 230 -25.82 15.11 -4.35
N ILE C 231 -24.83 15.71 -5.01
CA ILE C 231 -24.74 15.64 -6.45
C ILE C 231 -23.43 14.97 -6.89
N ALA C 232 -23.51 14.01 -7.78
CA ALA C 232 -22.30 13.46 -8.35
C ALA C 232 -22.26 13.88 -9.80
N PHE C 233 -21.26 14.70 -10.15
CA PHE C 233 -21.18 15.27 -11.48
C PHE C 233 -19.90 14.88 -12.21
N THR C 234 -20.07 14.51 -13.48
CA THR C 234 -18.94 14.32 -14.35
C THR C 234 -19.25 15.09 -15.63
N GLY C 235 -18.27 15.90 -16.05
CA GLY C 235 -18.44 16.74 -17.22
C GLY C 235 -17.33 17.75 -17.35
N SER C 236 -17.59 18.86 -18.04
CA SER C 236 -16.56 19.85 -18.27
C SER C 236 -16.31 20.69 -17.03
N SER C 237 -15.10 21.23 -16.94
CA SER C 237 -14.72 22.03 -15.79
C SER C 237 -15.59 23.27 -15.67
N ALA C 238 -15.92 23.86 -16.81
CA ALA C 238 -16.79 25.03 -16.88
C ALA C 238 -18.15 24.72 -16.31
N THR C 239 -18.72 23.59 -16.70
CA THR C 239 -20.01 23.18 -16.16
C THR C 239 -19.85 22.80 -14.68
N GLY C 240 -18.71 22.18 -14.34
CA GLY C 240 -18.51 21.75 -12.96
C GLY C 240 -18.65 22.93 -12.03
N SER C 241 -18.02 24.03 -12.42
CA SER C 241 -18.07 25.24 -11.65
C SER C 241 -19.50 25.73 -11.46
N LYS C 242 -20.30 25.66 -12.50
CA LYS C 242 -21.67 26.04 -12.38
C LYS C 242 -22.43 25.14 -11.41
N VAL C 243 -22.26 23.83 -11.52
CA VAL C 243 -23.07 22.94 -10.69
C VAL C 243 -22.63 23.07 -9.23
N MET C 244 -21.37 23.41 -9.01
CA MET C 244 -20.92 23.51 -7.64
C MET C 244 -21.41 24.81 -7.03
N ALA C 245 -21.50 25.85 -7.84
CA ALA C 245 -22.03 27.11 -7.35
C ALA C 245 -23.52 26.96 -6.97
N SER C 246 -24.27 26.23 -7.79
CA SER C 246 -25.68 25.97 -7.52
C SER C 246 -25.83 25.14 -6.24
N ALA C 247 -25.00 24.10 -6.12
CA ALA C 247 -25.07 23.22 -4.97
C ALA C 247 -24.72 23.98 -3.69
N ALA C 248 -23.97 25.05 -3.84
CA ALA C 248 -23.50 25.85 -2.71
C ALA C 248 -24.66 26.59 -2.02
N GLN C 249 -25.68 26.97 -2.79
N GLN C 249 -25.67 26.98 -2.79
CA GLN C 249 -26.82 27.66 -2.20
CA GLN C 249 -26.90 27.59 -2.31
C GLN C 249 -27.43 26.85 -1.03
C GLN C 249 -27.40 26.85 -1.09
N LEU C 250 -27.41 25.52 -1.15
CA LEU C 250 -27.93 24.63 -0.10
C LEU C 250 -26.83 23.81 0.60
N VAL C 251 -25.60 24.31 0.51
N VAL C 251 -25.67 24.27 0.56
CA VAL C 251 -24.44 23.63 1.10
CA VAL C 251 -24.52 23.60 1.16
C VAL C 251 -24.49 22.12 0.87
C VAL C 251 -24.56 22.09 0.92
N LYS C 252 -24.86 21.77 -0.35
CA LYS C 252 -24.99 20.37 -0.80
C LYS C 252 -23.63 19.80 -1.23
N PRO C 253 -23.28 18.60 -0.73
CA PRO C 253 -22.03 17.92 -1.08
C PRO C 253 -21.99 17.66 -2.57
N VAL C 254 -20.78 17.52 -3.09
CA VAL C 254 -20.59 17.44 -4.51
C VAL C 254 -19.28 16.69 -4.78
N THR C 255 -19.27 15.84 -5.80
CA THR C 255 -18.01 15.31 -6.35
C THR C 255 -17.93 15.76 -7.80
N LEU C 256 -16.77 16.25 -8.22
CA LEU C 256 -16.62 16.75 -9.56
C LEU C 256 -15.49 16.06 -10.32
N GLU C 257 -15.85 15.38 -11.40
N GLU C 257 -15.85 15.33 -11.37
CA GLU C 257 -14.88 14.80 -12.31
CA GLU C 257 -14.86 14.78 -12.30
C GLU C 257 -14.93 15.58 -13.62
C GLU C 257 -14.94 15.58 -13.59
N LEU C 258 -13.90 16.39 -13.87
CA LEU C 258 -13.94 17.39 -14.92
C LEU C 258 -12.97 17.30 -16.08
N GLY C 259 -12.37 16.15 -16.32
CA GLY C 259 -11.43 16.07 -17.43
C GLY C 259 -10.23 17.02 -17.37
N GLY C 260 -9.50 17.15 -18.48
CA GLY C 260 -8.24 17.87 -18.41
C GLY C 260 -7.44 18.02 -19.69
N LYS C 261 -6.12 18.03 -19.52
CA LYS C 261 -5.15 18.19 -20.59
C LYS C 261 -3.89 17.41 -20.15
N SER C 262 -4.05 16.09 -20.08
CA SER C 262 -3.04 15.22 -19.47
C SER C 262 -1.80 15.02 -20.34
N PRO C 263 -0.62 15.09 -19.71
CA PRO C 263 0.63 14.89 -20.44
C PRO C 263 0.94 13.43 -20.58
N ILE C 264 1.65 13.09 -21.65
CA ILE C 264 2.35 11.82 -21.77
C ILE C 264 3.81 12.15 -22.02
N VAL C 265 4.69 11.82 -21.08
CA VAL C 265 6.10 12.13 -21.27
C VAL C 265 6.89 10.85 -21.58
N VAL C 266 7.63 10.89 -22.68
CA VAL C 266 8.39 9.73 -23.13
C VAL C 266 9.88 10.02 -23.10
N PHE C 267 10.63 9.20 -22.35
CA PHE C 267 12.07 9.37 -22.28
C PHE C 267 12.78 8.52 -23.34
N GLU C 268 14.07 8.81 -23.55
CA GLU C 268 14.88 8.16 -24.57
C GLU C 268 14.82 6.62 -24.52
N ASP C 269 14.93 6.07 -23.32
CA ASP C 269 15.04 4.62 -23.12
C ASP C 269 13.72 3.84 -23.19
N VAL C 270 13.12 3.79 -24.37
CA VAL C 270 11.84 3.11 -24.54
C VAL C 270 11.72 2.50 -25.92
N ASP C 271 11.05 1.36 -26.08
CA ASP C 271 10.89 0.81 -27.43
C ASP C 271 9.73 1.50 -28.09
N ILE C 272 10.12 2.42 -28.97
CA ILE C 272 9.25 3.43 -29.43
C ILE C 272 8.25 2.94 -30.43
N ASP C 273 7.98 1.66 -30.41
CA ASP C 273 6.84 1.18 -31.17
C ASP C 273 5.67 0.82 -30.27
N LYS C 274 5.98 0.23 -29.12
CA LYS C 274 4.97 -0.09 -28.13
C LYS C 274 4.44 1.22 -27.54
N VAL C 275 5.34 2.11 -27.11
CA VAL C 275 4.93 3.40 -26.56
C VAL C 275 4.13 4.20 -27.57
N VAL C 276 4.59 4.21 -28.82
CA VAL C 276 3.84 4.87 -29.88
C VAL C 276 2.41 4.34 -29.97
N GLU C 277 2.21 3.05 -29.75
CA GLU C 277 0.86 2.54 -29.86
C GLU C 277 0.00 3.12 -28.75
N TRP C 278 0.60 3.26 -27.58
CA TRP C 278 -0.12 3.77 -26.42
C TRP C 278 -0.48 5.22 -26.69
N THR C 279 0.51 6.03 -27.03
CA THR C 279 0.29 7.44 -27.27
C THR C 279 -0.91 7.64 -28.21
N ILE C 280 -1.06 6.76 -29.20
CA ILE C 280 -2.23 6.81 -30.08
C ILE C 280 -3.49 6.46 -29.31
N PHE C 281 -3.40 5.44 -28.49
CA PHE C 281 -4.53 5.00 -27.68
C PHE C 281 -4.93 6.11 -26.71
N GLY C 282 -3.92 6.79 -26.18
CA GLY C 282 -4.13 7.77 -25.14
C GLY C 282 -4.80 9.05 -25.62
N CYS C 283 -4.80 9.25 -26.93
CA CYS C 283 -5.28 10.51 -27.47
C CYS C 283 -6.28 10.38 -28.63
N PHE C 284 -6.34 9.20 -29.25
CA PHE C 284 -7.24 9.01 -30.39
C PHE C 284 -8.36 8.03 -30.12
N TRP C 285 -8.19 7.14 -29.16
CA TRP C 285 -9.21 6.17 -28.85
C TRP C 285 -10.48 6.82 -28.31
N THR C 286 -11.60 6.13 -28.40
CA THR C 286 -12.86 6.81 -28.09
C THR C 286 -12.98 8.08 -28.94
N ASN C 287 -12.38 8.04 -30.12
CA ASN C 287 -12.42 9.16 -31.06
C ASN C 287 -11.90 10.45 -30.43
N GLY C 288 -10.94 10.33 -29.53
CA GLY C 288 -10.28 11.48 -28.92
C GLY C 288 -11.04 12.07 -27.75
N GLN C 289 -12.23 11.51 -27.48
CA GLN C 289 -13.11 12.03 -26.46
C GLN C 289 -12.90 11.31 -25.13
N ILE C 290 -11.69 11.46 -24.59
CA ILE C 290 -11.30 10.81 -23.34
C ILE C 290 -11.03 11.90 -22.32
N CYS C 291 -11.62 11.77 -21.14
CA CYS C 291 -11.38 12.72 -20.06
C CYS C 291 -9.88 12.78 -19.75
N SER C 292 -9.27 11.60 -19.66
CA SER C 292 -7.87 11.46 -19.28
C SER C 292 -6.93 11.45 -20.49
N ALA C 293 -7.48 11.79 -21.65
CA ALA C 293 -6.71 11.78 -22.90
C ALA C 293 -5.32 12.38 -22.70
N THR C 294 -4.29 11.59 -23.00
CA THR C 294 -2.93 12.10 -22.92
C THR C 294 -2.67 12.86 -24.21
N SER C 295 -3.17 14.10 -24.23
CA SER C 295 -3.26 14.90 -25.45
C SER C 295 -2.06 15.83 -25.62
N ARG C 296 -1.10 15.74 -24.70
CA ARG C 296 0.14 16.49 -24.83
C ARG C 296 1.33 15.53 -24.71
N LEU C 297 2.08 15.39 -25.80
CA LEU C 297 3.23 14.51 -25.85
C LEU C 297 4.49 15.31 -25.54
N LEU C 298 5.19 14.94 -24.47
CA LEU C 298 6.49 15.53 -24.18
C LEU C 298 7.56 14.46 -24.39
N VAL C 299 8.08 14.39 -25.60
CA VAL C 299 9.07 13.38 -25.97
C VAL C 299 10.49 13.97 -25.97
N HIS C 300 11.44 13.18 -25.49
CA HIS C 300 12.84 13.60 -25.47
C HIS C 300 13.35 13.88 -26.90
N GLU C 301 14.03 15.00 -27.09
CA GLU C 301 14.57 15.37 -28.40
C GLU C 301 15.31 14.19 -29.03
N SER C 302 16.00 13.41 -28.21
CA SER C 302 16.74 12.30 -28.73
C SER C 302 15.87 11.52 -29.68
N ILE C 303 14.92 10.75 -29.18
CA ILE C 303 14.07 9.96 -30.08
C ILE C 303 13.03 10.79 -30.82
N ALA C 304 13.04 12.11 -30.58
CA ALA C 304 11.98 12.99 -31.07
C ALA C 304 11.57 12.63 -32.50
N ALA C 305 12.45 12.93 -33.45
CA ALA C 305 12.29 12.42 -34.79
C ALA C 305 12.53 10.91 -34.79
N GLU C 306 11.56 10.22 -35.36
CA GLU C 306 11.52 8.79 -35.42
C GLU C 306 10.35 8.30 -34.60
N PHE C 307 10.32 8.74 -33.35
CA PHE C 307 9.11 8.54 -32.56
C PHE C 307 7.97 9.15 -33.34
N VAL C 308 8.11 10.43 -33.65
CA VAL C 308 7.07 11.12 -34.37
C VAL C 308 6.83 10.45 -35.71
N ASP C 309 7.92 9.94 -36.31
CA ASP C 309 7.81 9.25 -37.59
C ASP C 309 6.96 7.98 -37.48
N LYS C 310 7.40 7.05 -36.65
CA LYS C 310 6.61 5.84 -36.38
C LYS C 310 5.21 6.27 -35.96
N LEU C 311 5.15 7.41 -35.27
CA LEU C 311 3.88 7.96 -34.80
C LEU C 311 2.95 8.24 -35.98
N VAL C 312 3.37 9.15 -36.87
CA VAL C 312 2.56 9.43 -38.05
C VAL C 312 2.25 8.15 -38.83
N LYS C 313 3.22 7.23 -38.87
CA LYS C 313 3.04 5.96 -39.56
C LYS C 313 1.89 5.17 -38.94
N TRP C 314 1.95 4.96 -37.63
CA TRP C 314 0.93 4.23 -36.91
C TRP C 314 -0.46 4.82 -37.06
N THR C 315 -0.58 6.13 -36.82
CA THR C 315 -1.89 6.77 -36.92
C THR C 315 -2.40 6.78 -38.36
N LYS C 316 -1.47 6.92 -39.30
CA LYS C 316 -1.74 6.76 -40.73
C LYS C 316 -2.31 5.40 -41.03
N ASN C 317 -2.11 4.47 -40.11
CA ASN C 317 -2.53 3.08 -40.23
C ASN C 317 -3.91 2.82 -39.60
N ILE C 318 -4.52 3.86 -39.03
CA ILE C 318 -5.77 3.68 -38.30
C ILE C 318 -6.99 3.73 -39.21
N LYS C 319 -7.74 2.62 -39.24
CA LYS C 319 -8.91 2.55 -40.11
C LYS C 319 -10.01 3.47 -39.60
N ILE C 320 -10.10 4.64 -40.18
CA ILE C 320 -11.21 5.54 -39.86
C ILE C 320 -12.42 5.25 -40.77
N SER C 321 -13.48 4.71 -40.17
CA SER C 321 -14.66 4.32 -40.93
C SER C 321 -15.91 4.34 -40.06
N ASP C 322 -17.04 3.96 -40.65
CA ASP C 322 -18.27 3.81 -39.88
C ASP C 322 -18.05 2.79 -38.77
N PRO C 323 -18.56 3.08 -37.57
CA PRO C 323 -18.31 2.27 -36.37
C PRO C 323 -18.64 0.79 -36.55
N PHE C 324 -19.73 0.49 -37.25
CA PHE C 324 -20.18 -0.90 -37.45
C PHE C 324 -19.34 -1.68 -38.44
N GLU C 325 -18.65 -0.97 -39.32
CA GLU C 325 -17.76 -1.62 -40.28
C GLU C 325 -16.68 -2.38 -39.56
N GLU C 326 -16.59 -3.67 -39.87
CA GLU C 326 -15.56 -4.50 -39.28
C GLU C 326 -14.18 -3.87 -39.49
N GLY C 327 -13.33 -3.96 -38.48
CA GLY C 327 -11.98 -3.40 -38.55
C GLY C 327 -11.89 -1.92 -38.18
N CYS C 328 -13.04 -1.29 -37.95
CA CYS C 328 -13.10 0.13 -37.62
C CYS C 328 -12.39 0.48 -36.31
N ARG C 329 -11.33 1.28 -36.42
CA ARG C 329 -10.57 1.71 -35.25
C ARG C 329 -10.78 3.18 -34.90
N LEU C 330 -11.72 3.84 -35.58
CA LEU C 330 -11.99 5.25 -35.36
C LEU C 330 -13.30 5.68 -36.00
N GLY C 331 -14.25 6.13 -35.18
CA GLY C 331 -15.53 6.62 -35.67
C GLY C 331 -15.65 8.13 -35.74
N PRO C 332 -16.88 8.62 -35.89
CA PRO C 332 -17.14 10.07 -35.95
C PRO C 332 -17.19 10.64 -34.54
N VAL C 333 -16.85 11.91 -34.36
CA VAL C 333 -17.11 12.54 -33.08
C VAL C 333 -18.63 12.59 -32.83
N ILE C 334 -19.01 12.83 -31.59
CA ILE C 334 -20.38 12.65 -31.13
C ILE C 334 -21.44 13.45 -31.88
N SER C 335 -21.11 14.68 -32.27
CA SER C 335 -22.14 15.59 -32.71
C SER C 335 -21.62 16.68 -33.61
N LYS C 336 -22.54 17.38 -34.26
CA LYS C 336 -22.20 18.51 -35.13
C LYS C 336 -21.48 19.63 -34.36
N GLY C 337 -22.01 19.96 -33.18
CA GLY C 337 -21.42 20.99 -32.35
C GLY C 337 -20.00 20.66 -31.92
N GLN C 338 -19.79 19.44 -31.47
CA GLN C 338 -18.44 18.98 -31.15
C GLN C 338 -17.53 19.02 -32.39
N TYR C 339 -18.05 18.51 -33.51
CA TYR C 339 -17.34 18.58 -34.79
C TYR C 339 -16.82 19.99 -35.09
N ASP C 340 -17.73 20.96 -35.04
CA ASP C 340 -17.38 22.37 -35.23
C ASP C 340 -16.31 22.86 -34.24
N LYS C 341 -16.48 22.52 -32.96
CA LYS C 341 -15.55 22.96 -31.92
C LYS C 341 -14.16 22.41 -32.24
N ILE C 342 -14.07 21.10 -32.47
CA ILE C 342 -12.78 20.48 -32.77
C ILE C 342 -12.13 21.10 -34.00
N MET C 343 -12.90 21.26 -35.07
CA MET C 343 -12.40 21.91 -36.26
C MET C 343 -11.83 23.29 -35.97
N LYS C 344 -12.59 24.10 -35.22
CA LYS C 344 -12.14 25.45 -34.85
C LYS C 344 -10.84 25.43 -34.07
N PHE C 345 -10.72 24.52 -33.11
CA PHE C 345 -9.47 24.34 -32.40
C PHE C 345 -8.32 24.16 -33.38
N ILE C 346 -8.56 23.37 -34.42
CA ILE C 346 -7.58 23.14 -35.49
C ILE C 346 -7.24 24.43 -36.26
N SER C 347 -8.26 25.13 -36.75
CA SER C 347 -8.08 26.41 -37.43
C SER C 347 -7.25 27.40 -36.62
N THR C 348 -7.67 27.66 -35.38
CA THR C 348 -6.99 28.67 -34.59
C THR C 348 -5.61 28.20 -34.18
N ALA C 349 -5.35 26.89 -34.33
CA ALA C 349 -4.02 26.37 -34.04
C ALA C 349 -3.12 26.65 -35.23
N LYS C 350 -3.65 26.41 -36.43
CA LYS C 350 -2.97 26.86 -37.65
C LYS C 350 -2.70 28.36 -37.49
N SER C 351 -3.78 29.13 -37.36
CA SER C 351 -3.71 30.58 -37.21
C SER C 351 -2.71 31.07 -36.16
N GLU C 352 -2.52 30.27 -35.11
CA GLU C 352 -1.59 30.66 -34.05
C GLU C 352 -0.17 30.29 -34.41
N GLY C 353 -0.01 29.47 -35.44
CA GLY C 353 1.30 29.21 -36.00
C GLY C 353 1.85 27.82 -35.73
N ALA C 354 0.99 26.92 -35.28
CA ALA C 354 1.43 25.56 -35.06
C ALA C 354 1.44 24.84 -36.40
N THR C 355 2.11 23.69 -36.45
CA THR C 355 2.19 22.87 -37.65
C THR C 355 1.27 21.68 -37.57
N ILE C 356 0.39 21.54 -38.56
CA ILE C 356 -0.44 20.35 -38.67
C ILE C 356 0.32 19.23 -39.40
N LEU C 357 1.24 18.60 -38.68
CA LEU C 357 2.08 17.53 -39.20
C LEU C 357 1.31 16.22 -39.51
N TYR C 358 0.00 16.33 -39.69
CA TYR C 358 -0.86 15.22 -40.15
C TYR C 358 -2.31 15.46 -39.74
N GLY C 359 -3.24 15.19 -40.65
CA GLY C 359 -4.65 15.37 -40.38
C GLY C 359 -5.02 16.84 -40.28
N GLY C 360 -5.94 17.16 -39.38
CA GLY C 360 -6.42 18.52 -39.25
C GLY C 360 -7.57 18.78 -40.21
N SER C 361 -8.02 17.72 -40.87
CA SER C 361 -9.07 17.86 -41.86
C SER C 361 -10.00 16.67 -41.88
N ARG C 362 -11.09 16.80 -42.62
CA ARG C 362 -12.03 15.72 -42.83
C ARG C 362 -11.30 14.58 -43.52
N PRO C 363 -11.73 13.33 -43.29
CA PRO C 363 -11.15 12.25 -44.11
C PRO C 363 -11.66 12.44 -45.53
N GLU C 364 -11.18 11.64 -46.48
CA GLU C 364 -11.67 11.75 -47.84
C GLU C 364 -12.77 10.76 -48.19
N HIS C 365 -12.58 9.50 -47.84
CA HIS C 365 -13.53 8.44 -48.16
C HIS C 365 -14.87 8.65 -47.49
N LEU C 366 -14.90 9.45 -46.43
CA LEU C 366 -16.13 9.74 -45.71
C LEU C 366 -16.63 11.13 -46.09
N LYS C 367 -17.86 11.20 -46.58
CA LYS C 367 -18.38 12.43 -47.15
C LYS C 367 -19.50 13.00 -46.29
N LYS C 368 -20.11 12.14 -45.49
CA LYS C 368 -21.08 12.57 -44.50
C LYS C 368 -20.65 12.02 -43.14
N GLY C 369 -21.23 12.55 -42.07
CA GLY C 369 -20.88 12.14 -40.71
C GLY C 369 -19.77 13.01 -40.12
N TYR C 370 -19.73 13.11 -38.80
CA TYR C 370 -18.81 14.06 -38.17
C TYR C 370 -17.38 13.52 -38.05
N TYR C 371 -16.82 13.12 -39.19
CA TYR C 371 -15.51 12.47 -39.21
C TYR C 371 -14.36 13.46 -39.23
N ILE C 372 -13.32 13.16 -38.45
CA ILE C 372 -12.15 14.03 -38.36
C ILE C 372 -10.93 13.15 -38.23
N GLU C 373 -9.88 13.48 -38.97
CA GLU C 373 -8.68 12.66 -39.03
C GLU C 373 -7.88 12.70 -37.73
N PRO C 374 -7.33 11.57 -37.32
CA PRO C 374 -6.36 11.64 -36.22
C PRO C 374 -5.41 12.75 -36.60
N THR C 375 -5.05 13.61 -35.67
CA THR C 375 -4.29 14.79 -36.01
C THR C 375 -3.07 14.94 -35.12
N ILE C 376 -1.94 15.26 -35.72
CA ILE C 376 -0.71 15.46 -34.98
C ILE C 376 -0.26 16.88 -35.22
N VAL C 377 -0.07 17.66 -34.17
CA VAL C 377 0.39 19.03 -34.36
C VAL C 377 1.69 19.33 -33.62
N THR C 378 2.59 20.02 -34.32
CA THR C 378 3.92 20.33 -33.79
C THR C 378 4.26 21.80 -33.92
N ASP C 379 5.47 22.16 -33.54
CA ASP C 379 5.88 23.54 -33.50
C ASP C 379 4.92 24.27 -32.59
N ILE C 380 4.87 23.78 -31.36
CA ILE C 380 3.94 24.24 -30.37
C ILE C 380 4.60 25.28 -29.45
N SER C 381 3.83 26.31 -29.09
CA SER C 381 4.21 27.22 -28.03
C SER C 381 3.34 26.91 -26.80
N THR C 382 3.90 27.03 -25.60
CA THR C 382 3.10 26.84 -24.41
C THR C 382 2.11 27.99 -24.25
N SER C 383 2.11 28.90 -25.22
CA SER C 383 1.21 30.04 -25.21
CA SER C 383 1.20 30.03 -25.18
C SER C 383 -0.02 29.78 -26.05
N MET C 384 0.06 28.81 -26.95
CA MET C 384 -1.05 28.56 -27.85
C MET C 384 -2.23 27.79 -27.23
N GLN C 385 -3.43 28.13 -27.70
CA GLN C 385 -4.67 27.60 -27.16
C GLN C 385 -4.73 26.09 -27.20
N ILE C 386 -4.31 25.51 -28.32
CA ILE C 386 -4.27 24.07 -28.51
C ILE C 386 -3.48 23.36 -27.38
N TRP C 387 -2.50 24.04 -26.80
CA TRP C 387 -1.71 23.52 -25.70
C TRP C 387 -2.42 23.53 -24.33
N LYS C 388 -3.25 24.54 -24.09
CA LYS C 388 -3.94 24.69 -22.81
C LYS C 388 -5.34 24.04 -22.79
N GLU C 389 -6.14 24.33 -23.79
CA GLU C 389 -7.55 23.91 -23.84
C GLU C 389 -7.81 22.42 -24.20
N GLU C 390 -8.65 21.77 -23.42
N GLU C 390 -8.66 21.78 -23.43
CA GLU C 390 -9.10 20.44 -23.76
CA GLU C 390 -9.12 20.46 -23.79
C GLU C 390 -9.88 20.48 -25.07
C GLU C 390 -9.84 20.55 -25.13
N VAL C 391 -9.42 19.73 -26.08
CA VAL C 391 -10.03 19.72 -27.40
C VAL C 391 -11.16 18.69 -27.49
N PHE C 392 -10.92 17.52 -26.91
CA PHE C 392 -11.91 16.46 -26.86
C PHE C 392 -12.25 15.95 -28.26
N GLY C 393 -11.24 16.00 -29.11
CA GLY C 393 -11.26 15.36 -30.41
C GLY C 393 -9.95 14.61 -30.59
N PRO C 394 -9.81 13.86 -31.69
CA PRO C 394 -8.59 13.08 -31.97
C PRO C 394 -7.41 14.00 -32.32
N VAL C 395 -6.96 14.81 -31.38
CA VAL C 395 -5.97 15.85 -31.68
C VAL C 395 -4.85 15.89 -30.65
N LEU C 396 -3.64 15.58 -31.10
CA LEU C 396 -2.47 15.43 -30.24
C LEU C 396 -1.47 16.55 -30.49
N CYS C 397 -0.91 17.11 -29.42
CA CYS C 397 0.12 18.15 -29.51
C CYS C 397 1.49 17.60 -29.13
N VAL C 398 2.54 17.97 -29.86
CA VAL C 398 3.88 17.47 -29.55
C VAL C 398 4.92 18.56 -29.29
N LYS C 399 5.60 18.43 -28.15
CA LYS C 399 6.74 19.28 -27.85
C LYS C 399 7.85 18.39 -27.33
N THR C 400 9.09 18.88 -27.38
CA THR C 400 10.23 18.08 -26.94
C THR C 400 10.88 18.69 -25.73
N PHE C 401 11.69 17.89 -25.05
CA PHE C 401 12.38 18.37 -23.86
C PHE C 401 13.82 17.88 -23.77
N SER C 402 14.63 18.67 -23.06
CA SER C 402 16.02 18.30 -22.82
C SER C 402 16.14 17.64 -21.46
N SER C 403 15.81 18.38 -20.40
CA SER C 403 15.99 17.90 -19.04
C SER C 403 14.81 17.09 -18.52
N GLU C 404 15.07 16.29 -17.48
CA GLU C 404 14.02 15.54 -16.83
C GLU C 404 13.04 16.49 -16.16
N ASP C 405 13.58 17.46 -15.41
CA ASP C 405 12.72 18.36 -14.67
C ASP C 405 12.12 19.44 -15.58
N GLU C 406 12.50 19.40 -16.85
CA GLU C 406 11.87 20.24 -17.85
C GLU C 406 10.65 19.52 -18.37
N ALA C 407 10.75 18.20 -18.44
CA ALA C 407 9.60 17.37 -18.77
C ALA C 407 8.56 17.60 -17.68
N ILE C 408 9.03 17.60 -16.44
CA ILE C 408 8.19 17.73 -15.26
C ILE C 408 7.49 19.09 -15.24
N ALA C 409 8.26 20.16 -15.39
CA ALA C 409 7.72 21.51 -15.37
C ALA C 409 6.71 21.70 -16.48
N LEU C 410 7.02 21.13 -17.64
CA LEU C 410 6.22 21.27 -18.84
C LEU C 410 4.91 20.47 -18.71
N ALA C 411 4.98 19.35 -18.01
CA ALA C 411 3.80 18.49 -17.80
C ALA C 411 2.82 19.11 -16.82
N ASN C 412 3.36 19.73 -15.78
CA ASN C 412 2.57 20.36 -14.75
C ASN C 412 2.09 21.76 -15.17
N ASP C 413 2.45 22.13 -16.39
CA ASP C 413 2.15 23.46 -16.91
C ASP C 413 0.72 23.55 -17.43
N THR C 414 -0.26 23.12 -16.63
CA THR C 414 -1.68 23.34 -16.96
C THR C 414 -2.46 23.58 -15.69
N GLU C 415 -3.60 24.19 -15.84
CA GLU C 415 -4.52 24.38 -14.76
C GLU C 415 -5.22 23.07 -14.41
N TYR C 416 -5.22 22.12 -15.33
CA TYR C 416 -5.83 20.82 -15.15
C TYR C 416 -4.93 19.91 -14.33
N GLY C 417 -5.42 18.72 -14.04
CA GLY C 417 -4.64 17.77 -13.25
C GLY C 417 -5.37 16.46 -13.02
N LEU C 418 -5.95 15.93 -14.10
CA LEU C 418 -6.61 14.65 -14.08
C LEU C 418 -5.62 13.47 -14.10
N ALA C 419 -5.03 13.18 -15.26
CA ALA C 419 -4.12 12.04 -15.40
C ALA C 419 -2.75 12.45 -15.96
N ALA C 420 -1.86 11.47 -16.06
CA ALA C 420 -0.61 11.66 -16.79
C ALA C 420 0.00 10.28 -17.10
N ALA C 421 0.85 10.22 -18.12
CA ALA C 421 1.45 8.95 -18.47
C ALA C 421 2.94 9.15 -18.74
N VAL C 422 3.77 8.35 -18.09
CA VAL C 422 5.23 8.49 -18.25
C VAL C 422 5.86 7.20 -18.77
N PHE C 423 6.67 7.33 -19.82
CA PHE C 423 7.28 6.16 -20.45
C PHE C 423 8.81 6.16 -20.30
N SER C 424 9.34 5.03 -19.87
CA SER C 424 10.77 4.91 -19.62
C SER C 424 11.03 3.55 -18.99
N ASN C 425 12.11 2.91 -19.42
CA ASN C 425 12.46 1.62 -18.86
C ASN C 425 13.28 1.78 -17.59
N ASP C 426 13.76 2.99 -17.35
CA ASP C 426 14.35 3.36 -16.07
C ASP C 426 13.25 3.58 -15.03
N LEU C 427 13.04 2.60 -14.16
CA LEU C 427 11.91 2.63 -13.24
C LEU C 427 12.12 3.59 -12.06
N GLU C 428 13.37 3.76 -11.64
CA GLU C 428 13.67 4.75 -10.62
C GLU C 428 13.28 6.11 -11.16
N ARG C 429 13.42 6.29 -12.46
CA ARG C 429 13.06 7.55 -13.11
C ARG C 429 11.54 7.67 -13.14
N CYS C 430 10.88 6.56 -13.45
CA CYS C 430 9.44 6.55 -13.47
C CYS C 430 8.84 6.95 -12.12
N GLU C 431 9.25 6.26 -11.05
CA GLU C 431 8.78 6.60 -9.71
C GLU C 431 8.94 8.09 -9.41
N ARG C 432 10.11 8.63 -9.72
CA ARG C 432 10.38 10.03 -9.50
C ARG C 432 9.39 10.93 -10.20
N ILE C 433 9.07 10.61 -11.44
CA ILE C 433 8.15 11.40 -12.25
C ILE C 433 6.70 11.26 -11.74
N THR C 434 6.31 10.06 -11.34
CA THR C 434 4.94 9.82 -10.93
C THR C 434 4.68 10.62 -9.68
N LYS C 435 5.70 10.81 -8.87
CA LYS C 435 5.57 11.53 -7.64
C LYS C 435 5.44 13.02 -7.85
N ALA C 436 6.01 13.46 -8.94
CA ALA C 436 6.10 14.89 -9.18
C ALA C 436 4.90 15.42 -9.97
N LEU C 437 4.20 14.53 -10.68
CA LEU C 437 3.09 14.95 -11.52
C LEU C 437 1.90 15.46 -10.71
N GLU C 438 1.51 16.70 -10.95
CA GLU C 438 0.38 17.32 -10.25
C GLU C 438 -0.92 16.80 -10.84
N VAL C 439 -1.31 15.60 -10.38
CA VAL C 439 -2.28 14.80 -11.07
C VAL C 439 -2.92 13.78 -10.13
N GLY C 440 -4.06 13.23 -10.54
CA GLY C 440 -4.78 12.28 -9.73
C GLY C 440 -4.57 10.83 -10.12
N ALA C 441 -4.10 10.62 -11.35
CA ALA C 441 -3.77 9.28 -11.85
C ALA C 441 -2.54 9.32 -12.76
N VAL C 442 -1.54 8.51 -12.42
CA VAL C 442 -0.31 8.44 -13.18
C VAL C 442 -0.10 7.06 -13.77
N TRP C 443 -0.12 6.94 -15.10
CA TRP C 443 0.20 5.67 -15.76
C TRP C 443 1.69 5.53 -16.04
N VAL C 444 2.26 4.39 -15.65
CA VAL C 444 3.69 4.11 -15.90
C VAL C 444 3.85 3.09 -17.03
N ASN C 445 4.40 3.52 -18.16
CA ASN C 445 4.57 2.66 -19.34
C ASN C 445 3.27 2.09 -19.90
N CYS C 446 2.21 2.90 -19.83
CA CYS C 446 0.97 2.70 -20.57
C CYS C 446 0.18 4.02 -20.53
N SER C 447 -1.04 4.01 -21.04
CA SER C 447 -1.86 5.22 -21.00
C SER C 447 -3.32 4.87 -21.21
N GLN C 448 -4.15 5.25 -20.24
CA GLN C 448 -5.62 5.13 -20.28
C GLN C 448 -6.27 3.94 -19.54
N PRO C 449 -5.49 2.90 -19.20
CA PRO C 449 -6.18 1.77 -18.54
C PRO C 449 -6.82 2.18 -17.21
N CYS C 450 -8.15 2.10 -17.13
N CYS C 450 -8.15 2.14 -17.15
CA CYS C 450 -8.88 2.56 -15.96
CA CYS C 450 -8.86 2.57 -15.95
C CYS C 450 -9.70 1.42 -15.36
C CYS C 450 -9.69 1.44 -15.36
N PHE C 451 -9.21 0.89 -14.25
CA PHE C 451 -9.83 -0.28 -13.64
C PHE C 451 -10.72 0.10 -12.48
N VAL C 452 -11.87 -0.53 -12.41
CA VAL C 452 -12.85 -0.20 -11.40
C VAL C 452 -12.31 -0.43 -9.98
N GLN C 453 -11.23 -1.20 -9.87
CA GLN C 453 -10.60 -1.50 -8.57
C GLN C 453 -9.86 -0.30 -7.96
N ALA C 454 -9.51 0.68 -8.77
CA ALA C 454 -8.63 1.77 -8.33
C ALA C 454 -9.35 3.11 -8.22
N PRO C 455 -8.98 3.94 -7.23
CA PRO C 455 -9.64 5.24 -7.04
C PRO C 455 -9.40 6.13 -8.27
N TRP C 456 -10.42 6.88 -8.67
CA TRP C 456 -10.33 7.70 -9.89
C TRP C 456 -10.86 9.13 -9.73
N GLY C 457 -9.97 10.10 -9.91
CA GLY C 457 -10.35 11.50 -9.98
C GLY C 457 -9.16 12.43 -10.16
N GLY C 458 -9.46 13.73 -10.18
CA GLY C 458 -8.42 14.71 -10.46
C GLY C 458 -8.11 15.65 -9.31
N ILE C 459 -7.24 16.60 -9.59
CA ILE C 459 -6.97 17.74 -8.73
C ILE C 459 -6.89 19.01 -9.61
N LYS C 460 -6.71 20.16 -9.02
CA LYS C 460 -6.69 21.41 -9.75
C LYS C 460 -7.99 21.60 -10.53
N ARG C 461 -7.96 22.13 -11.74
CA ARG C 461 -9.19 22.39 -12.47
C ARG C 461 -9.91 21.10 -12.89
N SER C 462 -9.24 19.96 -12.72
CA SER C 462 -9.88 18.68 -13.04
C SER C 462 -10.92 18.23 -12.00
N GLY C 463 -11.04 18.98 -10.90
CA GLY C 463 -12.02 18.70 -9.87
C GLY C 463 -11.47 18.06 -8.61
N PHE C 464 -12.30 17.26 -7.95
CA PHE C 464 -11.98 16.64 -6.67
C PHE C 464 -12.94 15.52 -6.33
N GLY C 465 -12.55 14.72 -5.34
CA GLY C 465 -13.24 13.50 -4.99
C GLY C 465 -12.70 12.35 -5.81
N ARG C 466 -12.82 11.13 -5.30
CA ARG C 466 -12.43 9.94 -6.04
C ARG C 466 -13.61 9.00 -6.20
N GLU C 467 -13.89 8.61 -7.44
CA GLU C 467 -14.90 7.59 -7.67
C GLU C 467 -14.19 6.25 -7.85
N LEU C 468 -14.99 5.19 -8.02
CA LEU C 468 -14.49 3.82 -8.20
C LEU C 468 -13.67 3.31 -6.99
N GLY C 469 -13.11 2.11 -7.15
CA GLY C 469 -12.37 1.45 -6.10
C GLY C 469 -13.10 1.42 -4.77
N GLU C 470 -12.32 1.56 -3.72
CA GLU C 470 -12.80 1.55 -2.36
C GLU C 470 -13.28 2.92 -1.92
N TRP C 471 -13.17 3.89 -2.81
CA TRP C 471 -13.55 5.26 -2.51
C TRP C 471 -14.96 5.55 -3.03
N GLY C 472 -15.30 4.91 -4.15
CA GLY C 472 -16.59 5.11 -4.81
C GLY C 472 -17.78 5.19 -3.87
N ILE C 473 -18.02 4.10 -3.16
CA ILE C 473 -19.17 3.98 -2.26
C ILE C 473 -19.23 5.07 -1.18
N GLN C 474 -18.06 5.54 -0.79
CA GLN C 474 -17.92 6.50 0.26
C GLN C 474 -18.61 7.81 -0.04
N ASN C 475 -18.64 8.22 -1.30
CA ASN C 475 -19.25 9.49 -1.66
C ASN C 475 -20.75 9.53 -1.42
N TYR C 476 -21.36 8.37 -1.22
CA TYR C 476 -22.81 8.30 -1.03
C TYR C 476 -23.23 7.93 0.41
N LEU C 477 -22.30 8.05 1.36
CA LEU C 477 -22.55 7.66 2.75
C LEU C 477 -22.55 8.81 3.71
N ASN C 478 -23.42 8.72 4.71
CA ASN C 478 -23.28 9.49 5.92
C ASN C 478 -22.42 8.69 6.89
N ILE C 479 -21.23 9.19 7.18
CA ILE C 479 -20.38 8.58 8.18
C ILE C 479 -20.86 9.09 9.55
N LYS C 480 -21.60 8.24 10.25
CA LYS C 480 -22.22 8.62 11.52
C LYS C 480 -21.46 8.08 12.72
N GLN C 481 -21.02 9.01 13.56
CA GLN C 481 -20.38 8.65 14.81
C GLN C 481 -21.46 8.42 15.85
N VAL C 482 -21.33 7.33 16.60
CA VAL C 482 -22.16 7.13 17.78
C VAL C 482 -21.27 6.77 18.96
N THR C 483 -21.33 7.60 19.98
CA THR C 483 -20.55 7.36 21.18
C THR C 483 -21.45 7.45 22.43
N GLN C 484 -21.37 6.40 23.26
CA GLN C 484 -22.30 6.27 24.37
C GLN C 484 -21.60 6.22 25.71
N ASP C 485 -22.30 6.70 26.74
CA ASP C 485 -21.79 6.62 28.10
C ASP C 485 -22.21 5.29 28.73
N ILE C 486 -21.22 4.54 29.21
CA ILE C 486 -21.49 3.23 29.79
C ILE C 486 -21.28 3.21 31.31
N SER C 487 -21.03 4.38 31.89
CA SER C 487 -20.61 4.48 33.28
C SER C 487 -21.79 4.55 34.25
N ASP C 488 -22.91 5.11 33.84
CA ASP C 488 -24.02 5.19 34.77
C ASP C 488 -23.75 6.22 35.89
N GLU C 489 -22.65 6.94 35.78
CA GLU C 489 -22.31 7.90 36.81
C GLU C 489 -22.62 9.31 36.29
N PRO C 490 -22.76 10.28 37.20
CA PRO C 490 -23.09 11.63 36.75
C PRO C 490 -21.88 12.27 36.08
N TRP C 491 -22.11 13.08 35.05
CA TRP C 491 -21.00 13.74 34.35
C TRP C 491 -20.06 14.41 35.36
N GLY C 492 -20.65 15.03 36.38
CA GLY C 492 -19.89 15.60 37.48
C GLY C 492 -19.19 16.90 37.14
N TRP C 493 -19.78 17.68 36.23
CA TRP C 493 -19.20 18.96 35.84
C TRP C 493 -19.88 20.10 36.58
N TYR C 494 -21.17 19.93 36.85
CA TYR C 494 -21.96 20.94 37.54
C TYR C 494 -22.22 20.57 39.02
N LYS C 495 -23.12 21.29 39.66
CA LYS C 495 -23.43 21.04 41.04
C LYS C 495 -24.89 20.80 41.24
N SER C 496 -25.23 19.72 41.92
CA SER C 496 -26.62 19.45 42.23
C SER C 496 -27.03 20.02 43.57
N PHE D 3 -3.82 40.54 33.30
CA PHE D 3 -2.55 40.39 32.61
C PHE D 3 -2.44 41.22 31.38
N PRO D 4 -1.26 41.18 30.81
CA PRO D 4 -0.98 41.91 29.57
C PRO D 4 -1.21 41.07 28.32
N ILE D 5 -2.42 41.10 27.75
CA ILE D 5 -2.61 40.71 26.38
C ILE D 5 -1.35 41.17 25.77
N PRO D 6 -0.99 40.65 24.62
CA PRO D 6 0.18 41.19 23.96
C PRO D 6 -0.22 41.92 22.72
N ALA D 7 0.50 42.96 22.40
CA ALA D 7 0.50 43.43 21.08
C ALA D 7 1.15 42.24 20.42
N ARG D 8 0.64 41.88 19.25
CA ARG D 8 1.27 40.90 18.37
C ARG D 8 0.99 41.32 16.94
N GLN D 9 1.70 40.71 16.01
CA GLN D 9 1.53 41.08 14.60
C GLN D 9 1.08 39.89 13.74
N LEU D 10 1.03 40.07 12.41
CA LEU D 10 0.73 38.98 11.48
C LEU D 10 1.88 37.98 11.42
N PHE D 11 1.58 36.70 11.58
CA PHE D 11 2.61 35.67 11.45
C PHE D 11 2.67 35.15 10.03
N ILE D 12 3.64 35.66 9.26
CA ILE D 12 3.81 35.25 7.88
C ILE D 12 5.27 34.86 7.58
N ASP D 13 5.45 33.70 6.97
CA ASP D 13 6.78 33.19 6.65
C ASP D 13 7.70 33.18 7.87
N GLY D 14 7.23 32.61 8.97
CA GLY D 14 8.04 32.41 10.15
C GLY D 14 8.36 33.67 10.95
N GLU D 15 8.06 34.83 10.39
CA GLU D 15 8.37 36.08 11.07
C GLU D 15 7.17 37.00 11.17
N TRP D 16 7.21 37.93 12.11
CA TRP D 16 6.09 38.83 12.38
C TRP D 16 6.05 40.04 11.44
N ARG D 17 4.94 40.20 10.73
CA ARG D 17 4.82 41.19 9.69
C ARG D 17 3.61 42.08 9.98
N GLU D 18 3.70 43.33 9.55
CA GLU D 18 2.61 44.26 9.78
C GLU D 18 1.66 44.24 8.60
N PRO D 19 0.35 44.29 8.88
CA PRO D 19 -0.62 44.44 7.79
C PRO D 19 -0.20 45.53 6.80
N ILE D 20 -0.24 45.21 5.52
CA ILE D 20 0.14 46.14 4.47
C ILE D 20 -0.68 47.44 4.51
N LYS D 21 -1.86 47.39 5.11
CA LYS D 21 -2.67 48.60 5.26
C LYS D 21 -2.68 49.05 6.72
N LYS D 22 -1.93 48.32 7.53
CA LYS D 22 -1.62 48.71 8.90
C LYS D 22 -2.84 48.88 9.81
N ASN D 23 -3.98 48.33 9.41
CA ASN D 23 -5.18 48.41 10.23
C ASN D 23 -5.18 47.39 11.35
N ARG D 24 -5.87 47.72 12.45
CA ARG D 24 -5.98 46.80 13.58
C ARG D 24 -7.37 46.86 14.19
N ILE D 25 -7.71 45.85 14.98
N ILE D 25 -7.68 45.86 15.01
CA ILE D 25 -9.04 45.82 15.60
CA ILE D 25 -9.02 45.70 15.58
C ILE D 25 -8.98 45.43 17.06
C ILE D 25 -8.97 45.39 17.08
N PRO D 26 -9.95 45.89 17.83
CA PRO D 26 -10.00 45.66 19.28
C PRO D 26 -10.21 44.20 19.64
N VAL D 27 -9.53 43.76 20.71
CA VAL D 27 -9.96 42.58 21.43
C VAL D 27 -10.64 43.10 22.71
N ILE D 28 -11.67 42.40 23.16
CA ILE D 28 -12.53 42.92 24.20
C ILE D 28 -12.95 41.85 25.19
N ASN D 29 -12.71 42.08 26.48
CA ASN D 29 -13.14 41.10 27.46
C ASN D 29 -14.67 41.03 27.52
N PRO D 30 -15.24 39.85 27.22
CA PRO D 30 -16.71 39.74 27.25
C PRO D 30 -17.27 40.06 28.62
N SER D 31 -16.43 39.92 29.65
CA SER D 31 -16.84 40.11 31.04
C SER D 31 -16.83 41.59 31.48
N THR D 32 -16.05 42.42 30.80
CA THR D 32 -15.84 43.80 31.21
C THR D 32 -16.25 44.83 30.14
N GLU D 33 -16.63 44.35 28.97
CA GLU D 33 -16.92 45.20 27.82
C GLU D 33 -15.77 46.11 27.46
N GLU D 34 -14.62 45.91 28.09
CA GLU D 34 -13.52 46.85 27.95
C GLU D 34 -12.51 46.36 26.91
N ILE D 35 -12.06 47.24 26.04
CA ILE D 35 -11.05 46.81 25.14
C ILE D 35 -9.80 46.58 25.93
N ILE D 36 -9.29 45.36 25.88
CA ILE D 36 -8.12 45.02 26.64
C ILE D 36 -6.99 44.79 25.72
N GLY D 37 -7.16 45.14 24.46
CA GLY D 37 -6.10 44.93 23.51
C GLY D 37 -6.43 45.02 22.04
N ASP D 38 -5.46 44.58 21.24
CA ASP D 38 -5.31 44.91 19.84
C ASP D 38 -4.89 43.68 18.99
N ILE D 39 -5.47 43.50 17.81
CA ILE D 39 -4.97 42.51 16.83
C ILE D 39 -4.85 43.06 15.41
N PRO D 40 -3.85 42.57 14.64
CA PRO D 40 -3.68 43.02 13.26
C PRO D 40 -4.95 42.74 12.49
N ALA D 41 -5.21 43.53 11.45
CA ALA D 41 -6.40 43.32 10.64
C ALA D 41 -5.95 43.05 9.23
N ALA D 42 -5.63 41.79 8.96
CA ALA D 42 -5.15 41.40 7.64
C ALA D 42 -6.15 41.82 6.56
N THR D 43 -5.62 42.15 5.40
CA THR D 43 -6.44 42.51 4.25
C THR D 43 -5.97 41.69 3.05
N ALA D 44 -6.72 41.71 1.97
CA ALA D 44 -6.36 40.89 0.80
C ALA D 44 -4.87 40.87 0.42
N GLU D 45 -4.21 42.02 0.58
CA GLU D 45 -2.81 42.15 0.18
C GLU D 45 -1.91 41.28 1.05
N ASP D 46 -2.32 41.11 2.32
CA ASP D 46 -1.60 40.27 3.27
C ASP D 46 -1.79 38.80 2.92
N VAL D 47 -2.99 38.48 2.43
CA VAL D 47 -3.30 37.12 2.01
C VAL D 47 -2.37 36.74 0.88
N GLU D 48 -2.16 37.69 -0.03
CA GLU D 48 -1.27 37.48 -1.17
C GLU D 48 0.13 37.06 -0.70
N VAL D 49 0.73 37.84 0.20
CA VAL D 49 2.08 37.53 0.61
C VAL D 49 2.09 36.21 1.38
N ALA D 50 1.03 36.00 2.15
CA ALA D 50 0.89 34.77 2.92
C ALA D 50 0.82 33.49 2.06
N VAL D 51 0.05 33.51 0.98
CA VAL D 51 -0.11 32.31 0.17
C VAL D 51 1.18 32.07 -0.58
N VAL D 52 1.82 33.18 -0.93
CA VAL D 52 3.10 33.11 -1.60
C VAL D 52 4.13 32.41 -0.71
N ALA D 53 4.24 32.83 0.53
CA ALA D 53 5.12 32.19 1.48
C ALA D 53 4.78 30.71 1.57
N ALA D 54 3.49 30.43 1.63
CA ALA D 54 3.00 29.07 1.78
C ALA D 54 3.35 28.24 0.55
N ARG D 55 3.20 28.84 -0.62
CA ARG D 55 3.45 28.11 -1.85
C ARG D 55 4.94 27.79 -1.96
N ARG D 56 5.75 28.78 -1.61
CA ARG D 56 7.20 28.62 -1.64
C ARG D 56 7.61 27.52 -0.69
N ALA D 57 7.08 27.58 0.53
CA ALA D 57 7.39 26.58 1.55
C ALA D 57 6.99 25.17 1.10
N PHE D 58 5.88 25.10 0.36
CA PHE D 58 5.42 23.81 -0.14
C PHE D 58 6.39 23.27 -1.17
N ARG D 59 6.97 24.16 -1.98
CA ARG D 59 7.86 23.75 -3.03
C ARG D 59 9.22 23.28 -2.54
N ARG D 60 9.64 23.75 -1.39
CA ARG D 60 10.90 23.32 -0.79
C ARG D 60 10.88 21.82 -0.49
N ASN D 61 12.01 21.15 -0.71
CA ASN D 61 12.10 19.72 -0.46
C ASN D 61 12.33 19.51 1.02
N ASN D 62 11.60 20.29 1.81
CA ASN D 62 11.92 20.48 3.22
C ASN D 62 10.74 20.14 4.14
N TRP D 63 9.53 20.06 3.57
CA TRP D 63 8.35 19.78 4.36
C TRP D 63 7.38 18.86 3.65
N SER D 64 6.97 19.26 2.44
CA SER D 64 5.88 18.59 1.76
C SER D 64 6.25 17.21 1.23
N ALA D 65 7.48 17.04 0.74
CA ALA D 65 7.92 15.74 0.22
C ALA D 65 8.61 14.93 1.30
N THR D 66 8.68 15.53 2.49
CA THR D 66 9.12 14.87 3.70
C THR D 66 8.20 13.68 4.05
N SER D 67 8.69 12.75 4.86
CA SER D 67 7.83 11.69 5.37
C SER D 67 6.88 12.16 6.47
N GLY D 68 5.86 11.36 6.74
CA GLY D 68 4.93 11.62 7.82
C GLY D 68 5.62 11.53 9.17
N ALA D 69 6.47 10.52 9.35
CA ALA D 69 7.17 10.36 10.61
C ALA D 69 7.96 11.62 10.90
N HIS D 70 8.53 12.22 9.85
CA HIS D 70 9.30 13.45 10.02
C HIS D 70 8.45 14.62 10.52
N ARG D 71 7.26 14.81 9.96
CA ARG D 71 6.41 15.91 10.35
C ARG D 71 5.78 15.63 11.71
N ALA D 72 5.65 14.36 12.04
CA ALA D 72 5.11 13.94 13.33
C ALA D 72 5.92 14.49 14.49
N THR D 73 7.22 14.72 14.29
CA THR D 73 8.04 15.22 15.38
C THR D 73 7.74 16.69 15.68
N TYR D 74 7.54 17.48 14.65
CA TYR D 74 7.12 18.86 14.83
C TYR D 74 5.77 18.90 15.50
N LEU D 75 4.88 18.02 15.07
CA LEU D 75 3.57 17.88 15.70
C LEU D 75 3.73 17.52 17.15
N ARG D 76 4.49 16.47 17.44
CA ARG D 76 4.71 16.02 18.81
C ARG D 76 5.35 17.14 19.64
N ALA D 77 6.25 17.88 19.01
CA ALA D 77 6.92 18.99 19.67
C ALA D 77 5.93 20.11 19.98
N ILE D 78 5.12 20.50 19.00
CA ILE D 78 4.10 21.51 19.23
C ILE D 78 3.19 21.14 20.41
N ALA D 79 2.77 19.87 20.45
CA ALA D 79 1.94 19.38 21.53
C ALA D 79 2.65 19.56 22.87
N ALA D 80 3.94 19.27 22.88
CA ALA D 80 4.74 19.37 24.09
C ALA D 80 4.83 20.83 24.55
N LYS D 81 5.17 21.71 23.60
CA LYS D 81 5.30 23.13 23.88
C LYS D 81 4.00 23.70 24.46
N ILE D 82 2.87 23.33 23.86
CA ILE D 82 1.57 23.80 24.34
C ILE D 82 1.31 23.32 25.76
N THR D 83 1.67 22.08 26.07
CA THR D 83 1.48 21.54 27.40
C THR D 83 2.35 22.29 28.39
N GLU D 84 3.51 22.70 27.92
CA GLU D 84 4.45 23.48 28.70
C GLU D 84 3.90 24.86 29.02
N LYS D 85 3.59 25.65 28.00
CA LYS D 85 3.05 26.96 28.21
C LYS D 85 1.57 26.90 28.47
N LYS D 86 1.15 25.85 29.13
CA LYS D 86 -0.25 25.63 29.34
C LYS D 86 -0.86 26.83 30.00
N ASP D 87 -0.50 27.03 31.25
CA ASP D 87 -1.04 28.11 32.08
C ASP D 87 -1.24 29.38 31.26
N HIS D 88 -0.22 29.75 30.51
CA HIS D 88 -0.26 30.97 29.72
C HIS D 88 -1.38 30.97 28.67
N PHE D 89 -1.54 29.84 27.98
CA PHE D 89 -2.58 29.73 26.97
C PHE D 89 -3.97 29.74 27.55
N VAL D 90 -4.21 28.90 28.56
CA VAL D 90 -5.55 28.76 29.13
C VAL D 90 -6.07 30.06 29.71
N LYS D 91 -5.18 30.90 30.20
CA LYS D 91 -5.60 32.17 30.73
C LYS D 91 -5.96 33.09 29.61
N LEU D 92 -5.08 33.24 28.64
CA LEU D 92 -5.39 34.08 27.49
C LEU D 92 -6.70 33.68 26.86
N GLU D 93 -7.00 32.40 26.87
CA GLU D 93 -8.17 31.89 26.20
C GLU D 93 -9.42 32.17 26.97
N THR D 94 -9.28 32.21 28.27
CA THR D 94 -10.40 32.56 29.15
C THR D 94 -10.80 34.03 29.01
N ILE D 95 -9.82 34.93 28.94
CA ILE D 95 -10.16 36.33 28.81
C ILE D 95 -10.57 36.65 27.38
N ASP D 96 -10.06 35.93 26.40
CA ASP D 96 -10.54 36.25 25.08
C ASP D 96 -11.87 35.66 24.76
N SER D 97 -12.17 34.48 25.26
CA SER D 97 -13.40 33.85 24.84
C SER D 97 -14.60 34.13 25.75
N GLY D 98 -14.33 34.43 27.02
CA GLY D 98 -15.39 34.62 28.00
C GLY D 98 -15.87 33.28 28.50
N LYS D 99 -15.15 32.23 28.20
CA LYS D 99 -15.56 30.91 28.62
C LYS D 99 -14.95 30.60 30.00
N PRO D 100 -15.71 29.96 30.86
CA PRO D 100 -15.26 29.59 32.22
C PRO D 100 -13.84 29.00 32.22
N PHE D 101 -12.99 29.52 33.10
CA PHE D 101 -11.60 29.10 33.20
C PHE D 101 -11.44 27.58 33.19
N ASP D 102 -12.35 26.89 33.87
CA ASP D 102 -12.31 25.44 33.93
C ASP D 102 -12.51 24.79 32.56
N GLU D 103 -13.34 25.42 31.72
CA GLU D 103 -13.56 24.95 30.36
C GLU D 103 -12.30 25.17 29.53
N ALA D 104 -11.69 26.35 29.69
CA ALA D 104 -10.47 26.67 28.95
C ALA D 104 -9.33 25.68 29.22
N VAL D 105 -9.26 25.16 30.45
CA VAL D 105 -8.21 24.21 30.80
C VAL D 105 -8.38 22.96 29.94
N LEU D 106 -9.62 22.55 29.72
CA LEU D 106 -9.94 21.41 28.88
C LEU D 106 -9.53 21.66 27.43
N ASP D 107 -9.98 22.79 26.88
CA ASP D 107 -9.58 23.20 25.54
C ASP D 107 -8.08 22.98 25.33
N ILE D 108 -7.26 23.56 26.21
CA ILE D 108 -5.82 23.56 25.98
C ILE D 108 -5.19 22.17 26.09
N ASP D 109 -5.68 21.36 27.00
CA ASP D 109 -5.31 19.95 27.08
C ASP D 109 -5.68 19.28 25.76
N ASP D 110 -6.85 19.64 25.24
CA ASP D 110 -7.39 19.08 24.00
C ASP D 110 -6.58 19.45 22.76
N VAL D 111 -6.09 20.68 22.67
CA VAL D 111 -5.23 21.00 21.54
C VAL D 111 -3.94 20.16 21.56
N ALA D 112 -3.31 20.09 22.73
CA ALA D 112 -2.12 19.27 22.92
C ALA D 112 -2.42 17.86 22.44
N SER D 113 -3.50 17.28 22.98
CA SER D 113 -3.91 15.92 22.66
C SER D 113 -4.23 15.76 21.17
N CYS D 114 -4.78 16.81 20.56
CA CYS D 114 -5.11 16.79 19.14
C CYS D 114 -3.86 16.62 18.26
N PHE D 115 -2.84 17.45 18.51
CA PHE D 115 -1.58 17.35 17.79
C PHE D 115 -0.94 15.97 17.94
N GLU D 116 -1.00 15.42 19.12
CA GLU D 116 -0.48 14.09 19.39
C GLU D 116 -1.24 12.97 18.67
N TYR D 117 -2.52 13.12 18.51
CA TYR D 117 -3.27 12.16 17.75
C TYR D 117 -2.88 12.25 16.27
N PHE D 118 -2.68 13.46 15.76
CA PHE D 118 -2.36 13.63 14.35
C PHE D 118 -0.89 13.33 14.04
N ALA D 119 -0.02 13.47 15.03
CA ALA D 119 1.33 12.96 14.90
C ALA D 119 1.23 11.47 14.57
N GLY D 120 0.37 10.76 15.30
CA GLY D 120 0.14 9.36 15.03
C GLY D 120 -0.34 9.14 13.59
N GLN D 121 -1.32 9.96 13.19
CA GLN D 121 -1.90 9.90 11.85
C GLN D 121 -0.86 10.07 10.76
N ALA D 122 -0.07 11.12 10.88
CA ALA D 122 1.05 11.36 9.97
C ALA D 122 1.97 10.12 9.90
N GLU D 123 2.24 9.53 11.05
CA GLU D 123 3.09 8.35 11.10
C GLU D 123 2.45 7.16 10.39
N ALA D 124 1.13 7.02 10.53
CA ALA D 124 0.42 5.95 9.85
C ALA D 124 0.30 6.24 8.34
N LEU D 125 0.40 7.51 7.97
CA LEU D 125 0.36 7.87 6.58
C LEU D 125 1.43 7.08 5.82
N ASP D 126 2.65 7.04 6.37
CA ASP D 126 3.73 6.27 5.76
C ASP D 126 3.29 4.81 5.77
N GLY D 127 3.60 4.08 4.71
CA GLY D 127 3.25 2.68 4.73
C GLY D 127 1.78 2.43 4.44
N LYS D 128 1.00 3.52 4.39
CA LYS D 128 -0.21 3.51 3.58
C LYS D 128 0.27 3.81 2.18
N GLN D 129 1.46 4.42 2.08
CA GLN D 129 2.00 4.81 0.79
C GLN D 129 2.32 3.59 -0.04
N LYS D 130 2.00 3.68 -1.33
CA LYS D 130 2.21 2.57 -2.25
C LYS D 130 1.37 1.36 -1.88
N ALA D 131 0.28 1.58 -1.14
CA ALA D 131 -0.63 0.47 -0.84
C ALA D 131 -1.08 -0.13 -2.17
N PRO D 132 -1.03 -1.46 -2.27
CA PRO D 132 -1.38 -2.10 -3.54
C PRO D 132 -2.90 -2.20 -3.74
N VAL D 133 -3.34 -2.01 -4.98
CA VAL D 133 -4.69 -2.38 -5.38
C VAL D 133 -4.58 -3.50 -6.42
N THR D 134 -5.39 -4.54 -6.25
CA THR D 134 -5.32 -5.69 -7.11
C THR D 134 -6.15 -5.47 -8.37
N LEU D 135 -5.51 -5.64 -9.53
CA LEU D 135 -6.20 -5.59 -10.82
C LEU D 135 -6.45 -6.99 -11.35
N PRO D 136 -7.48 -7.15 -12.20
CA PRO D 136 -7.71 -8.44 -12.85
C PRO D 136 -6.52 -8.85 -13.72
N MET D 137 -6.27 -8.11 -14.78
CA MET D 137 -5.16 -8.45 -15.62
C MET D 137 -3.95 -8.76 -14.78
N GLU D 138 -2.96 -9.33 -15.42
CA GLU D 138 -1.69 -9.55 -14.82
C GLU D 138 -0.80 -8.52 -15.45
N ARG D 139 -1.23 -8.04 -16.59
CA ARG D 139 -0.47 -7.06 -17.38
C ARG D 139 -0.14 -5.78 -16.58
N PHE D 140 -1.04 -5.40 -15.67
CA PHE D 140 -0.94 -4.13 -14.95
C PHE D 140 -0.85 -4.32 -13.44
N LYS D 141 -0.06 -3.44 -12.83
CA LYS D 141 0.14 -3.38 -11.40
C LYS D 141 -0.34 -2.01 -10.92
N SER D 142 -0.84 -1.91 -9.69
CA SER D 142 -1.36 -0.62 -9.24
C SER D 142 -1.25 -0.42 -7.73
N HIS D 143 -0.90 0.81 -7.34
CA HIS D 143 -0.90 1.17 -5.93
C HIS D 143 -1.44 2.60 -5.71
N VAL D 144 -1.55 3.00 -4.45
CA VAL D 144 -2.04 4.34 -4.15
C VAL D 144 -0.99 5.14 -3.41
N LEU D 145 -0.71 6.34 -3.90
CA LEU D 145 0.08 7.31 -3.16
C LEU D 145 -0.86 8.33 -2.51
N ARG D 146 -0.49 8.79 -1.33
CA ARG D 146 -1.25 9.80 -0.60
C ARG D 146 -0.40 11.01 -0.32
N GLN D 147 -0.57 12.04 -1.16
CA GLN D 147 0.30 13.21 -1.13
C GLN D 147 -0.48 14.43 -0.67
N PRO D 148 0.22 15.47 -0.21
CA PRO D 148 -0.45 16.70 0.23
C PRO D 148 -1.09 17.36 -0.97
N LEU D 149 -2.23 18.02 -0.80
CA LEU D 149 -2.89 18.70 -1.90
C LEU D 149 -2.11 19.96 -2.31
N GLY D 150 -1.40 20.54 -1.35
CA GLY D 150 -0.66 21.77 -1.58
C GLY D 150 -0.92 22.83 -0.52
N VAL D 151 -1.32 24.02 -0.96
CA VAL D 151 -1.56 25.12 -0.02
C VAL D 151 -3.03 25.18 0.38
N VAL D 152 -3.30 25.14 1.68
CA VAL D 152 -4.68 25.11 2.12
C VAL D 152 -5.05 26.32 2.99
N GLY D 153 -6.27 26.83 2.82
CA GLY D 153 -6.79 27.88 3.67
C GLY D 153 -7.66 27.28 4.77
N LEU D 154 -7.35 27.62 6.02
CA LEU D 154 -8.10 27.13 7.16
C LEU D 154 -8.83 28.30 7.82
N ILE D 155 -10.13 28.16 8.03
CA ILE D 155 -10.90 29.24 8.63
C ILE D 155 -11.76 28.71 9.77
N SER D 156 -11.51 29.22 10.97
CA SER D 156 -12.13 28.66 12.18
C SER D 156 -12.89 29.72 13.00
N PRO D 157 -13.75 29.27 13.91
CA PRO D 157 -14.61 30.11 14.76
C PRO D 157 -14.00 30.39 16.15
N TRP D 158 -14.66 31.29 16.90
CA TRP D 158 -14.18 31.81 18.18
C TRP D 158 -14.59 30.97 19.40
N ASN D 159 -15.56 30.07 19.25
CA ASN D 159 -16.07 29.34 20.40
C ASN D 159 -15.09 28.34 21.09
N TYR D 160 -14.03 27.95 20.38
CA TYR D 160 -12.89 27.27 21.02
C TYR D 160 -11.67 27.69 20.22
N PRO D 161 -11.20 28.93 20.46
CA PRO D 161 -10.23 29.57 19.57
C PRO D 161 -9.10 28.65 19.06
N LEU D 162 -8.30 28.08 19.96
CA LEU D 162 -7.15 27.31 19.53
C LEU D 162 -7.55 25.88 19.15
N LEU D 163 -8.41 25.26 19.94
CA LEU D 163 -8.87 23.91 19.61
C LEU D 163 -9.43 23.82 18.18
N MET D 164 -10.42 24.67 17.88
CA MET D 164 -11.03 24.66 16.53
C MET D 164 -9.97 24.90 15.48
N ALA D 165 -9.03 25.79 15.75
CA ALA D 165 -7.93 26.01 14.81
C ALA D 165 -7.00 24.78 14.63
N THR D 166 -6.67 24.09 15.73
CA THR D 166 -5.79 22.94 15.60
C THR D 166 -6.53 21.75 14.97
N TRP D 167 -7.86 21.78 15.01
CA TRP D 167 -8.67 20.75 14.35
C TRP D 167 -8.34 20.78 12.88
N LYS D 168 -7.85 21.94 12.42
CA LYS D 168 -7.51 22.12 11.03
C LYS D 168 -5.99 22.05 10.82
N ILE D 169 -5.24 22.80 11.64
CA ILE D 169 -3.79 22.82 11.56
C ILE D 169 -3.12 21.44 11.63
N ALA D 170 -3.47 20.65 12.64
CA ALA D 170 -2.89 19.33 12.86
C ALA D 170 -3.01 18.35 11.67
N PRO D 171 -4.25 18.17 11.15
CA PRO D 171 -4.40 17.29 9.98
C PRO D 171 -3.73 17.87 8.74
N ALA D 172 -3.80 19.20 8.58
CA ALA D 172 -3.17 19.83 7.43
C ALA D 172 -1.66 19.56 7.44
N LEU D 173 -1.03 19.79 8.57
CA LEU D 173 0.42 19.63 8.64
C LEU D 173 0.80 18.16 8.55
N ALA D 174 0.01 17.31 9.19
CA ALA D 174 0.26 15.88 9.18
C ALA D 174 0.31 15.35 7.75
N ALA D 175 -0.51 15.93 6.89
CA ALA D 175 -0.62 15.49 5.50
C ALA D 175 0.50 15.99 4.59
N GLY D 176 1.20 17.04 5.01
CA GLY D 176 2.27 17.57 4.21
C GLY D 176 1.93 18.86 3.48
N CYS D 177 0.76 19.40 3.78
CA CYS D 177 0.32 20.68 3.21
C CYS D 177 0.98 21.84 3.95
N THR D 178 1.00 22.99 3.31
CA THR D 178 1.27 24.23 4.03
C THR D 178 -0.05 25.02 4.11
N ALA D 179 -0.14 25.97 5.02
CA ALA D 179 -1.45 26.53 5.32
C ALA D 179 -1.47 28.02 5.67
N VAL D 180 -2.63 28.63 5.46
CA VAL D 180 -2.91 29.93 5.99
C VAL D 180 -4.13 29.84 6.90
N LEU D 181 -3.90 30.14 8.17
CA LEU D 181 -4.95 30.14 9.17
C LEU D 181 -5.54 31.54 9.27
N LYS D 182 -6.87 31.62 9.26
CA LYS D 182 -7.58 32.87 9.53
C LYS D 182 -8.60 32.58 10.62
N PRO D 183 -8.26 32.90 11.88
CA PRO D 183 -9.13 32.65 13.03
C PRO D 183 -10.21 33.73 13.17
N SER D 184 -11.17 33.53 14.05
CA SER D 184 -12.23 34.53 14.20
C SER D 184 -11.69 35.87 14.72
N GLU D 185 -12.29 36.95 14.23
CA GLU D 185 -11.89 38.30 14.62
C GLU D 185 -12.30 38.55 16.07
N LEU D 186 -13.23 37.72 16.54
CA LEU D 186 -13.69 37.71 17.92
C LEU D 186 -12.87 36.85 18.89
N ALA D 187 -11.69 36.37 18.50
CA ALA D 187 -10.91 35.51 19.41
C ALA D 187 -9.61 35.01 18.79
N SER D 188 -8.69 35.94 18.54
CA SER D 188 -7.48 35.63 17.78
C SER D 188 -6.22 35.49 18.62
N VAL D 189 -6.24 35.91 19.88
CA VAL D 189 -5.00 36.02 20.62
C VAL D 189 -4.22 34.69 20.78
N THR D 190 -4.86 33.65 21.31
CA THR D 190 -4.18 32.36 21.44
C THR D 190 -3.63 31.93 20.08
N CYS D 191 -4.43 32.10 19.03
CA CYS D 191 -4.01 31.69 17.69
C CYS D 191 -2.78 32.45 17.22
N LEU D 192 -2.76 33.75 17.47
CA LEU D 192 -1.59 34.56 17.14
C LEU D 192 -0.43 34.07 17.97
N GLU D 193 -0.71 33.78 19.25
CA GLU D 193 0.34 33.31 20.14
C GLU D 193 0.89 31.96 19.67
N PHE D 194 0.10 31.25 18.88
CA PHE D 194 0.55 29.97 18.34
C PHE D 194 1.72 30.17 17.38
N GLY D 195 1.78 31.35 16.77
CA GLY D 195 2.85 31.66 15.84
C GLY D 195 4.21 31.44 16.45
N GLU D 196 4.39 31.93 17.67
CA GLU D 196 5.65 31.81 18.38
C GLU D 196 6.00 30.33 18.56
N VAL D 197 5.02 29.55 19.00
CA VAL D 197 5.19 28.12 19.24
C VAL D 197 5.84 27.45 18.05
N CYS D 198 5.45 27.86 16.85
CA CYS D 198 5.97 27.27 15.62
C CYS D 198 7.45 27.55 15.49
N ASN D 199 7.81 28.82 15.69
CA ASN D 199 9.20 29.22 15.65
C ASN D 199 9.98 28.44 16.72
N GLU D 200 9.38 28.29 17.89
CA GLU D 200 10.06 27.61 18.98
C GLU D 200 10.30 26.14 18.70
N VAL D 201 9.46 25.51 17.87
CA VAL D 201 9.64 24.09 17.55
C VAL D 201 10.37 23.90 16.23
N GLY D 202 10.64 25.01 15.56
CA GLY D 202 11.41 24.98 14.33
C GLY D 202 10.63 24.70 13.07
N LEU D 203 9.32 24.94 13.08
CA LEU D 203 8.55 24.77 11.85
C LEU D 203 9.20 25.59 10.77
N PRO D 204 9.47 24.99 9.60
CA PRO D 204 10.00 25.83 8.51
C PRO D 204 9.10 27.05 8.30
N PRO D 205 9.68 28.12 7.75
CA PRO D 205 8.92 29.34 7.53
C PRO D 205 7.92 29.15 6.39
N GLY D 206 6.69 29.62 6.58
CA GLY D 206 5.72 29.60 5.51
C GLY D 206 4.87 28.34 5.52
N VAL D 207 5.19 27.42 6.42
CA VAL D 207 4.47 26.17 6.53
C VAL D 207 3.12 26.39 7.21
N LEU D 208 3.11 27.27 8.20
CA LEU D 208 1.85 27.73 8.78
C LEU D 208 1.90 29.25 8.87
N ASN D 209 0.94 29.90 8.24
CA ASN D 209 0.84 31.35 8.31
C ASN D 209 -0.46 31.76 8.97
N ILE D 210 -0.41 32.83 9.75
CA ILE D 210 -1.58 33.23 10.55
C ILE D 210 -2.01 34.64 10.27
N LEU D 211 -3.13 34.78 9.56
CA LEU D 211 -3.70 36.09 9.29
C LEU D 211 -4.92 36.31 10.16
N THR D 212 -4.85 37.27 11.07
CA THR D 212 -6.06 37.68 11.78
C THR D 212 -6.72 38.83 11.04
N GLY D 213 -8.02 38.99 11.23
CA GLY D 213 -8.75 40.03 10.52
C GLY D 213 -10.22 39.67 10.42
N LEU D 214 -10.99 40.52 9.76
CA LEU D 214 -12.43 40.29 9.64
C LEU D 214 -12.70 39.26 8.56
N GLY D 215 -13.84 38.57 8.69
CA GLY D 215 -14.27 37.58 7.72
C GLY D 215 -14.17 38.06 6.27
N PRO D 216 -14.89 39.13 5.94
CA PRO D 216 -14.93 39.70 4.59
C PRO D 216 -13.58 40.20 4.10
N ASP D 217 -12.74 40.70 5.01
CA ASP D 217 -11.52 41.36 4.56
C ASP D 217 -10.33 40.39 4.45
N ALA D 218 -10.32 39.39 5.35
CA ALA D 218 -9.21 38.45 5.43
C ALA D 218 -9.58 37.06 4.89
N GLY D 219 -10.72 36.55 5.33
CA GLY D 219 -11.18 35.22 4.93
C GLY D 219 -11.60 35.11 3.47
N ALA D 220 -12.51 35.97 3.05
CA ALA D 220 -13.02 35.92 1.69
C ALA D 220 -11.90 35.85 0.66
N PRO D 221 -10.88 36.71 0.83
CA PRO D 221 -9.77 36.69 -0.15
C PRO D 221 -8.96 35.39 -0.04
N LEU D 222 -8.89 34.84 1.16
CA LEU D 222 -8.22 33.56 1.34
C LEU D 222 -8.94 32.51 0.51
N VAL D 223 -10.27 32.48 0.57
CA VAL D 223 -10.96 31.39 -0.10
C VAL D 223 -11.00 31.55 -1.62
N SER D 224 -11.07 32.79 -2.10
CA SER D 224 -11.10 33.04 -3.55
C SER D 224 -9.72 33.10 -4.21
N HIS D 225 -8.66 33.04 -3.43
CA HIS D 225 -7.31 33.09 -4.00
C HIS D 225 -7.00 31.89 -4.94
N PRO D 226 -6.45 32.21 -6.12
CA PRO D 226 -6.19 31.26 -7.20
C PRO D 226 -5.07 30.27 -6.91
N ASP D 227 -4.29 30.49 -5.86
CA ASP D 227 -3.22 29.55 -5.54
C ASP D 227 -3.45 28.82 -4.24
N VAL D 228 -4.68 28.88 -3.73
CA VAL D 228 -5.07 28.06 -2.58
C VAL D 228 -5.86 26.87 -3.14
N ASP D 229 -5.38 25.67 -2.83
CA ASP D 229 -5.90 24.46 -3.46
C ASP D 229 -7.13 23.87 -2.80
N LYS D 230 -7.41 24.27 -1.56
CA LYS D 230 -8.45 23.62 -0.78
C LYS D 230 -8.80 24.52 0.41
N ILE D 231 -10.09 24.57 0.77
CA ILE D 231 -10.54 25.36 1.90
C ILE D 231 -11.15 24.48 2.97
N ALA D 232 -10.71 24.64 4.21
CA ALA D 232 -11.38 23.97 5.33
C ALA D 232 -12.12 25.03 6.15
N PHE D 233 -13.45 24.98 6.09
CA PHE D 233 -14.22 26.01 6.77
C PHE D 233 -15.06 25.45 7.92
N THR D 234 -15.04 26.17 9.03
CA THR D 234 -15.99 25.91 10.10
C THR D 234 -16.60 27.24 10.50
N GLY D 235 -17.92 27.26 10.65
CA GLY D 235 -18.67 28.49 10.89
C GLY D 235 -20.15 28.31 10.64
N SER D 236 -20.85 29.42 10.39
CA SER D 236 -22.31 29.35 10.26
C SER D 236 -22.68 28.81 8.90
N SER D 237 -23.86 28.21 8.81
CA SER D 237 -24.32 27.67 7.55
C SER D 237 -24.43 28.75 6.49
N ALA D 238 -24.89 29.94 6.90
CA ALA D 238 -25.04 31.06 5.97
C ALA D 238 -23.69 31.41 5.37
N THR D 239 -22.66 31.44 6.22
CA THR D 239 -21.33 31.78 5.75
C THR D 239 -20.78 30.61 4.90
N GLY D 240 -21.13 29.39 5.30
CA GLY D 240 -20.64 28.21 4.61
C GLY D 240 -21.03 28.32 3.14
N SER D 241 -22.30 28.63 2.92
CA SER D 241 -22.85 28.77 1.58
C SER D 241 -22.02 29.78 0.78
N LYS D 242 -21.66 30.89 1.42
CA LYS D 242 -20.90 31.93 0.75
C LYS D 242 -19.51 31.44 0.36
N VAL D 243 -18.84 30.73 1.27
CA VAL D 243 -17.47 30.32 0.99
C VAL D 243 -17.46 29.22 -0.04
N MET D 244 -18.51 28.40 -0.06
CA MET D 244 -18.56 27.34 -1.04
C MET D 244 -18.84 27.90 -2.44
N ALA D 245 -19.69 28.92 -2.55
CA ALA D 245 -19.95 29.56 -3.83
C ALA D 245 -18.67 30.22 -4.37
N SER D 246 -17.91 30.86 -3.49
CA SER D 246 -16.64 31.46 -3.88
C SER D 246 -15.66 30.38 -4.36
N ALA D 247 -15.61 29.27 -3.62
CA ALA D 247 -14.70 28.19 -3.95
C ALA D 247 -15.09 27.55 -5.27
N ALA D 248 -16.38 27.65 -5.61
CA ALA D 248 -16.89 27.05 -6.83
C ALA D 248 -16.29 27.70 -8.08
N GLN D 249 -15.99 28.98 -8.02
CA GLN D 249 -15.41 29.69 -9.16
C GLN D 249 -14.20 28.94 -9.69
N LEU D 250 -13.42 28.37 -8.77
CA LEU D 250 -12.19 27.69 -9.15
C LEU D 250 -12.28 26.19 -8.91
N VAL D 251 -13.51 25.68 -8.84
CA VAL D 251 -13.72 24.27 -8.58
C VAL D 251 -12.73 23.78 -7.50
N LYS D 252 -12.65 24.52 -6.42
CA LYS D 252 -11.83 24.20 -5.29
C LYS D 252 -12.54 23.36 -4.24
N PRO D 253 -11.92 22.28 -3.81
CA PRO D 253 -12.49 21.40 -2.78
C PRO D 253 -12.72 22.17 -1.48
N VAL D 254 -13.65 21.68 -0.69
CA VAL D 254 -14.12 22.39 0.48
C VAL D 254 -14.65 21.35 1.48
N THR D 255 -14.39 21.57 2.76
CA THR D 255 -15.13 20.84 3.81
C THR D 255 -15.89 21.89 4.63
N LEU D 256 -17.14 21.61 4.96
CA LEU D 256 -17.93 22.60 5.67
C LEU D 256 -18.49 22.02 6.96
N GLU D 257 -18.13 22.62 8.08
N GLU D 257 -18.09 22.58 8.09
CA GLU D 257 -18.71 22.28 9.36
CA GLU D 257 -18.71 22.27 9.37
C GLU D 257 -19.54 23.47 9.86
C GLU D 257 -19.53 23.47 9.83
N LEU D 258 -20.86 23.33 9.83
CA LEU D 258 -21.74 24.49 9.96
C LEU D 258 -22.73 24.54 11.13
N GLY D 259 -22.51 23.74 12.16
CA GLY D 259 -23.42 23.85 13.28
C GLY D 259 -24.85 23.48 12.96
N GLY D 260 -25.77 23.81 13.86
CA GLY D 260 -27.11 23.28 13.74
C GLY D 260 -28.12 23.59 14.84
N LYS D 261 -29.04 22.64 15.02
CA LYS D 261 -30.14 22.75 15.95
C LYS D 261 -30.40 21.32 16.42
N SER D 262 -29.47 20.78 17.19
CA SER D 262 -29.48 19.35 17.52
C SER D 262 -30.47 18.99 18.62
N PRO D 263 -31.20 17.88 18.44
CA PRO D 263 -32.20 17.47 19.42
C PRO D 263 -31.57 16.64 20.51
N ILE D 264 -32.14 16.69 21.71
CA ILE D 264 -31.89 15.72 22.76
C ILE D 264 -33.23 15.08 23.14
N VAL D 265 -33.42 13.81 22.81
CA VAL D 265 -34.68 13.16 23.15
C VAL D 265 -34.52 12.24 24.38
N VAL D 266 -35.38 12.46 25.37
CA VAL D 266 -35.30 11.73 26.62
C VAL D 266 -36.57 10.89 26.80
N PHE D 267 -36.41 9.58 26.90
CA PHE D 267 -37.53 8.70 27.16
C PHE D 267 -37.79 8.49 28.65
N GLU D 268 -38.95 7.89 28.96
CA GLU D 268 -39.41 7.74 30.34
C GLU D 268 -38.36 7.04 31.25
N ASP D 269 -37.78 5.97 30.73
CA ASP D 269 -36.89 5.09 31.51
C ASP D 269 -35.46 5.62 31.72
N VAL D 270 -35.31 6.76 32.38
CA VAL D 270 -34.00 7.35 32.59
C VAL D 270 -33.81 7.89 34.01
N ASP D 271 -32.57 7.89 34.48
CA ASP D 271 -32.21 8.49 35.76
C ASP D 271 -32.22 10.00 35.60
N ILE D 272 -33.40 10.59 35.75
CA ILE D 272 -33.62 11.98 35.33
C ILE D 272 -32.73 13.05 35.97
N ASP D 273 -31.85 12.62 36.85
CA ASP D 273 -30.97 13.55 37.50
C ASP D 273 -29.64 13.64 36.78
N LYS D 274 -29.16 12.55 36.26
CA LYS D 274 -27.99 12.70 35.47
C LYS D 274 -28.49 13.25 34.14
N VAL D 275 -29.36 12.54 33.48
CA VAL D 275 -29.72 13.05 32.17
C VAL D 275 -29.92 14.55 32.21
N VAL D 276 -30.57 15.04 33.27
CA VAL D 276 -30.75 16.47 33.42
C VAL D 276 -29.40 17.19 33.42
N GLU D 277 -28.37 16.57 33.98
CA GLU D 277 -27.09 17.27 34.06
C GLU D 277 -26.52 17.42 32.67
N TRP D 278 -26.68 16.42 31.85
CA TRP D 278 -26.20 16.50 30.49
C TRP D 278 -27.00 17.61 29.84
N THR D 279 -28.30 17.40 29.73
CA THR D 279 -29.10 18.37 29.00
C THR D 279 -28.61 19.80 29.26
N ILE D 280 -28.24 20.10 30.50
CA ILE D 280 -27.66 21.42 30.81
C ILE D 280 -26.30 21.58 30.10
N PHE D 281 -25.51 20.51 30.15
CA PHE D 281 -24.19 20.51 29.53
C PHE D 281 -24.32 20.71 28.02
N GLY D 282 -25.32 20.05 27.46
CA GLY D 282 -25.51 20.02 26.03
C GLY D 282 -25.96 21.34 25.44
N CYS D 283 -26.46 22.23 26.29
CA CYS D 283 -27.04 23.47 25.78
C CYS D 283 -26.58 24.73 26.46
N PHE D 284 -25.97 24.62 27.64
CA PHE D 284 -25.49 25.80 28.36
C PHE D 284 -23.96 25.91 28.47
N TRP D 285 -23.26 24.80 28.44
CA TRP D 285 -21.82 24.85 28.60
C TRP D 285 -21.21 25.67 27.45
N THR D 286 -19.95 26.01 27.52
CA THR D 286 -19.38 26.93 26.55
C THR D 286 -20.34 28.11 26.37
N ASN D 287 -21.11 28.41 27.41
CA ASN D 287 -22.00 29.56 27.42
C ASN D 287 -23.05 29.47 26.30
N GLY D 288 -23.45 28.24 25.98
CA GLY D 288 -24.45 27.97 24.97
C GLY D 288 -23.95 28.02 23.53
N GLN D 289 -22.66 28.36 23.36
CA GLN D 289 -22.04 28.54 22.05
C GLN D 289 -21.40 27.23 21.54
N ILE D 290 -22.23 26.19 21.41
CA ILE D 290 -21.77 24.89 20.95
C ILE D 290 -22.39 24.61 19.60
N CYS D 291 -21.56 24.20 18.65
CA CYS D 291 -22.05 23.87 17.34
C CYS D 291 -23.07 22.75 17.47
N SER D 292 -22.75 21.76 18.30
CA SER D 292 -23.56 20.56 18.46
C SER D 292 -24.56 20.68 19.61
N ALA D 293 -24.71 21.91 20.10
CA ALA D 293 -25.59 22.19 21.22
C ALA D 293 -26.91 21.45 21.08
N THR D 294 -27.24 20.59 22.05
CA THR D 294 -28.53 19.91 22.03
C THR D 294 -29.55 20.88 22.59
N SER D 295 -29.98 21.80 21.72
CA SER D 295 -30.76 22.98 22.12
C SER D 295 -32.26 22.76 21.96
N ARG D 296 -32.66 21.55 21.56
CA ARG D 296 -34.06 21.18 21.55
C ARG D 296 -34.29 19.90 22.34
N LEU D 297 -35.04 20.00 23.44
CA LEU D 297 -35.33 18.88 24.32
C LEU D 297 -36.67 18.26 23.94
N LEU D 298 -36.64 17.00 23.55
CA LEU D 298 -37.87 16.27 23.31
C LEU D 298 -38.05 15.21 24.41
N VAL D 299 -38.72 15.61 25.48
CA VAL D 299 -38.89 14.74 26.65
C VAL D 299 -40.29 14.13 26.67
N HIS D 300 -40.36 12.84 27.04
CA HIS D 300 -41.63 12.15 27.12
C HIS D 300 -42.55 12.82 28.15
N GLU D 301 -43.81 13.00 27.79
CA GLU D 301 -44.79 13.65 28.68
C GLU D 301 -44.77 13.02 30.07
N SER D 302 -44.57 11.70 30.09
CA SER D 302 -44.45 10.93 31.32
C SER D 302 -43.63 11.68 32.37
N ILE D 303 -42.32 11.78 32.16
CA ILE D 303 -41.45 12.47 33.11
C ILE D 303 -41.45 13.97 32.89
N ALA D 304 -42.21 14.43 31.90
CA ALA D 304 -42.14 15.82 31.44
C ALA D 304 -41.99 16.79 32.60
N ALA D 305 -43.06 16.95 33.36
CA ALA D 305 -42.99 17.65 34.64
C ALA D 305 -42.23 16.76 35.63
N GLU D 306 -41.29 17.38 36.33
CA GLU D 306 -40.32 16.70 37.14
C GLU D 306 -39.03 16.97 36.45
N PHE D 307 -38.82 16.27 35.35
CA PHE D 307 -37.63 16.48 34.55
C PHE D 307 -37.39 17.97 34.46
N VAL D 308 -38.39 18.68 33.94
CA VAL D 308 -38.28 20.11 33.77
C VAL D 308 -38.04 20.76 35.12
N ASP D 309 -38.67 20.21 36.16
CA ASP D 309 -38.50 20.75 37.50
C ASP D 309 -37.05 20.64 37.98
N LYS D 310 -36.55 19.40 38.06
CA LYS D 310 -35.16 19.18 38.40
C LYS D 310 -34.30 20.02 37.47
N LEU D 311 -34.76 20.13 36.23
CA LEU D 311 -34.08 20.92 35.20
C LEU D 311 -33.91 22.36 35.65
N VAL D 312 -35.02 23.04 35.90
CA VAL D 312 -34.93 24.43 36.36
C VAL D 312 -34.12 24.53 37.65
N LYS D 313 -34.23 23.50 38.49
CA LYS D 313 -33.49 23.45 39.74
C LYS D 313 -31.99 23.45 39.46
N TRP D 314 -31.54 22.49 38.66
CA TRP D 314 -30.13 22.37 38.29
C TRP D 314 -29.56 23.64 37.67
N THR D 315 -30.26 24.19 36.68
CA THR D 315 -29.75 25.37 35.99
C THR D 315 -29.75 26.56 36.93
N LYS D 316 -30.77 26.62 37.79
CA LYS D 316 -30.85 27.61 38.86
C LYS D 316 -29.58 27.54 39.71
N ASN D 317 -29.02 26.33 39.69
CA ASN D 317 -27.85 25.89 40.42
C ASN D 317 -26.51 26.30 39.83
N ILE D 318 -26.52 26.90 38.65
CA ILE D 318 -25.30 27.21 37.89
C ILE D 318 -24.69 28.57 38.23
N LYS D 319 -23.48 28.55 38.77
CA LYS D 319 -22.81 29.79 39.13
C LYS D 319 -22.46 30.60 37.90
N ILE D 320 -23.30 31.57 37.56
CA ILE D 320 -22.96 32.50 36.49
C ILE D 320 -22.14 33.69 37.02
N SER D 321 -20.87 33.76 36.63
CA SER D 321 -19.97 34.79 37.12
C SER D 321 -18.87 35.08 36.13
N ASP D 322 -17.96 35.97 36.49
CA ASP D 322 -16.78 36.21 35.68
C ASP D 322 -15.98 34.92 35.58
N PRO D 323 -15.44 34.64 34.38
CA PRO D 323 -14.79 33.36 34.06
C PRO D 323 -13.65 32.98 35.01
N PHE D 324 -12.87 33.94 35.47
CA PHE D 324 -11.74 33.64 36.32
C PHE D 324 -12.19 33.30 37.73
N GLU D 325 -13.30 33.87 38.15
CA GLU D 325 -13.80 33.60 39.50
C GLU D 325 -13.91 32.11 39.74
N GLU D 326 -13.26 31.64 40.80
CA GLU D 326 -13.29 30.24 41.11
C GLU D 326 -14.74 29.78 41.23
N GLY D 327 -15.02 28.58 40.75
CA GLY D 327 -16.37 28.00 40.81
C GLY D 327 -17.28 28.42 39.67
N CYS D 328 -16.79 29.32 38.81
CA CYS D 328 -17.57 29.84 37.66
C CYS D 328 -17.95 28.78 36.65
N ARG D 329 -19.25 28.52 36.50
CA ARG D 329 -19.74 27.50 35.59
C ARG D 329 -20.44 28.11 34.36
N LEU D 330 -20.32 29.42 34.20
CA LEU D 330 -20.98 30.12 33.10
C LEU D 330 -20.49 31.55 32.99
N GLY D 331 -19.86 31.89 31.86
CA GLY D 331 -19.37 33.23 31.63
C GLY D 331 -20.26 34.02 30.68
N PRO D 332 -19.74 35.15 30.17
CA PRO D 332 -20.48 36.01 29.24
C PRO D 332 -20.41 35.43 27.82
N VAL D 333 -21.40 35.72 26.98
CA VAL D 333 -21.28 35.37 25.57
C VAL D 333 -20.16 36.21 24.97
N ILE D 334 -19.73 35.81 23.78
CA ILE D 334 -18.48 36.30 23.20
C ILE D 334 -18.42 37.81 22.98
N SER D 335 -19.55 38.42 22.63
CA SER D 335 -19.50 39.78 22.11
C SER D 335 -20.81 40.53 22.26
N LYS D 336 -20.73 41.83 22.03
CA LYS D 336 -21.92 42.68 22.07
C LYS D 336 -22.95 42.26 21.00
N GLY D 337 -22.45 42.00 19.80
CA GLY D 337 -23.31 41.58 18.70
C GLY D 337 -24.04 40.28 19.00
N GLN D 338 -23.30 39.30 19.49
CA GLN D 338 -23.91 38.03 19.87
C GLN D 338 -24.92 38.22 20.99
N TYR D 339 -24.54 39.04 21.97
CA TYR D 339 -25.43 39.40 23.08
C TYR D 339 -26.78 39.88 22.55
N ASP D 340 -26.71 40.89 21.67
CA ASP D 340 -27.91 41.46 21.06
C ASP D 340 -28.73 40.40 20.31
N LYS D 341 -28.05 39.60 19.50
CA LYS D 341 -28.70 38.56 18.71
C LYS D 341 -29.45 37.60 19.63
N ILE D 342 -28.76 37.06 20.63
CA ILE D 342 -29.39 36.12 21.57
C ILE D 342 -30.58 36.78 22.28
N MET D 343 -30.40 38.01 22.67
CA MET D 343 -31.43 38.74 23.36
C MET D 343 -32.67 38.89 22.48
N LYS D 344 -32.46 39.24 21.22
CA LYS D 344 -33.54 39.36 20.24
C LYS D 344 -34.27 38.04 20.01
N PHE D 345 -33.53 36.94 19.92
CA PHE D 345 -34.12 35.62 19.79
C PHE D 345 -35.10 35.40 20.92
N ILE D 346 -34.73 35.86 22.11
CA ILE D 346 -35.57 35.76 23.30
C ILE D 346 -36.84 36.62 23.17
N SER D 347 -36.66 37.89 22.81
CA SER D 347 -37.79 38.81 22.60
C SER D 347 -38.80 38.24 21.63
N THR D 348 -38.34 37.90 20.42
CA THR D 348 -39.25 37.43 19.39
C THR D 348 -39.85 36.07 19.74
N ALA D 349 -39.26 35.39 20.73
CA ALA D 349 -39.80 34.12 21.18
C ALA D 349 -40.95 34.41 22.14
N LYS D 350 -40.81 35.42 22.97
CA LYS D 350 -41.95 35.84 23.77
C LYS D 350 -42.99 36.30 22.79
N SER D 351 -42.60 37.28 22.01
CA SER D 351 -43.54 37.82 21.03
C SER D 351 -44.30 36.77 20.22
N GLU D 352 -43.66 35.64 19.97
CA GLU D 352 -44.29 34.58 19.19
C GLU D 352 -45.19 33.71 20.05
N GLY D 353 -45.12 33.91 21.36
CA GLY D 353 -46.01 33.22 22.28
C GLY D 353 -45.44 32.04 23.05
N ALA D 354 -44.13 31.89 23.07
CA ALA D 354 -43.53 30.84 23.89
C ALA D 354 -43.42 31.33 25.32
N THR D 355 -43.19 30.39 26.24
CA THR D 355 -43.06 30.70 27.66
C THR D 355 -41.60 30.70 28.13
N ILE D 356 -41.13 31.81 28.65
CA ILE D 356 -39.81 31.83 29.26
C ILE D 356 -39.85 31.29 30.69
N LEU D 357 -39.97 29.97 30.79
CA LEU D 357 -40.02 29.25 32.07
C LEU D 357 -38.73 29.33 32.91
N TYR D 358 -37.89 30.34 32.65
CA TYR D 358 -36.68 30.64 33.43
C TYR D 358 -35.65 31.40 32.61
N GLY D 359 -35.04 32.41 33.23
CA GLY D 359 -34.06 33.24 32.53
C GLY D 359 -34.73 34.08 31.46
N GLY D 360 -34.04 34.27 30.33
CA GLY D 360 -34.51 35.15 29.28
C GLY D 360 -34.08 36.59 29.53
N SER D 361 -33.27 36.80 30.55
CA SER D 361 -32.85 38.13 30.93
C SER D 361 -31.41 38.18 31.43
N ARG D 362 -30.90 39.39 31.58
CA ARG D 362 -29.60 39.62 32.18
C ARG D 362 -29.62 39.02 33.60
N PRO D 363 -28.47 38.62 34.14
CA PRO D 363 -28.45 37.95 35.43
C PRO D 363 -28.97 38.73 36.66
N GLU D 364 -28.25 39.77 37.05
CA GLU D 364 -28.59 40.59 38.22
C GLU D 364 -27.33 41.04 38.95
N HIS D 365 -26.53 40.09 39.39
CA HIS D 365 -25.34 40.37 40.15
C HIS D 365 -24.30 40.93 39.25
N LEU D 366 -24.52 40.73 37.98
CA LEU D 366 -23.61 41.19 36.95
C LEU D 366 -24.24 42.39 36.24
N LYS D 367 -23.53 43.51 36.25
CA LYS D 367 -24.09 44.77 35.79
C LYS D 367 -23.41 45.21 34.50
N LYS D 368 -22.19 44.73 34.28
CA LYS D 368 -21.50 44.93 33.01
C LYS D 368 -21.10 43.58 32.44
N GLY D 369 -20.70 43.56 31.16
CA GLY D 369 -20.35 42.31 30.49
C GLY D 369 -21.54 41.63 29.84
N TYR D 370 -21.29 40.86 28.79
CA TYR D 370 -22.38 40.31 27.98
C TYR D 370 -23.03 39.07 28.60
N TYR D 371 -23.52 39.21 29.82
CA TYR D 371 -24.05 38.08 30.58
C TYR D 371 -25.52 37.83 30.32
N ILE D 372 -25.88 36.55 30.21
CA ILE D 372 -27.24 36.13 29.90
C ILE D 372 -27.55 34.86 30.68
N GLU D 373 -28.72 34.78 31.27
CA GLU D 373 -29.01 33.66 32.15
C GLU D 373 -29.44 32.41 31.44
N PRO D 374 -28.92 31.30 31.89
CA PRO D 374 -29.36 30.06 31.27
C PRO D 374 -30.85 30.19 31.11
N THR D 375 -31.39 29.77 29.98
CA THR D 375 -32.79 30.05 29.70
C THR D 375 -33.54 28.81 29.27
N ILE D 376 -34.72 28.61 29.84
CA ILE D 376 -35.54 27.46 29.49
C ILE D 376 -36.84 27.99 28.92
N VAL D 377 -37.19 27.58 27.71
CA VAL D 377 -38.44 28.06 27.14
C VAL D 377 -39.37 26.93 26.69
N THR D 378 -40.65 27.09 27.01
CA THR D 378 -41.64 26.05 26.78
C THR D 378 -42.85 26.62 26.09
N ASP D 379 -43.86 25.77 25.90
CA ASP D 379 -45.04 26.15 25.14
C ASP D 379 -44.56 26.54 23.76
N ILE D 380 -43.88 25.58 23.14
CA ILE D 380 -43.21 25.77 21.86
C ILE D 380 -44.09 25.27 20.71
N SER D 381 -44.10 26.03 19.61
CA SER D 381 -44.67 25.56 18.35
C SER D 381 -43.50 25.22 17.43
N THR D 382 -43.65 24.17 16.62
CA THR D 382 -42.63 23.86 15.63
C THR D 382 -42.60 24.92 14.53
N SER D 383 -43.43 25.95 14.69
CA SER D 383 -43.51 27.06 13.74
CA SER D 383 -43.49 27.05 13.74
C SER D 383 -42.67 28.25 14.20
N MET D 384 -42.33 28.27 15.48
CA MET D 384 -41.63 29.43 16.01
C MET D 384 -40.14 29.45 15.70
N GLN D 385 -39.63 30.66 15.52
CA GLN D 385 -38.25 30.89 15.15
C GLN D 385 -37.27 30.21 16.07
N ILE D 386 -37.50 30.35 17.38
CA ILE D 386 -36.64 29.79 18.40
C ILE D 386 -36.44 28.28 18.19
N TRP D 387 -37.43 27.62 17.60
CA TRP D 387 -37.39 26.18 17.36
C TRP D 387 -36.51 25.81 16.16
N LYS D 388 -36.46 26.69 15.16
CA LYS D 388 -35.74 26.39 13.93
C LYS D 388 -34.31 26.97 13.93
N GLU D 389 -34.19 28.24 14.28
CA GLU D 389 -32.93 28.97 14.23
C GLU D 389 -31.91 28.64 15.34
N GLU D 390 -30.67 28.42 14.96
N GLU D 390 -30.66 28.42 14.95
CA GLU D 390 -29.58 28.25 15.92
CA GLU D 390 -29.58 28.30 15.92
C GLU D 390 -29.37 29.57 16.66
C GLU D 390 -29.48 29.61 16.67
N VAL D 391 -29.49 29.54 17.99
CA VAL D 391 -29.41 30.74 18.80
C VAL D 391 -27.97 31.03 19.20
N PHE D 392 -27.27 29.96 19.53
CA PHE D 392 -25.85 30.05 19.90
C PHE D 392 -25.70 30.91 21.16
N GLY D 393 -26.66 30.78 22.07
CA GLY D 393 -26.56 31.33 23.41
C GLY D 393 -27.06 30.26 24.35
N PRO D 394 -27.01 30.53 25.67
CA PRO D 394 -27.50 29.58 26.68
C PRO D 394 -29.02 29.44 26.66
N VAL D 395 -29.61 28.99 25.57
CA VAL D 395 -31.06 29.00 25.42
C VAL D 395 -31.60 27.66 24.95
N LEU D 396 -32.41 27.03 25.79
CA LEU D 396 -32.93 25.69 25.56
C LEU D 396 -34.45 25.71 25.30
N CYS D 397 -34.91 24.92 24.34
CA CYS D 397 -36.34 24.83 24.02
C CYS D 397 -36.89 23.47 24.44
N VAL D 398 -38.09 23.45 25.02
CA VAL D 398 -38.69 22.18 25.42
C VAL D 398 -40.03 21.88 24.78
N LYS D 399 -40.17 20.65 24.31
CA LYS D 399 -41.42 20.14 23.80
C LYS D 399 -41.53 18.69 24.27
N THR D 400 -42.73 18.14 24.31
CA THR D 400 -42.94 16.78 24.80
C THR D 400 -43.47 15.91 23.69
N PHE D 401 -43.37 14.60 23.89
CA PHE D 401 -43.85 13.67 22.88
C PHE D 401 -44.57 12.46 23.49
N SER D 402 -45.46 11.87 22.70
CA SER D 402 -46.17 10.68 23.10
C SER D 402 -45.48 9.46 22.52
N SER D 403 -45.44 9.37 21.19
CA SER D 403 -44.89 8.19 20.53
C SER D 403 -43.38 8.24 20.33
N GLU D 404 -42.78 7.08 20.11
CA GLU D 404 -41.36 7.00 19.83
C GLU D 404 -41.06 7.68 18.49
N ASP D 405 -41.84 7.31 17.48
CA ASP D 405 -41.62 7.83 16.14
C ASP D 405 -42.12 9.27 15.98
N GLU D 406 -42.72 9.80 17.04
CA GLU D 406 -43.07 11.21 17.09
C GLU D 406 -41.85 11.96 17.64
N ALA D 407 -41.11 11.29 18.52
CA ALA D 407 -39.85 11.86 19.00
C ALA D 407 -38.94 11.96 17.78
N ILE D 408 -38.92 10.88 17.00
CA ILE D 408 -38.10 10.76 15.81
C ILE D 408 -38.45 11.86 14.78
N ALA D 409 -39.72 11.93 14.40
CA ALA D 409 -40.17 12.90 13.41
C ALA D 409 -39.87 14.32 13.88
N LEU D 410 -40.03 14.55 15.18
CA LEU D 410 -39.87 15.87 15.77
C LEU D 410 -38.40 16.25 15.84
N ALA D 411 -37.54 15.25 15.97
CA ALA D 411 -36.09 15.45 16.05
C ALA D 411 -35.50 15.80 14.70
N ASN D 412 -36.00 15.10 13.67
CA ASN D 412 -35.55 15.27 12.30
C ASN D 412 -36.21 16.48 11.64
N ASP D 413 -37.01 17.18 12.41
CA ASP D 413 -37.78 18.32 11.92
C ASP D 413 -36.94 19.58 11.85
N THR D 414 -35.74 19.49 11.28
CA THR D 414 -34.90 20.66 10.98
C THR D 414 -34.23 20.53 9.66
N GLU D 415 -33.79 21.66 9.12
CA GLU D 415 -32.94 21.66 7.96
C GLU D 415 -31.49 21.30 8.37
N TYR D 416 -31.21 21.37 9.67
CA TYR D 416 -29.87 21.08 10.17
C TYR D 416 -29.69 19.59 10.33
N GLY D 417 -28.48 19.16 10.71
CA GLY D 417 -28.23 17.75 10.83
C GLY D 417 -26.84 17.44 11.36
N LEU D 418 -26.39 18.24 12.32
CA LEU D 418 -25.10 18.03 12.94
C LEU D 418 -25.10 16.85 13.92
N ALA D 419 -25.62 17.07 15.14
CA ALA D 419 -25.59 16.07 16.20
C ALA D 419 -26.98 15.73 16.73
N ALA D 420 -27.04 14.77 17.64
CA ALA D 420 -28.25 14.46 18.38
C ALA D 420 -27.90 13.63 19.61
N ALA D 421 -28.75 13.69 20.63
CA ALA D 421 -28.50 12.93 21.85
C ALA D 421 -29.79 12.24 22.28
N VAL D 422 -29.73 10.93 22.51
CA VAL D 422 -30.91 10.17 22.93
C VAL D 422 -30.66 9.51 24.28
N PHE D 423 -31.60 9.69 25.21
CA PHE D 423 -31.50 9.12 26.56
C PHE D 423 -32.58 8.08 26.84
N SER D 424 -32.16 6.94 27.36
CA SER D 424 -33.03 5.81 27.62
C SER D 424 -32.19 4.62 28.07
N ASN D 425 -32.67 3.89 29.06
CA ASN D 425 -31.95 2.72 29.53
C ASN D 425 -32.30 1.50 28.69
N ASP D 426 -33.34 1.65 27.87
CA ASP D 426 -33.67 0.64 26.87
C ASP D 426 -32.75 0.80 25.66
N LEU D 427 -31.74 -0.06 25.59
CA LEU D 427 -30.69 0.11 24.59
C LEU D 427 -31.12 -0.31 23.19
N GLU D 428 -32.02 -1.25 23.10
CA GLU D 428 -32.53 -1.63 21.82
C GLU D 428 -33.36 -0.46 21.27
N ARG D 429 -33.91 0.36 22.15
CA ARG D 429 -34.61 1.59 21.76
C ARG D 429 -33.60 2.64 21.32
N CYS D 430 -32.49 2.73 22.06
CA CYS D 430 -31.43 3.66 21.70
C CYS D 430 -30.86 3.39 20.29
N GLU D 431 -30.44 2.17 20.03
CA GLU D 431 -29.95 1.81 18.70
C GLU D 431 -30.95 2.21 17.59
N ARG D 432 -32.23 1.96 17.83
CA ARG D 432 -33.27 2.25 16.86
C ARG D 432 -33.34 3.75 16.56
N ILE D 433 -33.23 4.56 17.61
CA ILE D 433 -33.25 6.02 17.48
C ILE D 433 -31.98 6.56 16.81
N THR D 434 -30.82 6.02 17.18
CA THR D 434 -29.57 6.52 16.63
C THR D 434 -29.58 6.28 15.13
N LYS D 435 -30.16 5.15 14.72
CA LYS D 435 -30.21 4.80 13.32
C LYS D 435 -31.09 5.76 12.53
N ALA D 436 -32.10 6.30 13.19
CA ALA D 436 -33.14 7.04 12.47
C ALA D 436 -32.84 8.53 12.44
N LEU D 437 -31.96 8.98 13.33
CA LEU D 437 -31.62 10.40 13.39
C LEU D 437 -30.88 10.89 12.14
N GLU D 438 -31.45 11.88 11.46
CA GLU D 438 -30.83 12.47 10.28
C GLU D 438 -29.70 13.42 10.70
N VAL D 439 -28.54 12.84 10.97
CA VAL D 439 -27.51 13.50 11.75
C VAL D 439 -26.13 12.88 11.52
N GLY D 440 -25.07 13.62 11.86
CA GLY D 440 -23.72 13.11 11.65
C GLY D 440 -23.09 12.52 12.91
N ALA D 441 -23.60 12.92 14.06
CA ALA D 441 -23.12 12.39 15.34
C ALA D 441 -24.29 12.16 16.31
N VAL D 442 -24.44 10.92 16.77
CA VAL D 442 -25.47 10.57 17.75
C VAL D 442 -24.86 10.16 19.10
N TRP D 443 -25.17 10.92 20.16
CA TRP D 443 -24.78 10.53 21.52
C TRP D 443 -25.86 9.67 22.19
N VAL D 444 -25.46 8.53 22.76
CA VAL D 444 -26.39 7.67 23.49
C VAL D 444 -26.14 7.77 24.99
N ASN D 445 -27.12 8.32 25.71
CA ASN D 445 -27.04 8.53 27.16
C ASN D 445 -25.90 9.47 27.58
N CYS D 446 -25.65 10.47 26.76
CA CYS D 446 -24.82 11.62 27.13
C CYS D 446 -25.08 12.71 26.10
N SER D 447 -24.29 13.79 26.14
CA SER D 447 -24.43 14.85 25.15
C SER D 447 -23.22 15.78 25.14
N GLN D 448 -22.59 15.89 23.96
CA GLN D 448 -21.45 16.78 23.72
C GLN D 448 -20.02 16.19 23.73
N PRO D 449 -19.83 15.00 24.33
CA PRO D 449 -18.44 14.50 24.34
C PRO D 449 -17.89 14.28 22.93
N CYS D 450 -16.87 15.04 22.56
N CYS D 450 -16.89 15.06 22.54
CA CYS D 450 -16.30 14.99 21.22
CA CYS D 450 -16.32 14.96 21.20
C CYS D 450 -14.83 14.61 21.26
C CYS D 450 -14.84 14.61 21.25
N PHE D 451 -14.54 13.36 20.93
CA PHE D 451 -13.19 12.84 21.02
C PHE D 451 -12.48 12.89 19.67
N VAL D 452 -11.22 13.31 19.68
CA VAL D 452 -10.44 13.42 18.47
C VAL D 452 -10.30 12.08 17.74
N GLN D 453 -10.54 10.97 18.44
CA GLN D 453 -10.49 9.64 17.81
C GLN D 453 -11.61 9.36 16.81
N ALA D 454 -12.71 10.11 16.88
CA ALA D 454 -13.91 9.79 16.09
C ALA D 454 -14.22 10.80 14.99
N PRO D 455 -14.78 10.32 13.86
CA PRO D 455 -15.04 11.23 12.75
C PRO D 455 -16.10 12.25 13.18
N TRP D 456 -15.94 13.51 12.76
CA TRP D 456 -16.83 14.59 13.17
C TRP D 456 -17.31 15.49 12.00
N GLY D 457 -18.62 15.49 11.75
CA GLY D 457 -19.23 16.45 10.85
C GLY D 457 -20.74 16.23 10.71
N GLY D 458 -21.39 17.04 9.90
CA GLY D 458 -22.83 16.98 9.75
C GLY D 458 -23.36 16.49 8.41
N ILE D 459 -24.67 16.62 8.25
CA ILE D 459 -25.33 16.43 6.97
C ILE D 459 -26.41 17.52 6.86
N LYS D 460 -27.12 17.55 5.74
CA LYS D 460 -28.12 18.60 5.54
C LYS D 460 -27.49 19.99 5.69
N ARG D 461 -28.19 20.93 6.33
CA ARG D 461 -27.67 22.30 6.32
C ARG D 461 -26.45 22.40 7.23
N SER D 462 -26.14 21.35 7.94
CA SER D 462 -24.98 21.37 8.82
C SER D 462 -23.66 21.18 8.06
N GLY D 463 -23.77 20.88 6.77
CA GLY D 463 -22.61 20.78 5.91
C GLY D 463 -22.25 19.37 5.49
N PHE D 464 -20.94 19.14 5.27
CA PHE D 464 -20.44 17.85 4.81
C PHE D 464 -18.93 17.72 5.04
N GLY D 465 -18.45 16.50 4.88
CA GLY D 465 -17.07 16.19 5.20
C GLY D 465 -16.95 15.83 6.66
N ARG D 466 -15.95 15.01 6.99
CA ARG D 466 -15.69 14.61 8.36
C ARG D 466 -14.27 14.99 8.75
N GLU D 467 -14.16 15.79 9.80
CA GLU D 467 -12.88 16.10 10.39
C GLU D 467 -12.60 15.13 11.54
N LEU D 468 -11.39 15.21 12.08
CA LEU D 468 -10.95 14.36 13.19
C LEU D 468 -10.89 12.86 12.85
N GLY D 469 -10.58 12.06 13.85
CA GLY D 469 -10.39 10.63 13.68
C GLY D 469 -9.50 10.27 12.50
N GLU D 470 -9.83 9.19 11.82
CA GLU D 470 -9.06 8.70 10.70
C GLU D 470 -9.54 9.33 9.40
N TRP D 471 -10.50 10.26 9.53
CA TRP D 471 -11.03 10.99 8.37
C TRP D 471 -10.36 12.34 8.18
N GLY D 472 -9.98 12.98 9.30
CA GLY D 472 -9.32 14.27 9.33
C GLY D 472 -8.24 14.50 8.27
N ILE D 473 -7.20 13.66 8.30
CA ILE D 473 -6.03 13.81 7.44
C ILE D 473 -6.39 13.66 5.96
N GLN D 474 -7.45 12.91 5.69
CA GLN D 474 -7.84 12.61 4.31
C GLN D 474 -8.25 13.86 3.56
N ASN D 475 -8.80 14.85 4.25
CA ASN D 475 -9.30 16.06 3.56
C ASN D 475 -8.16 16.87 2.95
N TYR D 476 -6.94 16.59 3.38
CA TYR D 476 -5.80 17.38 2.93
C TYR D 476 -4.88 16.60 2.00
N LEU D 477 -5.36 15.47 1.48
CA LEU D 477 -4.55 14.59 0.61
C LEU D 477 -5.02 14.52 -0.83
N ASN D 478 -4.06 14.41 -1.73
CA ASN D 478 -4.34 13.97 -3.09
C ASN D 478 -4.22 12.46 -3.12
N ILE D 479 -5.35 11.77 -3.29
CA ILE D 479 -5.29 10.33 -3.46
C ILE D 479 -4.85 10.03 -4.89
N LYS D 480 -3.59 9.63 -5.06
CA LYS D 480 -3.04 9.44 -6.41
C LYS D 480 -2.95 7.95 -6.76
N GLN D 481 -3.63 7.58 -7.84
CA GLN D 481 -3.52 6.24 -8.38
C GLN D 481 -2.32 6.19 -9.27
N VAL D 482 -1.50 5.15 -9.09
CA VAL D 482 -0.46 4.87 -10.08
C VAL D 482 -0.52 3.41 -10.52
N THR D 483 -0.74 3.21 -11.82
CA THR D 483 -0.84 1.86 -12.36
C THR D 483 0.10 1.70 -13.57
N GLN D 484 0.90 0.65 -13.54
CA GLN D 484 1.97 0.50 -14.53
C GLN D 484 1.87 -0.80 -15.30
N ASP D 485 2.32 -0.75 -16.55
CA ASP D 485 2.37 -1.94 -17.38
C ASP D 485 3.68 -2.69 -17.15
N ILE D 486 3.57 -3.95 -16.76
CA ILE D 486 4.75 -4.75 -16.46
C ILE D 486 5.03 -5.83 -17.51
N SER D 487 4.25 -5.81 -18.60
CA SER D 487 4.29 -6.88 -19.60
C SER D 487 5.36 -6.68 -20.68
N ASP D 488 5.73 -5.43 -20.94
CA ASP D 488 6.63 -5.08 -22.04
C ASP D 488 6.19 -5.68 -23.38
N GLU D 489 4.90 -5.96 -23.50
CA GLU D 489 4.31 -6.37 -24.77
C GLU D 489 3.50 -5.18 -25.33
N PRO D 490 3.23 -5.19 -26.65
CA PRO D 490 2.48 -4.08 -27.23
C PRO D 490 1.03 -4.14 -26.83
N TRP D 491 0.41 -2.98 -26.64
CA TRP D 491 -0.98 -2.94 -26.21
C TRP D 491 -1.81 -3.87 -27.11
N GLY D 492 -1.53 -3.83 -28.41
CA GLY D 492 -2.15 -4.72 -29.38
C GLY D 492 -3.58 -4.36 -29.75
N TRP D 493 -3.88 -3.07 -29.75
CA TRP D 493 -5.21 -2.60 -30.07
C TRP D 493 -5.27 -2.09 -31.51
N TYR D 494 -4.17 -1.49 -31.95
CA TYR D 494 -4.05 -0.91 -33.28
C TYR D 494 -3.20 -1.81 -34.19
N LYS D 495 -2.90 -1.35 -35.41
CA LYS D 495 -2.10 -2.09 -36.39
C LYS D 495 -0.84 -1.32 -36.81
N SER D 496 0.32 -2.01 -36.88
CA SER D 496 1.55 -1.39 -37.38
C SER D 496 1.68 -1.54 -38.89
#